data_1GMO
#
_entry.id   1GMO
#
_cell.length_a   179.700
_cell.length_b   174.100
_cell.length_c   59.900
_cell.angle_alpha   90.00
_cell.angle_beta   90.00
_cell.angle_gamma   90.00
#
_symmetry.space_group_name_H-M   'P 21 21 2'
#
loop_
_entity.id
_entity.type
_entity.pdbx_description
1 polymer 'HEPATOCYTE GROWTH FACTOR'
2 branched '2-deoxy-6-O-sulfo-2-(sulfoamino)-alpha-D-glucopyranose-(1-4)-2-O-sulfo-alpha-L-idopyranuronic acid-(1-4)-2-deoxy-6-O-sulfo-2-(sulfoamino)-alpha-D-glucopyranose-(1-4)-2-O-sulfo-alpha-L-idopyranuronic acid-(1-4)-2-deoxy-6-O-sulfo-2-(sulfoamino)-alpha-D-glucopyranose-(1-4)-2-O-sulfo-alpha-L-idopyranuronic acid'
3 branched '2-O-sulfo-alpha-L-idopyranuronic acid-(1-4)-2-deoxy-6-O-sulfo-2-(sulfoamino)-alpha-D-glucopyranose-(1-4)-2-O-sulfo-alpha-L-idopyranuronic acid-(1-4)-2-deoxy-6-O-sulfo-2-(sulfoamino)-alpha-D-glucopyranose-(1-4)-2-O-sulfo-alpha-L-idopyranuronic acid-(1-4)-2-deoxy-6-O-sulfo-2-(sulfoamino)-alpha-D-glucopyranose-(1-4)-2-O-sulfo-alpha-L-idopyranuronic acid'
4 branched '2-deoxy-6-O-sulfo-2-(sulfoamino)-alpha-D-glucopyranose-(1-4)-2-O-sulfo-alpha-L-idopyranuronic acid-(1-4)-2-deoxy-6-O-sulfo-2-(sulfoamino)-alpha-D-glucopyranose-(1-4)-2-O-sulfo-alpha-L-idopyranuronic acid-(1-4)-2-deoxy-6-O-sulfo-2-(sulfoamino)-alpha-D-glucopyranose-(1-4)-2-O-sulfo-alpha-L-idopyranuronic acid-(1-4)-2-deoxy-6-O-sulfo-2-(sulfoamino)-alpha-D-glucopyranose-(1-4)-2-O-sulfo-alpha-L-idopyranuronic acid'
5 branched '2-deoxy-6-O-sulfo-2-(sulfoamino)-alpha-D-glucopyranose-(1-4)-2-O-sulfo-alpha-L-idopyranuronic acid-(1-4)-2-deoxy-6-O-sulfo-2-(sulfoamino)-alpha-D-glucopyranose-(1-4)-2-O-sulfo-alpha-L-idopyranuronic acid-(1-4)-2-deoxy-6-O-sulfo-2-(sulfoamino)-alpha-D-glucopyranose-(1-4)-2-O-sulfo-alpha-L-idopyranuronic acid-(1-4)-2-deoxy-6-O-sulfo-2-(sulfoamino)-alpha-D-glucopyranose-(1-4)-2-O-sulfo-alpha-L-idopyranuronic acid-(1-4)-2-deoxy-6-O-sulfo-2-(sulfoamino)-alpha-D-glucopyranose'
6 branched '2-O-sulfo-alpha-L-idopyranuronic acid-(1-4)-2-deoxy-6-O-sulfo-2-(sulfoamino)-alpha-D-glucopyranose-(1-4)-2-O-sulfo-alpha-L-idopyranuronic acid-(1-4)-2-deoxy-6-O-sulfo-2-(sulfoamino)-alpha-D-glucopyranose-(1-4)-2-O-sulfo-alpha-L-idopyranuronic acid-(1-4)-2-deoxy-6-O-sulfo-2-(sulfoamino)-alpha-D-glucopyranose'
7 non-polymer 'SULFATE ION'
8 non-polymer '4-(2-HYDROXYETHYL)-1-PIPERAZINE ETHANESULFONIC ACID'
9 water water
#
_entity_poly.entity_id   1
_entity_poly.type   'polypeptide(L)'
_entity_poly.pdbx_seq_one_letter_code
;YVEGQRKRRNTIHEFKKSAKTTLIKIDPALKIKTKKVNTADQCADRCTRNKGLPFTCKAFVFDKARKQCLWFPFNSMSSG
VKKEFGHEFDLYENKDYIRNCIIGKGRSYKGTVSITKSGIKCQPWSSMIPHEHSFLPSSYRGKDLQENYCRNPRGEEGGP
WCFTSNPEVRYEVCDIPQCSEVE
;
_entity_poly.pdbx_strand_id   A,B,C,D,E,F,G,H
#
loop_
_chem_comp.id
_chem_comp.type
_chem_comp.name
_chem_comp.formula
EPE non-polymer '4-(2-HYDROXYETHYL)-1-PIPERAZINE ETHANESULFONIC ACID' 'C8 H18 N2 O4 S'
IDS L-saccharide, alpha linking '2-O-sulfo-alpha-L-idopyranuronic acid' 'C6 H10 O10 S'
SGN D-saccharide, alpha linking 2-deoxy-6-O-sulfo-2-(sulfoamino)-alpha-D-glucopyranose 'C6 H13 N O11 S2'
SO4 non-polymer 'SULFATE ION' 'O4 S -2'
#
# COMPACT_ATOMS: atom_id res chain seq x y z
N ASN A 10 27.90 -33.68 -21.56
CA ASN A 10 26.40 -33.72 -21.53
C ASN A 10 25.86 -33.00 -20.31
N THR A 11 24.53 -32.91 -20.29
CA THR A 11 23.69 -32.33 -19.25
C THR A 11 24.25 -31.31 -18.26
N ILE A 12 25.52 -30.96 -18.34
CA ILE A 12 26.02 -30.01 -17.38
C ILE A 12 25.50 -28.63 -17.73
N HIS A 13 25.27 -28.42 -19.02
CA HIS A 13 24.79 -27.14 -19.55
C HIS A 13 23.34 -26.80 -19.25
N GLU A 14 22.61 -27.73 -18.65
CA GLU A 14 21.21 -27.51 -18.31
C GLU A 14 21.12 -26.93 -16.89
N PHE A 15 22.27 -26.77 -16.23
CA PHE A 15 22.33 -26.26 -14.88
C PHE A 15 22.82 -24.82 -14.89
N LYS A 16 22.60 -24.12 -13.79
CA LYS A 16 23.02 -22.73 -13.63
C LYS A 16 24.27 -22.72 -12.76
N LYS A 17 25.40 -22.44 -13.37
CA LYS A 17 26.67 -22.43 -12.68
C LYS A 17 26.86 -21.24 -11.74
N SER A 18 27.55 -21.45 -10.62
CA SER A 18 27.83 -20.37 -9.68
C SER A 18 29.24 -20.59 -9.12
N ALA A 19 30.23 -20.15 -9.90
CA ALA A 19 31.64 -20.27 -9.58
C ALA A 19 32.01 -20.01 -8.11
N LYS A 20 33.08 -20.68 -7.70
CA LYS A 20 33.61 -20.54 -6.35
C LYS A 20 32.51 -20.48 -5.29
N THR A 21 31.55 -21.39 -5.35
CA THR A 21 30.47 -21.41 -4.37
C THR A 21 30.13 -22.83 -3.95
N THR A 22 29.41 -22.94 -2.84
CA THR A 22 28.95 -24.20 -2.30
C THR A 22 27.86 -23.88 -1.28
N LEU A 23 27.23 -24.88 -0.69
CA LEU A 23 26.18 -24.58 0.25
C LEU A 23 26.46 -25.10 1.65
N ILE A 24 25.61 -24.73 2.59
CA ILE A 24 25.76 -25.18 3.97
C ILE A 24 24.39 -25.46 4.58
N LYS A 25 24.21 -26.68 5.06
CA LYS A 25 22.96 -27.08 5.65
C LYS A 25 22.82 -26.59 7.08
N ILE A 26 22.02 -25.54 7.25
CA ILE A 26 21.76 -24.99 8.59
C ILE A 26 20.85 -25.96 9.33
N ASP A 27 20.12 -26.76 8.56
CA ASP A 27 19.23 -27.76 9.14
C ASP A 27 19.99 -29.08 9.02
N PRO A 28 20.24 -29.73 10.15
CA PRO A 28 20.97 -31.00 10.12
C PRO A 28 20.12 -32.13 9.55
N ALA A 29 18.83 -31.85 9.37
CA ALA A 29 17.87 -32.84 8.86
C ALA A 29 17.92 -33.12 7.34
N LEU A 30 18.23 -32.12 6.53
CA LEU A 30 18.30 -32.31 5.09
C LEU A 30 19.38 -33.34 4.72
N LYS A 31 19.01 -34.30 3.86
CA LYS A 31 19.92 -35.38 3.43
C LYS A 31 20.95 -34.94 2.39
N ILE A 32 22.06 -35.68 2.31
CA ILE A 32 23.08 -35.37 1.31
C ILE A 32 23.70 -36.67 0.84
N LYS A 33 24.50 -36.61 -0.22
CA LYS A 33 25.19 -37.81 -0.72
C LYS A 33 26.32 -37.37 -1.64
N THR A 34 27.46 -38.01 -1.47
CA THR A 34 28.69 -37.66 -2.18
C THR A 34 29.42 -38.85 -2.81
N LYS A 35 30.46 -38.55 -3.56
CA LYS A 35 31.30 -39.55 -4.22
C LYS A 35 32.43 -38.83 -4.95
N LYS A 36 33.54 -39.51 -5.19
CA LYS A 36 34.67 -38.90 -5.89
C LYS A 36 34.76 -39.37 -7.33
N VAL A 37 34.68 -38.42 -8.26
CA VAL A 37 34.72 -38.78 -9.66
C VAL A 37 35.87 -38.09 -10.41
N ASN A 38 35.81 -38.11 -11.74
CA ASN A 38 36.83 -37.50 -12.59
C ASN A 38 36.46 -36.10 -13.10
N THR A 39 35.22 -35.90 -13.52
CA THR A 39 34.81 -34.58 -14.02
C THR A 39 33.48 -34.14 -13.42
N ALA A 40 33.21 -32.85 -13.44
CA ALA A 40 31.96 -32.34 -12.89
C ALA A 40 30.81 -32.89 -13.74
N ASP A 41 31.10 -33.16 -15.00
CA ASP A 41 30.10 -33.72 -15.92
C ASP A 41 29.46 -34.93 -15.30
N GLN A 42 30.27 -35.77 -14.68
CA GLN A 42 29.75 -36.96 -14.03
C GLN A 42 28.67 -36.48 -13.05
N CYS A 43 29.04 -35.61 -12.13
CA CYS A 43 28.09 -35.11 -11.14
C CYS A 43 26.79 -34.72 -11.79
N ALA A 44 26.89 -33.98 -12.88
CA ALA A 44 25.74 -33.48 -13.64
C ALA A 44 24.91 -34.64 -14.12
N ASP A 45 25.57 -35.50 -14.87
CA ASP A 45 24.96 -36.67 -15.45
C ASP A 45 24.12 -37.48 -14.47
N ARG A 46 24.69 -37.81 -13.31
CA ARG A 46 23.98 -38.60 -12.31
C ARG A 46 22.90 -37.81 -11.59
N CYS A 47 22.98 -36.49 -11.64
CA CYS A 47 21.97 -35.65 -11.01
C CYS A 47 20.78 -35.54 -11.96
N THR A 48 21.05 -35.30 -13.23
CA THR A 48 19.99 -35.18 -14.22
C THR A 48 19.16 -36.46 -14.20
N ARG A 49 19.85 -37.60 -14.23
CA ARG A 49 19.20 -38.91 -14.20
C ARG A 49 18.70 -39.25 -12.81
N ASN A 50 19.09 -38.42 -11.84
CA ASN A 50 18.72 -38.63 -10.44
C ASN A 50 18.95 -40.08 -10.03
N LYS A 51 19.88 -40.79 -10.67
CA LYS A 51 20.15 -42.19 -10.30
C LYS A 51 20.99 -42.34 -9.03
N GLY A 52 20.55 -43.23 -8.14
CA GLY A 52 21.24 -43.49 -6.89
C GLY A 52 21.11 -42.43 -5.80
N LEU A 53 20.12 -41.55 -5.92
CA LEU A 53 19.95 -40.52 -4.92
C LEU A 53 18.61 -40.63 -4.23
N PRO A 54 18.63 -40.92 -2.92
CA PRO A 54 17.43 -41.08 -2.09
C PRO A 54 16.62 -39.80 -1.94
N PHE A 55 16.67 -38.97 -2.97
CA PHE A 55 15.93 -37.71 -2.99
C PHE A 55 16.03 -37.10 -4.39
N THR A 56 15.32 -36.01 -4.61
CA THR A 56 15.36 -35.34 -5.91
C THR A 56 16.60 -34.45 -5.92
N CYS A 57 17.50 -34.68 -6.87
CA CYS A 57 18.72 -33.87 -6.96
C CYS A 57 18.41 -32.50 -7.53
N LYS A 58 18.23 -31.52 -6.66
CA LYS A 58 17.91 -30.17 -7.07
C LYS A 58 19.15 -29.34 -7.40
N ALA A 59 20.29 -29.75 -6.85
CA ALA A 59 21.54 -29.05 -7.08
C ALA A 59 22.71 -29.90 -6.67
N PHE A 60 23.89 -29.59 -7.21
CA PHE A 60 25.09 -30.31 -6.89
C PHE A 60 26.31 -29.42 -6.96
N VAL A 61 27.28 -29.70 -6.11
CA VAL A 61 28.54 -28.94 -6.08
C VAL A 61 29.68 -29.85 -6.48
N PHE A 62 30.68 -29.31 -7.15
CA PHE A 62 31.82 -30.12 -7.53
C PHE A 62 33.04 -29.53 -6.85
N ASP A 63 33.74 -30.35 -6.06
CA ASP A 63 34.93 -29.90 -5.33
C ASP A 63 36.19 -30.29 -6.09
N LYS A 64 36.51 -29.48 -7.11
CA LYS A 64 37.67 -29.69 -7.96
C LYS A 64 38.91 -30.14 -7.19
N ALA A 65 39.03 -29.66 -5.96
CA ALA A 65 40.16 -30.01 -5.10
C ALA A 65 40.21 -31.53 -4.93
N ARG A 66 39.17 -32.06 -4.28
CA ARG A 66 39.06 -33.50 -4.01
C ARG A 66 38.66 -34.30 -5.26
N LYS A 67 37.81 -33.69 -6.09
CA LYS A 67 37.25 -34.29 -7.31
C LYS A 67 36.04 -35.09 -6.85
N GLN A 68 35.26 -34.45 -5.98
CA GLN A 68 34.08 -35.04 -5.36
C GLN A 68 32.77 -34.27 -5.64
N CYS A 69 31.69 -35.00 -5.84
CA CYS A 69 30.39 -34.38 -6.08
C CYS A 69 29.66 -34.22 -4.77
N LEU A 70 28.68 -33.35 -4.74
CA LEU A 70 27.87 -33.14 -3.55
C LEU A 70 26.44 -32.84 -3.97
N TRP A 71 25.65 -33.91 -4.10
CA TRP A 71 24.25 -33.82 -4.50
C TRP A 71 23.37 -33.43 -3.32
N PHE A 72 22.51 -32.43 -3.51
CA PHE A 72 21.63 -31.96 -2.44
C PHE A 72 20.18 -31.94 -2.86
N PRO A 73 19.26 -32.17 -1.93
CA PRO A 73 17.82 -32.17 -2.18
C PRO A 73 17.34 -30.74 -1.97
N PHE A 74 18.22 -29.79 -2.27
CA PHE A 74 17.91 -28.37 -2.13
C PHE A 74 18.86 -27.55 -2.99
N ASN A 75 18.63 -26.24 -3.03
CA ASN A 75 19.49 -25.34 -3.78
C ASN A 75 19.70 -24.05 -2.98
N SER A 76 20.35 -23.06 -3.58
CA SER A 76 20.61 -21.83 -2.85
C SER A 76 19.38 -21.13 -2.26
N MET A 77 18.19 -21.32 -2.83
CA MET A 77 17.04 -20.64 -2.24
C MET A 77 16.37 -21.50 -1.18
N SER A 78 16.86 -22.72 -1.01
CA SER A 78 16.29 -23.63 -0.01
C SER A 78 16.57 -23.17 1.42
N SER A 79 15.51 -22.85 2.16
CA SER A 79 15.68 -22.41 3.56
C SER A 79 16.40 -23.48 4.37
N GLY A 80 17.16 -23.06 5.37
CA GLY A 80 17.90 -24.01 6.18
C GLY A 80 19.22 -24.30 5.49
N VAL A 81 19.44 -23.58 4.40
CA VAL A 81 20.67 -23.74 3.62
C VAL A 81 21.25 -22.36 3.46
N LYS A 82 22.51 -22.30 3.08
CA LYS A 82 23.18 -21.03 2.88
C LYS A 82 24.36 -21.14 1.93
N LYS A 83 24.64 -20.02 1.27
CA LYS A 83 25.75 -19.97 0.32
C LYS A 83 27.03 -19.61 1.07
N GLU A 84 28.16 -19.85 0.41
CA GLU A 84 29.46 -19.54 1.00
C GLU A 84 30.54 -19.69 -0.07
N PHE A 85 31.56 -18.84 0.01
CA PHE A 85 32.68 -18.86 -0.94
C PHE A 85 33.70 -19.95 -0.64
N GLY A 86 34.41 -20.32 -1.69
CA GLY A 86 35.43 -21.35 -1.58
C GLY A 86 35.96 -21.44 -2.99
N HIS A 87 37.26 -21.32 -3.17
CA HIS A 87 37.85 -21.37 -4.52
C HIS A 87 37.80 -22.76 -5.18
N GLU A 88 37.74 -23.82 -4.38
CA GLU A 88 37.69 -25.18 -4.92
C GLU A 88 36.27 -25.65 -5.27
N PHE A 89 35.28 -24.81 -4.98
CA PHE A 89 33.86 -25.14 -5.20
C PHE A 89 33.08 -24.44 -6.33
N ASP A 90 32.25 -25.24 -7.01
CA ASP A 90 31.40 -24.76 -8.12
C ASP A 90 29.97 -25.24 -7.89
N LEU A 91 29.03 -24.30 -7.82
CA LEU A 91 27.64 -24.62 -7.62
C LEU A 91 26.89 -24.77 -8.92
N TYR A 92 26.12 -25.86 -8.99
CA TYR A 92 25.31 -26.18 -10.14
C TYR A 92 23.88 -26.42 -9.67
N GLU A 93 22.97 -25.54 -10.05
CA GLU A 93 21.58 -25.72 -9.66
C GLU A 93 20.74 -26.20 -10.84
N ASN A 94 19.82 -27.12 -10.55
CA ASN A 94 18.92 -27.66 -11.57
C ASN A 94 17.86 -26.61 -11.87
N LYS A 95 17.77 -26.22 -13.15
CA LYS A 95 16.83 -25.18 -13.57
C LYS A 95 15.37 -25.44 -13.25
N ASP A 96 14.96 -26.71 -13.14
CA ASP A 96 13.56 -27.02 -12.83
C ASP A 96 13.17 -26.53 -11.44
N TYR A 97 14.17 -26.26 -10.61
CA TYR A 97 13.86 -25.84 -9.26
C TYR A 97 14.19 -24.39 -8.97
N ILE A 98 14.45 -23.63 -10.02
CA ILE A 98 14.71 -22.23 -9.87
C ILE A 98 13.52 -21.55 -10.54
N ARG A 99 12.65 -20.97 -9.72
CA ARG A 99 11.44 -20.32 -10.19
C ARG A 99 11.65 -19.64 -11.51
N ASN A 100 10.81 -19.92 -12.49
CA ASN A 100 10.97 -19.30 -13.79
C ASN A 100 9.86 -18.33 -14.16
N CYS A 101 9.13 -17.81 -13.20
CA CYS A 101 8.08 -16.85 -13.48
C CYS A 101 8.24 -15.84 -12.36
N ILE A 102 7.65 -14.67 -12.50
CA ILE A 102 7.78 -13.66 -11.47
C ILE A 102 6.46 -13.32 -10.80
N ILE A 103 6.54 -12.83 -9.57
CA ILE A 103 5.37 -12.41 -8.83
C ILE A 103 5.42 -10.89 -8.78
N GLY A 104 4.58 -10.24 -9.59
CA GLY A 104 4.54 -8.78 -9.60
C GLY A 104 5.68 -8.09 -10.34
N LYS A 105 6.61 -7.50 -9.60
CA LYS A 105 7.73 -6.78 -10.21
C LYS A 105 8.98 -7.65 -10.47
N GLY A 106 9.15 -8.70 -9.69
CA GLY A 106 10.27 -9.56 -9.90
C GLY A 106 11.53 -9.23 -9.12
N ARG A 107 11.42 -8.42 -8.08
CA ARG A 107 12.60 -8.07 -7.30
C ARG A 107 13.43 -9.32 -6.97
N SER A 108 12.77 -10.47 -6.82
CA SER A 108 13.49 -11.69 -6.46
C SER A 108 13.72 -12.69 -7.58
N TYR A 109 13.39 -12.32 -8.82
CA TYR A 109 13.60 -13.22 -9.94
C TYR A 109 15.06 -13.65 -10.05
N LYS A 110 15.33 -14.94 -9.99
CA LYS A 110 16.70 -15.40 -10.11
C LYS A 110 16.86 -16.46 -11.19
N GLY A 111 15.96 -16.42 -12.15
CA GLY A 111 16.01 -17.35 -13.25
C GLY A 111 17.21 -17.03 -14.11
N THR A 112 17.36 -17.73 -15.23
CA THR A 112 18.52 -17.50 -16.08
C THR A 112 18.27 -16.93 -17.47
N VAL A 113 17.13 -16.28 -17.67
CA VAL A 113 16.86 -15.69 -18.96
C VAL A 113 17.85 -14.53 -19.18
N SER A 114 18.42 -14.45 -20.37
CA SER A 114 19.37 -13.38 -20.65
C SER A 114 19.14 -12.74 -22.03
N ILE A 115 17.88 -12.50 -22.36
CA ILE A 115 17.52 -11.93 -23.64
C ILE A 115 16.44 -10.89 -23.41
N THR A 116 16.56 -9.75 -24.08
CA THR A 116 15.58 -8.67 -23.96
C THR A 116 14.35 -9.07 -24.76
N LYS A 117 13.21 -8.49 -24.46
CA LYS A 117 12.01 -8.87 -25.20
C LYS A 117 12.11 -8.58 -26.68
N SER A 118 13.18 -7.91 -27.08
CA SER A 118 13.41 -7.61 -28.49
C SER A 118 14.43 -8.58 -29.05
N GLY A 119 14.79 -9.55 -28.23
CA GLY A 119 15.74 -10.56 -28.66
C GLY A 119 17.20 -10.18 -28.59
N ILE A 120 17.54 -9.16 -27.82
CA ILE A 120 18.93 -8.76 -27.71
C ILE A 120 19.57 -9.52 -26.57
N LYS A 121 20.80 -9.98 -26.79
CA LYS A 121 21.54 -10.72 -25.79
C LYS A 121 21.95 -9.72 -24.71
N CYS A 122 21.83 -10.11 -23.44
CA CYS A 122 22.20 -9.22 -22.35
C CYS A 122 23.70 -9.04 -22.22
N GLN A 123 24.07 -7.93 -21.56
CA GLN A 123 25.47 -7.60 -21.30
C GLN A 123 25.77 -8.06 -19.89
N PRO A 124 26.95 -8.66 -19.67
CA PRO A 124 27.30 -9.11 -18.32
C PRO A 124 27.24 -7.91 -17.37
N TRP A 125 26.73 -8.11 -16.17
CA TRP A 125 26.67 -7.00 -15.24
C TRP A 125 28.08 -6.55 -14.87
N SER A 126 28.99 -7.51 -14.74
CA SER A 126 30.36 -7.19 -14.38
C SER A 126 31.04 -6.38 -15.48
N SER A 127 30.53 -6.42 -16.70
CA SER A 127 31.16 -5.68 -17.77
C SER A 127 30.72 -4.22 -17.87
N MET A 128 31.52 -3.41 -18.56
CA MET A 128 31.23 -2.00 -18.75
C MET A 128 31.12 -1.77 -20.24
N ILE A 129 31.14 -2.86 -20.98
CA ILE A 129 31.05 -2.80 -22.44
C ILE A 129 29.85 -3.58 -22.95
N PRO A 130 29.10 -3.00 -23.90
CA PRO A 130 29.31 -1.68 -24.46
C PRO A 130 28.69 -0.57 -23.61
N HIS A 131 28.27 -0.90 -22.40
CA HIS A 131 27.65 0.12 -21.56
C HIS A 131 28.20 0.21 -20.17
N GLU A 132 28.64 1.41 -19.83
CA GLU A 132 29.21 1.74 -18.56
C GLU A 132 28.02 1.87 -17.62
N HIS A 133 28.10 1.27 -16.44
CA HIS A 133 27.00 1.36 -15.51
C HIS A 133 27.41 1.18 -14.06
N SER A 134 26.48 1.49 -13.18
CA SER A 134 26.68 1.44 -11.73
C SER A 134 26.04 0.26 -11.04
N PHE A 135 25.69 -0.78 -11.80
CA PHE A 135 25.03 -1.95 -11.21
C PHE A 135 26.00 -3.11 -11.04
N LEU A 136 26.80 -3.08 -9.97
CA LEU A 136 27.74 -4.15 -9.74
C LEU A 136 27.15 -5.05 -8.67
N PRO A 137 27.49 -6.35 -8.71
CA PRO A 137 27.02 -7.36 -7.76
C PRO A 137 27.41 -6.91 -6.37
N SER A 138 28.69 -6.62 -6.22
CA SER A 138 29.26 -6.13 -4.99
C SER A 138 28.33 -5.05 -4.46
N SER A 139 28.17 -3.98 -5.23
CA SER A 139 27.29 -2.91 -4.77
C SER A 139 25.80 -3.30 -4.81
N TYR A 140 25.52 -4.57 -5.09
CA TYR A 140 24.14 -5.08 -5.13
C TYR A 140 24.03 -6.52 -4.67
N ARG A 141 24.76 -6.85 -3.62
CA ARG A 141 24.78 -8.19 -3.06
C ARG A 141 23.38 -8.77 -2.85
N GLY A 142 23.23 -10.05 -3.15
CA GLY A 142 21.93 -10.65 -2.94
C GLY A 142 20.92 -10.50 -4.05
N LYS A 143 21.09 -9.54 -4.95
CA LYS A 143 20.15 -9.41 -6.04
C LYS A 143 20.61 -10.27 -7.19
N ASP A 144 21.64 -11.06 -6.92
CA ASP A 144 22.21 -11.99 -7.88
C ASP A 144 22.51 -11.45 -9.27
N LEU A 145 23.19 -10.31 -9.34
CA LEU A 145 23.57 -9.72 -10.62
C LEU A 145 24.76 -10.47 -11.20
N GLN A 146 24.56 -11.74 -11.50
CA GLN A 146 25.61 -12.58 -12.07
C GLN A 146 25.46 -12.73 -13.60
N GLU A 147 26.43 -13.42 -14.23
CA GLU A 147 26.43 -13.59 -15.69
C GLU A 147 25.80 -12.37 -16.37
N ASN A 148 24.76 -12.61 -17.18
CA ASN A 148 24.10 -11.52 -17.85
C ASN A 148 22.60 -11.79 -17.78
N TYR A 149 22.18 -12.34 -16.65
CA TYR A 149 20.78 -12.67 -16.44
C TYR A 149 19.92 -11.46 -16.18
N CYS A 150 18.73 -11.43 -16.75
CA CYS A 150 17.82 -10.33 -16.52
C CYS A 150 17.51 -10.28 -15.03
N ARG A 151 17.55 -9.08 -14.47
CA ARG A 151 17.30 -8.90 -13.05
C ARG A 151 16.55 -7.60 -12.87
N ASN A 152 16.17 -7.31 -11.64
CA ASN A 152 15.46 -6.07 -11.31
C ASN A 152 15.91 -5.72 -9.89
N PRO A 153 17.20 -5.37 -9.75
CA PRO A 153 17.82 -5.02 -8.47
C PRO A 153 17.22 -3.87 -7.69
N ARG A 154 16.33 -3.09 -8.30
CA ARG A 154 15.73 -1.97 -7.58
C ARG A 154 14.24 -2.18 -7.51
N GLY A 155 13.80 -3.38 -7.88
CA GLY A 155 12.38 -3.67 -7.85
C GLY A 155 11.53 -2.57 -8.47
N GLU A 156 11.98 -2.03 -9.60
CA GLU A 156 11.25 -0.97 -10.27
C GLU A 156 10.14 -1.58 -11.12
N GLU A 157 9.12 -0.77 -11.42
CA GLU A 157 8.03 -1.20 -12.28
C GLU A 157 8.77 -1.59 -13.55
N GLY A 158 8.22 -2.50 -14.34
CA GLY A 158 8.92 -2.89 -15.56
C GLY A 158 9.57 -4.23 -15.39
N GLY A 159 9.65 -4.68 -14.13
CA GLY A 159 10.24 -5.97 -13.84
C GLY A 159 11.67 -6.14 -14.35
N PRO A 160 12.17 -7.37 -14.41
CA PRO A 160 13.52 -7.71 -14.87
C PRO A 160 13.95 -7.08 -16.18
N TRP A 161 15.19 -6.63 -16.21
CA TRP A 161 15.77 -5.98 -17.38
C TRP A 161 17.24 -6.31 -17.40
N CYS A 162 17.96 -5.72 -18.34
CA CYS A 162 19.39 -5.92 -18.44
C CYS A 162 20.00 -4.96 -19.43
N PHE A 163 21.30 -4.74 -19.33
CA PHE A 163 21.99 -3.89 -20.28
C PHE A 163 22.18 -4.75 -21.52
N THR A 164 21.77 -4.24 -22.68
CA THR A 164 21.88 -5.03 -23.91
C THR A 164 23.25 -4.94 -24.56
N SER A 165 23.64 -6.02 -25.21
CA SER A 165 24.94 -6.08 -25.88
C SER A 165 24.95 -5.21 -27.14
N ASN A 166 23.81 -4.60 -27.44
CA ASN A 166 23.70 -3.73 -28.59
C ASN A 166 24.08 -2.31 -28.18
N PRO A 167 25.18 -1.77 -28.73
CA PRO A 167 25.59 -0.41 -28.36
C PRO A 167 24.49 0.62 -28.56
N GLU A 168 23.59 0.38 -29.50
CA GLU A 168 22.49 1.33 -29.75
C GLU A 168 21.31 1.18 -28.80
N VAL A 169 21.33 0.14 -27.99
CA VAL A 169 20.28 -0.02 -27.00
C VAL A 169 20.97 -0.22 -25.66
N ARG A 170 20.96 0.80 -24.82
CA ARG A 170 21.63 0.71 -23.52
C ARG A 170 21.02 -0.38 -22.65
N TYR A 171 19.69 -0.42 -22.59
CA TYR A 171 19.00 -1.42 -21.79
C TYR A 171 17.60 -1.69 -22.29
N GLU A 172 17.01 -2.76 -21.78
CA GLU A 172 15.66 -3.09 -22.15
C GLU A 172 15.14 -4.16 -21.22
N VAL A 173 13.82 -4.24 -21.10
CA VAL A 173 13.21 -5.22 -20.24
C VAL A 173 13.18 -6.59 -20.92
N CYS A 174 13.01 -7.63 -20.11
CA CYS A 174 12.96 -8.99 -20.62
C CYS A 174 11.53 -9.52 -20.49
N ASP A 175 11.16 -10.38 -21.43
CA ASP A 175 9.84 -11.00 -21.48
C ASP A 175 9.76 -12.13 -20.47
N ILE A 176 9.53 -11.82 -19.21
CA ILE A 176 9.44 -12.87 -18.21
C ILE A 176 8.03 -12.92 -17.64
N PRO A 177 7.31 -14.01 -17.92
CA PRO A 177 5.93 -14.27 -17.50
C PRO A 177 5.62 -14.20 -16.01
N GLN A 178 4.37 -13.87 -15.72
CA GLN A 178 3.82 -13.78 -14.36
C GLN A 178 3.30 -15.15 -13.92
N CYS A 179 3.65 -15.59 -12.72
CA CYS A 179 3.18 -16.90 -12.28
C CYS A 179 1.65 -16.95 -12.29
N SER A 180 1.03 -15.79 -12.06
CA SER A 180 -0.42 -15.67 -12.05
C SER A 180 -0.97 -16.28 -13.33
N GLU A 181 -0.14 -16.18 -14.37
CA GLU A 181 -0.36 -16.69 -15.72
C GLU A 181 -0.05 -15.63 -16.77
N VAL A 182 1.10 -15.61 -17.26
N ASN B 10 22.34 -30.07 -30.15
CA ASN B 10 23.28 -29.75 -29.03
C ASN B 10 22.53 -29.07 -27.89
N THR B 11 21.22 -28.91 -28.04
CA THR B 11 20.42 -28.26 -27.02
C THR B 11 18.99 -28.73 -27.07
N ILE B 12 18.65 -29.47 -28.10
CA ILE B 12 17.30 -29.95 -28.27
C ILE B 12 16.71 -30.64 -27.05
N HIS B 13 17.55 -31.18 -26.18
CA HIS B 13 17.01 -31.87 -25.02
C HIS B 13 16.62 -30.95 -23.89
N GLU B 14 16.81 -29.65 -24.08
CA GLU B 14 16.43 -28.68 -23.07
C GLU B 14 15.03 -28.18 -23.42
N PHE B 15 14.47 -28.77 -24.49
CA PHE B 15 13.13 -28.41 -24.93
C PHE B 15 12.18 -29.53 -24.65
N LYS B 16 10.95 -29.18 -24.29
CA LYS B 16 9.93 -30.16 -24.01
C LYS B 16 9.27 -30.47 -25.34
N LYS B 17 9.64 -31.61 -25.92
CA LYS B 17 9.13 -32.05 -27.23
C LYS B 17 7.71 -32.59 -27.23
N SER B 18 6.94 -32.21 -28.24
CA SER B 18 5.56 -32.66 -28.42
C SER B 18 5.46 -33.11 -29.87
N ALA B 19 5.71 -34.41 -30.09
CA ALA B 19 5.69 -35.01 -31.42
C ALA B 19 4.40 -34.76 -32.18
N LYS B 20 4.54 -34.64 -33.50
CA LYS B 20 3.40 -34.39 -34.38
C LYS B 20 2.49 -33.33 -33.77
N THR B 21 3.04 -32.14 -33.62
CA THR B 21 2.29 -31.03 -33.08
C THR B 21 2.83 -29.74 -33.67
N THR B 22 2.03 -28.68 -33.59
CA THR B 22 2.42 -27.37 -34.11
C THR B 22 1.43 -26.32 -33.61
N LEU B 23 1.88 -25.07 -33.55
CA LEU B 23 1.05 -23.97 -33.08
C LEU B 23 0.56 -23.07 -34.20
N ILE B 24 -0.66 -22.54 -34.06
CA ILE B 24 -1.19 -21.63 -35.06
C ILE B 24 -1.27 -20.25 -34.41
N LYS B 25 -0.77 -19.25 -35.12
CA LYS B 25 -0.75 -17.87 -34.62
C LYS B 25 -1.94 -17.03 -35.09
N ILE B 26 -3.12 -17.32 -34.56
CA ILE B 26 -4.34 -16.61 -34.92
C ILE B 26 -4.43 -15.22 -34.30
N ASP B 27 -3.53 -14.34 -34.71
CA ASP B 27 -3.49 -12.97 -34.22
C ASP B 27 -2.22 -12.29 -34.75
N PRO B 28 -2.31 -11.72 -35.95
CA PRO B 28 -1.19 -11.02 -36.59
C PRO B 28 -0.72 -9.83 -35.78
N ALA B 29 -0.27 -10.10 -34.55
CA ALA B 29 0.26 -9.07 -33.66
C ALA B 29 1.68 -9.50 -33.29
N LEU B 30 1.90 -10.81 -33.38
CA LEU B 30 3.19 -11.43 -33.10
C LEU B 30 3.69 -11.98 -34.42
N LYS B 31 5.02 -11.92 -34.63
CA LYS B 31 5.59 -12.45 -35.86
C LYS B 31 5.99 -13.92 -35.73
N ILE B 32 6.59 -14.46 -36.78
CA ILE B 32 7.03 -15.85 -36.78
C ILE B 32 8.19 -16.00 -37.73
N LYS B 33 9.39 -16.10 -37.18
CA LYS B 33 10.58 -16.26 -38.00
C LYS B 33 10.79 -17.74 -38.41
N THR B 34 10.86 -18.00 -39.71
CA THR B 34 11.05 -19.36 -40.22
C THR B 34 12.31 -19.45 -41.07
N LYS B 35 12.74 -20.67 -41.38
CA LYS B 35 13.94 -20.81 -42.19
C LYS B 35 14.36 -22.24 -42.55
N LYS B 36 14.35 -22.55 -43.85
CA LYS B 36 14.74 -23.87 -44.38
C LYS B 36 16.11 -24.27 -43.85
N VAL B 37 16.11 -25.36 -43.10
CA VAL B 37 17.31 -25.86 -42.46
C VAL B 37 17.47 -27.37 -42.67
N ASN B 38 18.63 -27.90 -42.29
CA ASN B 38 18.93 -29.31 -42.40
C ASN B 38 18.31 -30.17 -41.29
N THR B 39 18.77 -29.97 -40.05
CA THR B 39 18.24 -30.72 -38.92
C THR B 39 17.49 -29.84 -37.93
N ALA B 40 16.70 -30.47 -37.06
CA ALA B 40 15.95 -29.73 -36.06
C ALA B 40 16.92 -29.08 -35.08
N ASP B 41 18.06 -29.72 -34.87
CA ASP B 41 19.08 -29.21 -33.96
C ASP B 41 19.43 -27.75 -34.23
N GLN B 42 19.53 -27.37 -35.50
CA GLN B 42 19.85 -25.99 -35.84
C GLN B 42 18.79 -25.12 -35.20
N CYS B 43 17.54 -25.50 -35.42
CA CYS B 43 16.43 -24.75 -34.87
C CYS B 43 16.67 -24.50 -33.40
N ALA B 44 16.94 -25.57 -32.67
CA ALA B 44 17.21 -25.51 -31.24
C ALA B 44 18.28 -24.50 -30.89
N ASP B 45 19.47 -24.68 -31.45
CA ASP B 45 20.58 -23.77 -31.19
C ASP B 45 20.17 -22.34 -31.45
N ARG B 46 19.61 -22.10 -32.63
CA ARG B 46 19.16 -20.76 -33.00
C ARG B 46 18.24 -20.23 -31.91
N CYS B 47 17.32 -21.08 -31.46
CA CYS B 47 16.36 -20.73 -30.41
C CYS B 47 17.02 -20.55 -29.04
N THR B 48 17.94 -21.45 -28.70
CA THR B 48 18.62 -21.38 -27.43
C THR B 48 19.44 -20.09 -27.37
N ARG B 49 20.35 -19.95 -28.33
CA ARG B 49 21.21 -18.77 -28.42
C ARG B 49 20.47 -17.55 -28.94
N ASN B 50 19.17 -17.71 -29.17
CA ASN B 50 18.30 -16.65 -29.65
C ASN B 50 18.99 -15.72 -30.66
N LYS B 51 19.88 -16.28 -31.50
CA LYS B 51 20.60 -15.47 -32.51
C LYS B 51 19.73 -15.14 -33.73
N GLY B 52 19.77 -13.88 -34.16
CA GLY B 52 18.99 -13.44 -35.31
C GLY B 52 17.49 -13.56 -35.16
N LEU B 53 17.01 -13.28 -33.96
CA LEU B 53 15.58 -13.35 -33.68
C LEU B 53 15.16 -12.06 -32.98
N PRO B 54 14.19 -11.35 -33.56
CA PRO B 54 13.67 -10.09 -33.02
C PRO B 54 12.76 -10.26 -31.82
N PHE B 55 12.93 -11.35 -31.09
CA PHE B 55 12.11 -11.60 -29.91
C PHE B 55 12.67 -12.75 -29.09
N THR B 56 11.98 -13.08 -28.01
CA THR B 56 12.39 -14.15 -27.13
C THR B 56 11.85 -15.45 -27.69
N CYS B 57 12.72 -16.36 -28.13
CA CYS B 57 12.26 -17.63 -28.68
C CYS B 57 11.76 -18.55 -27.56
N LYS B 58 10.44 -18.67 -27.42
CA LYS B 58 9.84 -19.49 -26.37
C LYS B 58 9.50 -20.90 -26.82
N ALA B 59 9.47 -21.11 -28.14
CA ALA B 59 9.17 -22.43 -28.68
C ALA B 59 9.48 -22.43 -30.16
N PHE B 60 9.68 -23.60 -30.73
CA PHE B 60 9.97 -23.71 -32.16
C PHE B 60 9.46 -25.04 -32.68
N VAL B 61 8.87 -25.01 -33.87
CA VAL B 61 8.34 -26.22 -34.51
C VAL B 61 9.23 -26.58 -35.70
N PHE B 62 9.56 -27.86 -35.82
CA PHE B 62 10.40 -28.30 -36.94
C PHE B 62 9.57 -29.02 -37.96
N ASP B 63 9.61 -28.50 -39.19
CA ASP B 63 8.87 -29.06 -40.32
C ASP B 63 9.73 -30.13 -40.99
N LYS B 64 9.58 -31.37 -40.53
CA LYS B 64 10.32 -32.53 -41.02
C LYS B 64 10.31 -32.58 -42.53
N ALA B 65 9.11 -32.39 -43.07
CA ALA B 65 8.89 -32.41 -44.51
C ALA B 65 9.71 -31.33 -45.22
N ARG B 66 9.26 -30.08 -45.10
CA ARG B 66 9.92 -28.92 -45.72
C ARG B 66 11.34 -28.62 -45.20
N LYS B 67 11.70 -29.24 -44.07
CA LYS B 67 13.01 -29.03 -43.44
C LYS B 67 13.27 -27.55 -43.18
N GLN B 68 12.41 -26.98 -42.36
CA GLN B 68 12.51 -25.58 -42.00
C GLN B 68 12.01 -25.33 -40.57
N CYS B 69 12.67 -24.41 -39.89
CA CYS B 69 12.32 -24.06 -38.52
C CYS B 69 11.24 -23.00 -38.45
N LEU B 70 10.47 -23.04 -37.37
CA LEU B 70 9.42 -22.06 -37.11
C LEU B 70 9.56 -21.59 -35.68
N TRP B 71 10.37 -20.54 -35.49
CA TRP B 71 10.63 -19.96 -34.19
C TRP B 71 9.51 -19.03 -33.74
N PHE B 72 8.89 -19.32 -32.61
CA PHE B 72 7.81 -18.48 -32.09
C PHE B 72 8.19 -17.78 -30.78
N PRO B 73 7.65 -16.58 -30.55
CA PRO B 73 7.89 -15.76 -29.37
C PRO B 73 6.74 -16.05 -28.40
N PHE B 74 6.30 -17.30 -28.38
CA PHE B 74 5.21 -17.75 -27.51
C PHE B 74 5.19 -19.28 -27.53
N ASN B 75 4.30 -19.88 -26.73
CA ASN B 75 4.17 -21.34 -26.70
C ASN B 75 2.72 -21.78 -26.60
N SER B 76 2.51 -23.09 -26.52
CA SER B 76 1.18 -23.66 -26.45
C SER B 76 0.28 -23.07 -25.38
N MET B 77 0.87 -22.54 -24.33
CA MET B 77 0.08 -21.98 -23.26
C MET B 77 -0.20 -20.50 -23.48
N SER B 78 0.40 -19.95 -24.54
CA SER B 78 0.24 -18.55 -24.86
C SER B 78 -1.15 -18.23 -25.38
N SER B 79 -1.85 -17.35 -24.67
CA SER B 79 -3.19 -16.94 -25.07
C SER B 79 -3.07 -16.29 -26.46
N GLY B 80 -3.71 -16.89 -27.45
CA GLY B 80 -3.63 -16.33 -28.79
C GLY B 80 -3.14 -17.36 -29.79
N VAL B 81 -2.98 -18.60 -29.33
CA VAL B 81 -2.52 -19.69 -30.19
C VAL B 81 -3.21 -21.02 -29.86
N LYS B 82 -3.31 -21.88 -30.87
CA LYS B 82 -3.91 -23.20 -30.73
C LYS B 82 -2.94 -24.20 -31.36
N LYS B 83 -2.88 -25.40 -30.80
CA LYS B 83 -1.98 -26.42 -31.34
C LYS B 83 -2.74 -27.45 -32.17
N GLU B 84 -2.05 -28.05 -33.12
CA GLU B 84 -2.69 -29.07 -33.94
C GLU B 84 -1.76 -30.21 -34.34
N PHE B 85 -2.37 -31.26 -34.90
CA PHE B 85 -1.65 -32.45 -35.34
C PHE B 85 -1.15 -32.37 -36.79
N GLY B 86 0.03 -32.94 -37.03
CA GLY B 86 0.63 -32.94 -38.35
C GLY B 86 1.80 -33.89 -38.29
N HIS B 87 1.73 -34.99 -39.03
CA HIS B 87 2.80 -36.00 -39.04
C HIS B 87 4.19 -35.38 -39.23
N GLU B 88 4.25 -34.27 -39.94
CA GLU B 88 5.51 -33.60 -40.25
C GLU B 88 6.03 -32.61 -39.22
N PHE B 89 5.21 -32.31 -38.22
CA PHE B 89 5.57 -31.33 -37.19
C PHE B 89 6.08 -31.86 -35.84
N ASP B 90 6.96 -31.07 -35.25
CA ASP B 90 7.53 -31.41 -33.97
C ASP B 90 7.74 -30.14 -33.14
N LEU B 91 6.86 -29.98 -32.15
CA LEU B 91 6.85 -28.83 -31.24
C LEU B 91 7.88 -28.92 -30.11
N TYR B 92 8.74 -27.93 -30.00
CA TYR B 92 9.76 -27.87 -28.96
C TYR B 92 9.56 -26.61 -28.13
N GLU B 93 9.06 -26.77 -26.91
CA GLU B 93 8.83 -25.63 -26.05
C GLU B 93 9.98 -25.39 -25.10
N ASN B 94 10.43 -24.14 -25.04
CA ASN B 94 11.52 -23.75 -24.18
C ASN B 94 11.06 -23.91 -22.73
N LYS B 95 11.81 -24.69 -21.96
CA LYS B 95 11.44 -24.95 -20.57
C LYS B 95 11.40 -23.70 -19.75
N ASP B 96 12.21 -22.71 -20.12
CA ASP B 96 12.27 -21.44 -19.40
C ASP B 96 10.92 -20.75 -19.30
N TYR B 97 10.02 -21.08 -20.22
CA TYR B 97 8.72 -20.45 -20.26
C TYR B 97 7.56 -21.37 -19.98
N ILE B 98 7.83 -22.49 -19.31
CA ILE B 98 6.81 -23.46 -18.92
C ILE B 98 6.89 -23.44 -17.40
N ARG B 99 5.99 -22.68 -16.77
CA ARG B 99 5.95 -22.52 -15.31
C ARG B 99 6.39 -23.76 -14.61
N ASN B 100 7.46 -23.68 -13.82
CA ASN B 100 7.98 -24.85 -13.13
C ASN B 100 7.68 -24.92 -11.67
N CYS B 101 6.66 -24.17 -11.22
CA CYS B 101 6.23 -24.21 -9.82
C CYS B 101 4.71 -24.40 -9.89
N ILE B 102 4.13 -24.93 -8.82
CA ILE B 102 2.70 -25.19 -8.81
C ILE B 102 1.91 -24.31 -7.86
N ILE B 103 0.65 -24.11 -8.19
CA ILE B 103 -0.26 -23.34 -7.37
C ILE B 103 -1.22 -24.33 -6.73
N GLY B 104 -1.14 -24.47 -5.41
CA GLY B 104 -2.02 -25.39 -4.75
C GLY B 104 -1.71 -26.84 -5.05
N LYS B 105 -2.72 -27.57 -5.52
CA LYS B 105 -2.56 -29.00 -5.83
C LYS B 105 -1.76 -29.25 -7.12
N GLY B 106 -1.67 -28.22 -7.95
CA GLY B 106 -0.92 -28.34 -9.18
C GLY B 106 -1.68 -29.06 -10.27
N ARG B 107 -3.00 -28.84 -10.29
CA ARG B 107 -3.90 -29.45 -11.26
C ARG B 107 -3.52 -29.17 -12.71
N SER B 108 -2.80 -28.08 -12.93
CA SER B 108 -2.42 -27.74 -14.30
C SER B 108 -0.91 -27.79 -14.54
N TYR B 109 -0.15 -28.33 -13.59
CA TYR B 109 1.29 -28.42 -13.78
C TYR B 109 1.63 -29.11 -15.10
N LYS B 110 2.48 -28.49 -15.89
CA LYS B 110 2.89 -29.07 -17.16
C LYS B 110 4.39 -28.99 -17.30
N GLY B 111 5.08 -29.04 -16.17
CA GLY B 111 6.53 -29.00 -16.18
C GLY B 111 7.04 -30.34 -16.66
N THR B 112 8.34 -30.54 -16.59
CA THR B 112 8.89 -31.79 -17.08
C THR B 112 9.60 -32.61 -16.02
N VAL B 113 9.32 -32.32 -14.76
CA VAL B 113 9.95 -33.10 -13.70
C VAL B 113 9.44 -34.56 -13.81
N SER B 114 10.36 -35.51 -13.83
CA SER B 114 9.96 -36.90 -13.96
C SER B 114 10.63 -37.79 -12.92
N ILE B 115 10.83 -37.24 -11.72
CA ILE B 115 11.46 -37.97 -10.62
C ILE B 115 10.62 -37.82 -9.36
N THR B 116 10.49 -38.90 -8.58
CA THR B 116 9.73 -38.87 -7.34
C THR B 116 10.54 -38.26 -6.20
N LYS B 117 9.88 -38.01 -5.07
CA LYS B 117 10.51 -37.40 -3.90
C LYS B 117 11.57 -38.32 -3.29
N SER B 118 11.59 -39.56 -3.75
CA SER B 118 12.59 -40.52 -3.29
C SER B 118 13.65 -40.67 -4.37
N GLY B 119 13.52 -39.89 -5.44
CA GLY B 119 14.49 -39.95 -6.51
C GLY B 119 14.29 -41.10 -7.48
N ILE B 120 13.09 -41.63 -7.54
CA ILE B 120 12.81 -42.73 -8.45
C ILE B 120 12.36 -42.12 -9.77
N LYS B 121 12.85 -42.69 -10.87
CA LYS B 121 12.50 -42.24 -12.21
C LYS B 121 11.03 -42.66 -12.46
N CYS B 122 10.21 -41.72 -12.92
CA CYS B 122 8.83 -42.03 -13.19
C CYS B 122 8.67 -43.05 -14.31
N GLN B 123 7.53 -43.74 -14.30
CA GLN B 123 7.20 -44.72 -15.33
C GLN B 123 6.37 -43.96 -16.33
N PRO B 124 6.53 -44.26 -17.63
CA PRO B 124 5.75 -43.56 -18.66
C PRO B 124 4.27 -43.84 -18.44
N TRP B 125 3.43 -42.86 -18.69
CA TRP B 125 2.00 -43.05 -18.49
C TRP B 125 1.42 -44.01 -19.52
N SER B 126 1.99 -44.02 -20.70
CA SER B 126 1.50 -44.88 -21.78
C SER B 126 1.85 -46.33 -21.51
N SER B 127 2.81 -46.56 -20.61
CA SER B 127 3.22 -47.92 -20.29
C SER B 127 2.38 -48.57 -19.19
N MET B 128 2.26 -49.89 -19.24
CA MET B 128 1.50 -50.62 -18.24
C MET B 128 2.47 -51.43 -17.37
N ILE B 129 3.76 -51.22 -17.59
CA ILE B 129 4.77 -51.91 -16.80
C ILE B 129 5.78 -50.89 -16.32
N PRO B 130 6.32 -51.11 -15.12
CA PRO B 130 6.00 -52.25 -14.27
C PRO B 130 4.63 -52.15 -13.61
N HIS B 131 3.94 -51.03 -13.75
CA HIS B 131 2.66 -50.88 -13.11
C HIS B 131 1.52 -50.69 -14.06
N GLU B 132 0.53 -51.56 -13.94
CA GLU B 132 -0.67 -51.54 -14.76
C GLU B 132 -1.59 -50.46 -14.16
N HIS B 133 -2.22 -49.65 -14.99
CA HIS B 133 -3.06 -48.59 -14.46
C HIS B 133 -4.05 -48.11 -15.49
N SER B 134 -5.03 -47.36 -15.03
CA SER B 134 -6.08 -46.86 -15.91
C SER B 134 -5.88 -45.41 -16.40
N PHE B 135 -4.79 -44.78 -15.97
CA PHE B 135 -4.54 -43.40 -16.36
C PHE B 135 -4.06 -43.29 -17.80
N LEU B 136 -4.98 -42.93 -18.68
CA LEU B 136 -4.64 -42.81 -20.08
C LEU B 136 -4.75 -41.37 -20.53
N PRO B 137 -3.98 -41.00 -21.55
CA PRO B 137 -4.04 -39.62 -22.02
C PRO B 137 -5.51 -39.36 -22.36
N SER B 138 -6.08 -40.29 -23.12
CA SER B 138 -7.47 -40.22 -23.52
C SER B 138 -8.35 -39.92 -22.31
N SER B 139 -8.31 -40.82 -21.33
CA SER B 139 -9.10 -40.70 -20.10
C SER B 139 -8.90 -39.35 -19.40
N TYR B 140 -7.74 -38.74 -19.60
CA TYR B 140 -7.43 -37.45 -18.99
C TYR B 140 -6.89 -36.42 -19.94
N ARG B 141 -7.44 -36.37 -21.15
CA ARG B 141 -6.99 -35.40 -22.14
C ARG B 141 -6.96 -34.01 -21.45
N GLY B 142 -6.00 -33.19 -21.85
CA GLY B 142 -5.88 -31.88 -21.26
C GLY B 142 -4.94 -31.85 -20.05
N LYS B 143 -4.90 -32.94 -19.28
CA LYS B 143 -4.02 -33.01 -18.13
C LYS B 143 -2.55 -33.18 -18.57
N ASP B 144 -2.34 -33.31 -19.87
CA ASP B 144 -0.99 -33.52 -20.40
C ASP B 144 -0.26 -34.68 -19.74
N LEU B 145 -0.77 -35.89 -19.94
CA LEU B 145 -0.14 -37.09 -19.40
C LEU B 145 0.81 -37.65 -20.46
N GLN B 146 1.90 -36.94 -20.69
CA GLN B 146 2.88 -37.37 -21.67
C GLN B 146 4.12 -37.95 -21.01
N GLU B 147 5.03 -38.47 -21.85
CA GLU B 147 6.26 -39.06 -21.36
C GLU B 147 6.05 -39.67 -20.00
N ASN B 148 6.80 -39.22 -19.02
CA ASN B 148 6.66 -39.78 -17.69
C ASN B 148 6.72 -38.63 -16.70
N TYR B 149 6.17 -37.50 -17.11
CA TYR B 149 6.13 -36.32 -16.26
C TYR B 149 5.23 -36.47 -15.04
N CYS B 150 5.60 -35.83 -13.95
CA CYS B 150 4.79 -35.86 -12.75
C CYS B 150 3.54 -35.06 -13.06
N ARG B 151 2.39 -35.59 -12.67
CA ARG B 151 1.13 -34.90 -12.93
C ARG B 151 0.14 -35.16 -11.82
N ASN B 152 -0.92 -34.37 -11.81
CA ASN B 152 -1.98 -34.51 -10.83
C ASN B 152 -3.25 -34.44 -11.64
N PRO B 153 -3.48 -35.45 -12.49
CA PRO B 153 -4.64 -35.54 -13.36
C PRO B 153 -6.00 -35.36 -12.68
N ARG B 154 -6.09 -35.82 -11.42
CA ARG B 154 -7.31 -35.73 -10.62
C ARG B 154 -7.31 -34.58 -9.62
N GLY B 155 -6.35 -33.65 -9.77
CA GLY B 155 -6.27 -32.53 -8.84
C GLY B 155 -6.44 -32.96 -7.39
N GLU B 156 -5.89 -34.11 -7.04
CA GLU B 156 -6.01 -34.64 -5.69
C GLU B 156 -5.13 -33.87 -4.72
N GLU B 157 -5.14 -34.34 -3.47
CA GLU B 157 -4.38 -33.76 -2.37
C GLU B 157 -3.07 -34.55 -2.33
N GLY B 158 -1.96 -33.88 -2.63
CA GLY B 158 -0.68 -34.58 -2.66
C GLY B 158 0.13 -34.01 -3.79
N GLY B 159 -0.56 -33.26 -4.65
CA GLY B 159 0.11 -32.62 -5.78
C GLY B 159 0.57 -33.61 -6.82
N PRO B 160 1.31 -33.15 -7.83
CA PRO B 160 1.79 -34.05 -8.86
C PRO B 160 2.45 -35.32 -8.29
N TRP B 161 2.29 -36.40 -9.03
CA TRP B 161 2.82 -37.71 -8.66
C TRP B 161 3.02 -38.48 -9.97
N CYS B 162 3.40 -39.75 -9.85
CA CYS B 162 3.61 -40.57 -11.02
C CYS B 162 3.88 -42.03 -10.63
N PHE B 163 3.65 -42.95 -11.55
CA PHE B 163 3.94 -44.34 -11.24
C PHE B 163 5.46 -44.44 -11.36
N THR B 164 6.10 -45.10 -10.41
CA THR B 164 7.56 -45.22 -10.41
C THR B 164 8.07 -46.39 -11.22
N SER B 165 9.31 -46.29 -11.69
CA SER B 165 9.88 -47.34 -12.50
C SER B 165 10.37 -48.45 -11.60
N ASN B 166 10.18 -48.26 -10.29
CA ASN B 166 10.57 -49.26 -9.30
C ASN B 166 9.38 -50.19 -9.07
N PRO B 167 9.50 -51.45 -9.48
CA PRO B 167 8.44 -52.45 -9.33
C PRO B 167 7.89 -52.49 -7.91
N GLU B 168 8.77 -52.37 -6.93
CA GLU B 168 8.34 -52.40 -5.55
C GLU B 168 7.70 -51.13 -5.07
N VAL B 169 7.61 -50.14 -5.96
CA VAL B 169 6.97 -48.88 -5.60
C VAL B 169 6.04 -48.45 -6.73
N ARG B 170 4.76 -48.77 -6.60
CA ARG B 170 3.77 -48.42 -7.61
C ARG B 170 3.80 -46.94 -7.97
N TYR B 171 3.55 -46.06 -7.02
CA TYR B 171 3.57 -44.63 -7.29
C TYR B 171 4.12 -43.84 -6.10
N GLU B 172 4.34 -42.56 -6.33
CA GLU B 172 4.85 -41.66 -5.31
C GLU B 172 4.71 -40.23 -5.80
N VAL B 173 4.58 -39.30 -4.85
CA VAL B 173 4.43 -37.89 -5.21
C VAL B 173 5.79 -37.34 -5.61
N CYS B 174 5.78 -36.22 -6.30
CA CYS B 174 7.02 -35.59 -6.73
C CYS B 174 7.19 -34.33 -5.91
N ASP B 175 8.45 -33.95 -5.66
CA ASP B 175 8.81 -32.77 -4.88
C ASP B 175 8.77 -31.52 -5.77
N ILE B 176 7.58 -31.00 -6.04
CA ILE B 176 7.47 -29.83 -6.90
C ILE B 176 7.04 -28.59 -6.15
N PRO B 177 7.95 -27.62 -6.05
CA PRO B 177 7.80 -26.33 -5.38
C PRO B 177 6.57 -25.49 -5.70
N GLN B 178 6.09 -24.82 -4.66
CA GLN B 178 4.94 -23.94 -4.76
C GLN B 178 5.44 -22.62 -5.29
N CYS B 179 4.64 -21.96 -6.13
CA CYS B 179 5.07 -20.67 -6.67
C CYS B 179 5.20 -19.64 -5.55
N SER B 180 4.46 -19.84 -4.47
CA SER B 180 4.50 -18.94 -3.33
C SER B 180 5.42 -19.55 -2.27
N GLU B 181 6.73 -19.50 -2.51
CA GLU B 181 7.71 -20.05 -1.56
C GLU B 181 8.88 -19.10 -1.31
N VAL B 182 8.64 -17.94 -0.88
N ASN C 10 32.84 28.51 -9.30
CA ASN C 10 31.74 29.43 -8.87
C ASN C 10 31.06 28.89 -7.60
N THR C 11 29.74 28.82 -7.63
CA THR C 11 28.98 28.28 -6.52
C THR C 11 28.87 26.81 -6.80
N ILE C 12 29.20 26.45 -8.03
CA ILE C 12 29.14 25.10 -8.52
C ILE C 12 30.05 24.15 -7.77
N HIS C 13 30.99 24.71 -7.02
CA HIS C 13 31.89 23.87 -6.25
C HIS C 13 31.22 23.52 -4.95
N GLU C 14 30.25 24.35 -4.56
CA GLU C 14 29.48 24.13 -3.35
C GLU C 14 28.48 22.96 -3.58
N PHE C 15 28.76 22.16 -4.61
CA PHE C 15 27.91 21.01 -4.94
C PHE C 15 28.77 19.79 -5.21
N LYS C 16 28.16 18.62 -5.12
CA LYS C 16 28.85 17.35 -5.35
C LYS C 16 28.44 16.86 -6.74
N LYS C 17 29.36 16.88 -7.69
CA LYS C 17 29.03 16.47 -9.06
C LYS C 17 29.02 14.98 -9.29
N SER C 18 28.08 14.55 -10.11
CA SER C 18 27.95 13.15 -10.46
C SER C 18 27.74 13.05 -11.96
N ALA C 19 28.86 12.98 -12.68
CA ALA C 19 28.88 12.91 -14.14
C ALA C 19 27.89 11.91 -14.75
N LYS C 20 27.46 12.17 -15.99
CA LYS C 20 26.54 11.30 -16.73
C LYS C 20 25.37 10.80 -15.91
N THR C 21 24.81 11.67 -15.10
CA THR C 21 23.69 11.25 -14.27
C THR C 21 22.57 12.26 -14.25
N THR C 22 21.40 11.80 -13.81
CA THR C 22 20.22 12.64 -13.68
C THR C 22 19.25 11.92 -12.74
N LEU C 23 18.19 12.59 -12.30
CA LEU C 23 17.25 11.95 -11.40
C LEU C 23 15.84 11.95 -11.97
N ILE C 24 15.15 10.81 -11.90
CA ILE C 24 13.77 10.73 -12.41
C ILE C 24 12.90 10.49 -11.17
N LYS C 25 11.73 11.13 -11.14
CA LYS C 25 10.83 11.03 -9.98
C LYS C 25 9.73 9.97 -10.08
N ILE C 26 9.91 8.88 -9.35
CA ILE C 26 8.94 7.78 -9.33
C ILE C 26 7.59 8.39 -8.98
N ASP C 27 7.59 9.21 -7.93
CA ASP C 27 6.39 9.89 -7.46
C ASP C 27 6.10 10.97 -8.50
N PRO C 28 4.82 11.17 -8.87
CA PRO C 28 4.54 12.21 -9.86
C PRO C 28 4.19 13.49 -9.11
N ALA C 29 3.85 13.32 -7.83
CA ALA C 29 3.48 14.43 -6.97
C ALA C 29 4.60 15.46 -6.79
N LEU C 30 5.84 15.00 -6.89
CA LEU C 30 7.02 15.86 -6.71
C LEU C 30 7.13 16.93 -7.78
N LYS C 31 7.19 18.19 -7.34
CA LYS C 31 7.31 19.33 -8.27
C LYS C 31 8.74 19.45 -8.80
N ILE C 32 8.90 20.25 -9.85
CA ILE C 32 10.20 20.46 -10.48
C ILE C 32 10.14 21.81 -11.17
N LYS C 33 11.27 22.26 -11.70
CA LYS C 33 11.36 23.52 -12.39
C LYS C 33 12.58 23.51 -13.30
N THR C 34 12.42 24.08 -14.48
CA THR C 34 13.48 24.10 -15.48
C THR C 34 13.61 25.44 -16.20
N LYS C 35 14.74 25.61 -16.91
CA LYS C 35 15.02 26.81 -17.68
C LYS C 35 16.27 26.61 -18.53
N LYS C 36 16.22 27.03 -19.79
CA LYS C 36 17.34 26.90 -20.72
C LYS C 36 18.32 28.03 -20.47
N VAL C 37 19.58 27.70 -20.19
CA VAL C 37 20.59 28.72 -19.92
C VAL C 37 21.87 28.51 -20.73
N ASN C 38 22.93 29.17 -20.32
CA ASN C 38 24.21 29.06 -21.02
C ASN C 38 25.14 28.04 -20.38
N THR C 39 25.48 28.30 -19.14
CA THR C 39 26.40 27.43 -18.43
C THR C 39 25.76 26.79 -17.22
N ALA C 40 26.35 25.69 -16.76
CA ALA C 40 25.83 25.00 -15.59
C ALA C 40 25.93 25.94 -14.39
N ASP C 41 26.92 26.82 -14.44
CA ASP C 41 27.15 27.79 -13.36
C ASP C 41 25.86 28.52 -13.05
N GLN C 42 25.14 28.89 -14.10
CA GLN C 42 23.89 29.58 -13.91
C GLN C 42 22.96 28.74 -13.05
N CYS C 43 22.83 27.48 -13.40
CA CYS C 43 21.97 26.58 -12.65
C CYS C 43 22.38 26.59 -11.18
N ALA C 44 23.69 26.54 -10.96
CA ALA C 44 24.26 26.54 -9.62
C ALA C 44 23.86 27.78 -8.84
N ASP C 45 24.25 28.94 -9.36
CA ASP C 45 23.93 30.20 -8.70
C ASP C 45 22.49 30.24 -8.24
N ARG C 46 21.56 30.17 -9.19
CA ARG C 46 20.16 30.24 -8.83
C ARG C 46 19.76 29.23 -7.77
N CYS C 47 20.40 28.07 -7.79
CA CYS C 47 20.04 27.06 -6.82
C CYS C 47 20.54 27.47 -5.47
N THR C 48 21.79 27.93 -5.42
CA THR C 48 22.39 28.37 -4.15
C THR C 48 21.53 29.46 -3.54
N ARG C 49 21.17 30.47 -4.31
CA ARG C 49 20.35 31.55 -3.79
C ARG C 49 18.89 31.12 -3.71
N ASN C 50 18.59 29.94 -4.24
CA ASN C 50 17.24 29.42 -4.25
C ASN C 50 16.24 30.45 -4.78
N LYS C 51 16.67 31.29 -5.73
CA LYS C 51 15.79 32.32 -6.32
C LYS C 51 14.83 31.80 -7.41
N GLY C 52 13.54 32.09 -7.23
CA GLY C 52 12.52 31.70 -8.19
C GLY C 52 12.11 30.24 -8.14
N LEU C 53 12.39 29.57 -7.04
CA LEU C 53 12.03 28.15 -6.93
C LEU C 53 11.05 27.92 -5.80
N PRO C 54 9.83 27.50 -6.15
CA PRO C 54 8.76 27.23 -5.19
C PRO C 54 9.05 26.07 -4.26
N PHE C 55 10.33 25.90 -3.93
CA PHE C 55 10.77 24.85 -3.03
C PHE C 55 12.25 25.05 -2.72
N THR C 56 12.79 24.21 -1.84
CA THR C 56 14.21 24.32 -1.51
C THR C 56 14.99 23.57 -2.56
N CYS C 57 15.92 24.23 -3.25
CA CYS C 57 16.69 23.56 -4.27
C CYS C 57 17.77 22.70 -3.63
N LYS C 58 17.48 21.40 -3.50
CA LYS C 58 18.40 20.44 -2.90
C LYS C 58 19.39 19.87 -3.90
N ALA C 59 19.03 19.92 -5.18
CA ALA C 59 19.91 19.41 -6.24
C ALA C 59 19.45 19.91 -7.60
N PHE C 60 20.37 19.87 -8.57
CA PHE C 60 20.03 20.32 -9.91
C PHE C 60 20.86 19.56 -10.93
N VAL C 61 20.29 19.37 -12.10
CA VAL C 61 20.96 18.67 -13.18
C VAL C 61 21.14 19.64 -14.34
N PHE C 62 22.23 19.49 -15.06
CA PHE C 62 22.45 20.34 -16.20
C PHE C 62 22.49 19.47 -17.43
N ASP C 63 21.65 19.84 -18.39
CA ASP C 63 21.52 19.14 -19.66
C ASP C 63 22.45 19.84 -20.65
N LYS C 64 23.63 19.29 -20.84
CA LYS C 64 24.59 19.90 -21.74
C LYS C 64 24.09 19.87 -23.17
N ALA C 65 23.16 18.97 -23.44
CA ALA C 65 22.58 18.83 -24.77
C ALA C 65 21.68 20.00 -25.11
N ARG C 66 20.56 20.09 -24.41
CA ARG C 66 19.63 21.18 -24.65
C ARG C 66 20.07 22.46 -23.94
N LYS C 67 21.05 22.35 -23.04
CA LYS C 67 21.52 23.49 -22.24
C LYS C 67 20.32 23.97 -21.43
N GLN C 68 19.90 23.12 -20.51
CA GLN C 68 18.76 23.39 -19.65
C GLN C 68 19.04 22.92 -18.20
N CYS C 69 18.56 23.67 -17.22
CA CYS C 69 18.74 23.29 -15.83
C CYS C 69 17.52 22.49 -15.38
N LEU C 70 17.67 21.73 -14.31
CA LEU C 70 16.60 20.95 -13.74
C LEU C 70 16.73 20.98 -12.21
N TRP C 71 16.09 21.97 -11.59
CA TRP C 71 16.13 22.13 -10.15
C TRP C 71 15.11 21.18 -9.48
N PHE C 72 15.53 20.44 -8.46
CA PHE C 72 14.64 19.52 -7.78
C PHE C 72 14.61 19.77 -6.28
N PRO C 73 13.50 19.47 -5.63
CA PRO C 73 13.33 19.64 -4.19
C PRO C 73 13.74 18.32 -3.52
N PHE C 74 14.69 17.65 -4.16
CA PHE C 74 15.18 16.37 -3.66
C PHE C 74 16.54 16.09 -4.27
N ASN C 75 17.15 15.00 -3.83
CA ASN C 75 18.44 14.60 -4.37
C ASN C 75 18.47 13.08 -4.56
N SER C 76 19.63 12.52 -4.86
CA SER C 76 19.69 11.09 -5.09
C SER C 76 19.27 10.25 -3.88
N MET C 77 19.29 10.84 -2.69
CA MET C 77 18.93 10.07 -1.52
C MET C 77 17.46 10.20 -1.12
N SER C 78 16.66 10.89 -1.92
CA SER C 78 15.25 11.08 -1.59
C SER C 78 14.42 9.92 -2.12
N SER C 79 13.43 9.47 -1.34
CA SER C 79 12.60 8.37 -1.82
C SER C 79 11.72 8.86 -2.97
N GLY C 80 11.36 7.94 -3.85
CA GLY C 80 10.56 8.30 -5.02
C GLY C 80 11.44 9.02 -6.00
N VAL C 81 12.73 8.72 -5.90
CA VAL C 81 13.75 9.32 -6.73
C VAL C 81 14.82 8.30 -7.07
N LYS C 82 15.13 8.19 -8.36
CA LYS C 82 16.13 7.24 -8.83
C LYS C 82 17.12 7.91 -9.81
N LYS C 83 18.38 7.47 -9.73
CA LYS C 83 19.46 7.95 -10.60
C LYS C 83 19.29 7.29 -11.95
N GLU C 84 19.77 7.94 -13.01
CA GLU C 84 19.61 7.35 -14.32
C GLU C 84 20.57 7.85 -15.38
N PHE C 85 21.39 6.95 -15.88
CA PHE C 85 22.38 7.29 -16.90
C PHE C 85 21.83 8.14 -18.07
N GLY C 86 22.71 8.93 -18.64
CA GLY C 86 22.41 9.81 -19.75
C GLY C 86 23.75 10.45 -20.03
N HIS C 87 24.19 10.49 -21.28
CA HIS C 87 25.50 11.08 -21.60
C HIS C 87 25.51 12.57 -21.44
N GLU C 88 24.37 13.17 -21.72
CA GLU C 88 24.17 14.61 -21.69
C GLU C 88 23.87 15.25 -20.33
N PHE C 89 23.73 14.43 -19.27
CA PHE C 89 23.42 14.96 -17.96
C PHE C 89 24.55 14.96 -16.94
N ASP C 90 24.48 15.92 -16.02
CA ASP C 90 25.42 16.06 -14.92
C ASP C 90 24.63 16.38 -13.66
N LEU C 91 24.82 15.56 -12.62
CA LEU C 91 24.12 15.78 -11.35
C LEU C 91 24.97 16.57 -10.38
N TYR C 92 24.34 17.59 -9.79
CA TYR C 92 24.98 18.45 -8.81
C TYR C 92 24.08 18.54 -7.59
N GLU C 93 24.47 17.88 -6.50
CA GLU C 93 23.70 17.90 -5.28
C GLU C 93 24.25 18.92 -4.27
N ASN C 94 23.33 19.59 -3.59
CA ASN C 94 23.67 20.60 -2.60
C ASN C 94 24.19 19.89 -1.37
N LYS C 95 25.40 20.26 -0.92
CA LYS C 95 26.01 19.62 0.23
C LYS C 95 25.21 19.77 1.51
N ASP C 96 24.37 20.81 1.50
CA ASP C 96 23.49 21.14 2.63
C ASP C 96 22.42 20.08 2.88
N TYR C 97 22.33 19.07 2.01
CA TYR C 97 21.32 18.03 2.15
C TYR C 97 21.88 16.63 1.98
N ILE C 98 23.20 16.51 2.06
CA ILE C 98 23.84 15.23 1.98
C ILE C 98 24.39 15.02 3.37
N ARG C 99 23.76 14.11 4.12
CA ARG C 99 24.15 13.82 5.50
C ARG C 99 25.64 13.93 5.66
N ASN C 100 26.08 14.72 6.62
CA ASN C 100 27.50 14.87 6.83
C ASN C 100 27.82 14.22 8.13
N CYS C 101 26.84 13.44 8.57
CA CYS C 101 27.06 12.70 9.78
C CYS C 101 26.97 11.25 9.36
N ILE C 102 27.61 10.39 10.14
CA ILE C 102 27.59 8.98 9.82
C ILE C 102 26.85 8.16 10.87
N ILE C 103 26.36 7.01 10.45
CA ILE C 103 25.68 6.06 11.33
C ILE C 103 26.66 4.90 11.57
N GLY C 104 27.29 4.90 12.74
CA GLY C 104 28.22 3.82 13.05
C GLY C 104 29.57 3.86 12.35
N LYS C 105 29.72 3.01 11.34
CA LYS C 105 30.98 2.89 10.60
C LYS C 105 31.15 3.79 9.39
N GLY C 106 30.05 4.27 8.84
CA GLY C 106 30.12 5.17 7.71
C GLY C 106 30.16 4.50 6.37
N ARG C 107 29.76 3.23 6.32
CA ARG C 107 29.82 2.45 5.10
C ARG C 107 29.18 3.17 3.93
N SER C 108 28.33 4.12 4.24
CA SER C 108 27.62 4.83 3.20
C SER C 108 27.81 6.35 3.22
N TYR C 109 28.74 6.83 4.03
CA TYR C 109 28.99 8.25 4.06
C TYR C 109 29.33 8.78 2.67
N LYS C 110 28.46 9.65 2.17
CA LYS C 110 28.61 10.26 0.86
C LYS C 110 28.83 11.79 0.91
N GLY C 111 29.32 12.29 2.04
CA GLY C 111 29.55 13.73 2.19
C GLY C 111 30.76 14.18 1.41
N THR C 112 31.13 15.46 1.54
CA THR C 112 32.28 15.96 0.81
C THR C 112 33.45 16.44 1.65
N VAL C 113 33.59 15.96 2.88
CA VAL C 113 34.73 16.35 3.69
C VAL C 113 35.97 15.72 3.05
N SER C 114 37.05 16.49 2.97
CA SER C 114 38.27 15.98 2.36
C SER C 114 39.50 16.37 3.16
N ILE C 115 39.41 16.18 4.47
CA ILE C 115 40.48 16.51 5.34
C ILE C 115 40.61 15.45 6.43
N THR C 116 41.84 15.18 6.82
CA THR C 116 42.10 14.20 7.87
C THR C 116 41.93 14.93 9.19
N LYS C 117 41.67 14.18 10.26
CA LYS C 117 41.45 14.82 11.56
C LYS C 117 42.67 15.60 12.03
N SER C 118 43.77 15.47 11.30
CA SER C 118 44.99 16.18 11.63
C SER C 118 45.11 17.39 10.71
N GLY C 119 44.08 17.62 9.91
CA GLY C 119 44.09 18.75 9.01
C GLY C 119 44.85 18.58 7.71
N ILE C 120 45.12 17.34 7.32
CA ILE C 120 45.82 17.12 6.06
C ILE C 120 44.79 17.02 4.94
N LYS C 121 45.11 17.63 3.80
CA LYS C 121 44.21 17.58 2.65
C LYS C 121 44.29 16.18 2.07
N CYS C 122 43.15 15.64 1.64
CA CYS C 122 43.15 14.30 1.11
C CYS C 122 43.74 14.19 -0.28
N GLN C 123 44.15 12.99 -0.64
CA GLN C 123 44.71 12.71 -1.96
C GLN C 123 43.59 12.15 -2.83
N PRO C 124 43.50 12.58 -4.09
CA PRO C 124 42.45 12.06 -4.96
C PRO C 124 42.56 10.54 -5.01
N TRP C 125 41.44 9.84 -4.99
CA TRP C 125 41.52 8.40 -5.06
C TRP C 125 42.08 7.98 -6.41
N SER C 126 41.72 8.71 -7.46
CA SER C 126 42.19 8.39 -8.80
C SER C 126 43.70 8.56 -8.94
N SER C 127 44.31 9.34 -8.04
CA SER C 127 45.76 9.53 -8.11
C SER C 127 46.57 8.45 -7.40
N MET C 128 47.86 8.39 -7.75
CA MET C 128 48.78 7.44 -7.15
C MET C 128 49.88 8.25 -6.49
N ILE C 129 49.68 9.55 -6.42
CA ILE C 129 50.66 10.42 -5.82
C ILE C 129 50.04 11.23 -4.70
N PRO C 130 50.75 11.34 -3.57
CA PRO C 130 52.07 10.75 -3.33
C PRO C 130 51.98 9.31 -2.85
N HIS C 131 50.80 8.70 -2.95
CA HIS C 131 50.66 7.33 -2.49
C HIS C 131 50.01 6.40 -3.47
N GLU C 132 50.75 5.35 -3.77
CA GLU C 132 50.34 4.32 -4.71
C GLU C 132 49.38 3.38 -3.95
N HIS C 133 48.15 3.21 -4.47
CA HIS C 133 47.19 2.36 -3.78
C HIS C 133 46.33 1.57 -4.72
N SER C 134 45.72 0.53 -4.18
CA SER C 134 44.91 -0.38 -4.94
C SER C 134 43.46 -0.01 -5.00
N PHE C 135 43.05 0.91 -4.14
CA PHE C 135 41.64 1.31 -4.10
C PHE C 135 41.25 1.94 -5.40
N LEU C 136 41.03 1.08 -6.38
CA LEU C 136 40.66 1.50 -7.71
C LEU C 136 39.17 1.45 -7.85
N PRO C 137 38.55 2.57 -8.24
CA PRO C 137 37.10 2.56 -8.40
C PRO C 137 36.70 1.30 -9.19
N SER C 138 37.60 0.89 -10.08
CA SER C 138 37.40 -0.29 -10.89
C SER C 138 36.79 -1.40 -10.04
N SER C 139 37.38 -1.64 -8.87
CA SER C 139 36.91 -2.67 -7.97
C SER C 139 36.32 -2.05 -6.72
N TYR C 140 35.66 -0.91 -6.89
CA TYR C 140 35.06 -0.21 -5.75
C TYR C 140 33.92 0.72 -6.12
N ARG C 141 33.20 0.40 -7.18
CA ARG C 141 32.07 1.24 -7.62
C ARG C 141 31.04 1.42 -6.50
N GLY C 142 30.15 2.39 -6.66
CA GLY C 142 29.11 2.60 -5.67
C GLY C 142 29.61 3.08 -4.33
N LYS C 143 30.93 2.95 -4.14
CA LYS C 143 31.60 3.38 -2.93
C LYS C 143 32.00 4.84 -3.10
N ASP C 144 31.44 5.46 -4.12
CA ASP C 144 31.67 6.86 -4.45
C ASP C 144 33.08 7.38 -4.13
N LEU C 145 34.11 6.65 -4.56
CA LEU C 145 35.46 7.08 -4.32
C LEU C 145 35.82 8.15 -5.35
N GLN C 146 35.10 9.27 -5.30
CA GLN C 146 35.37 10.33 -6.25
C GLN C 146 36.15 11.45 -5.62
N GLU C 147 36.78 12.29 -6.44
CA GLU C 147 37.58 13.42 -5.95
C GLU C 147 38.53 12.96 -4.86
N ASN C 148 38.51 13.64 -3.72
CA ASN C 148 39.38 13.26 -2.61
C ASN C 148 38.59 13.25 -1.31
N TYR C 149 37.32 12.87 -1.41
CA TYR C 149 36.44 12.83 -0.25
C TYR C 149 36.72 11.62 0.65
N CYS C 150 36.67 11.86 1.96
CA CYS C 150 36.88 10.82 2.94
C CYS C 150 35.80 9.77 2.68
N ARG C 151 36.20 8.52 2.69
CA ARG C 151 35.27 7.45 2.46
C ARG C 151 35.71 6.26 3.30
N ASN C 152 34.91 5.20 3.27
CA ASN C 152 35.21 3.99 4.01
C ASN C 152 34.65 2.87 3.16
N PRO C 153 35.28 2.64 2.00
CA PRO C 153 34.88 1.62 1.04
C PRO C 153 34.88 0.18 1.54
N ARG C 154 35.48 -0.06 2.69
CA ARG C 154 35.48 -1.41 3.19
C ARG C 154 34.75 -1.51 4.52
N GLY C 155 34.05 -0.43 4.87
CA GLY C 155 33.30 -0.39 6.12
C GLY C 155 34.08 -0.89 7.30
N GLU C 156 35.35 -0.53 7.38
CA GLU C 156 36.20 -0.96 8.46
C GLU C 156 35.95 -0.06 9.66
N GLU C 157 36.21 -0.56 10.86
CA GLU C 157 36.05 0.25 12.06
C GLU C 157 36.96 1.43 11.72
N GLY C 158 36.78 2.55 12.39
CA GLY C 158 37.63 3.70 12.11
C GLY C 158 36.90 4.68 11.21
N GLY C 159 35.83 4.19 10.60
CA GLY C 159 35.01 5.02 9.72
C GLY C 159 35.78 5.61 8.57
N PRO C 160 35.22 6.65 7.91
CA PRO C 160 35.82 7.33 6.76
C PRO C 160 37.26 7.78 6.94
N TRP C 161 38.04 7.54 5.89
CA TRP C 161 39.45 7.90 5.86
C TRP C 161 39.81 8.31 4.44
N CYS C 162 41.09 8.56 4.21
CA CYS C 162 41.55 8.94 2.89
C CYS C 162 43.06 8.95 2.86
N PHE C 163 43.64 8.86 1.67
CA PHE C 163 45.07 8.91 1.55
C PHE C 163 45.44 10.38 1.66
N THR C 164 46.37 10.73 2.54
CA THR C 164 46.74 12.13 2.71
C THR C 164 47.76 12.64 1.70
N SER C 165 47.66 13.91 1.36
CA SER C 165 48.56 14.53 0.39
C SER C 165 49.96 14.71 0.96
N ASN C 166 50.13 14.35 2.23
CA ASN C 166 51.43 14.44 2.89
C ASN C 166 52.19 13.14 2.66
N PRO C 167 53.32 13.20 1.94
CA PRO C 167 54.10 12.00 1.66
C PRO C 167 54.45 11.25 2.92
N GLU C 168 54.59 11.98 4.03
CA GLU C 168 54.95 11.36 5.28
C GLU C 168 53.81 10.54 5.87
N VAL C 169 52.59 10.95 5.60
CA VAL C 169 51.42 10.25 6.13
C VAL C 169 50.66 9.58 5.00
N ARG C 170 50.76 8.26 4.89
CA ARG C 170 50.06 7.55 3.82
C ARG C 170 48.56 7.74 3.87
N TYR C 171 47.95 7.58 5.04
CA TYR C 171 46.50 7.75 5.18
C TYR C 171 46.16 8.08 6.61
N GLU C 172 44.94 8.53 6.84
CA GLU C 172 44.46 8.88 8.16
C GLU C 172 42.95 9.02 8.12
N VAL C 173 42.32 8.87 9.27
CA VAL C 173 40.87 8.98 9.34
C VAL C 173 40.46 10.44 9.36
N CYS C 174 39.17 10.68 9.06
CA CYS C 174 38.65 12.03 9.06
C CYS C 174 37.70 12.20 10.21
N ASP C 175 37.65 13.42 10.75
CA ASP C 175 36.79 13.76 11.87
C ASP C 175 35.34 13.94 11.42
N ILE C 176 34.61 12.85 11.23
CA ILE C 176 33.23 12.99 10.79
C ILE C 176 32.29 12.50 11.88
N PRO C 177 31.51 13.43 12.44
CA PRO C 177 30.54 13.20 13.52
C PRO C 177 29.47 12.12 13.29
N GLN C 178 29.00 11.53 14.39
CA GLN C 178 27.97 10.48 14.39
C GLN C 178 26.64 11.22 14.47
N CYS C 179 25.63 10.77 13.74
CA CYS C 179 24.33 11.44 13.76
C CYS C 179 23.74 11.35 15.15
N SER C 180 24.08 10.27 15.85
CA SER C 180 23.61 10.01 17.22
C SER C 180 23.87 11.22 18.11
N GLU C 181 25.06 11.79 17.93
CA GLU C 181 25.55 12.97 18.64
C GLU C 181 26.91 12.69 19.24
N VAL C 182 27.91 13.16 18.63
N ASN D 10 35.49 35.62 1.26
CA ASN D 10 34.76 34.97 0.13
C ASN D 10 34.20 33.62 0.59
N THR D 11 34.50 33.29 1.85
CA THR D 11 34.04 32.03 2.44
C THR D 11 33.24 32.27 3.71
N ILE D 12 33.44 33.43 4.35
CA ILE D 12 32.74 33.73 5.60
C ILE D 12 31.25 33.43 5.61
N HIS D 13 30.64 33.40 4.43
CA HIS D 13 29.22 33.14 4.34
C HIS D 13 28.90 31.67 4.58
N GLU D 14 29.88 30.82 4.36
CA GLU D 14 29.70 29.39 4.52
C GLU D 14 29.76 28.99 5.98
N PHE D 15 29.90 29.98 6.85
CA PHE D 15 29.95 29.74 8.29
C PHE D 15 28.69 30.27 8.95
N LYS D 16 28.23 29.55 9.96
CA LYS D 16 27.05 29.96 10.70
C LYS D 16 27.54 30.89 11.78
N LYS D 17 27.36 32.19 11.58
CA LYS D 17 27.81 33.19 12.55
C LYS D 17 26.92 33.31 13.77
N SER D 18 27.57 33.61 14.90
CA SER D 18 26.90 33.82 16.17
C SER D 18 27.56 35.05 16.77
N ALA D 19 27.00 36.21 16.47
CA ALA D 19 27.53 37.48 16.95
C ALA D 19 27.75 37.53 18.46
N LYS D 20 28.76 38.29 18.86
CA LYS D 20 29.10 38.48 20.27
C LYS D 20 29.13 37.15 20.99
N THR D 21 29.90 36.21 20.46
CA THR D 21 29.99 34.90 21.08
C THR D 21 31.41 34.36 20.95
N THR D 22 31.74 33.35 21.77
CA THR D 22 33.06 32.75 21.75
C THR D 22 33.05 31.46 22.56
N LEU D 23 34.02 30.60 22.28
CA LEU D 23 34.10 29.33 22.99
C LEU D 23 35.23 29.24 24.00
N ILE D 24 35.03 28.36 24.97
CA ILE D 24 35.98 28.11 26.03
C ILE D 24 36.41 26.66 25.96
N LYS D 25 37.73 26.48 25.90
CA LYS D 25 38.35 25.17 25.83
C LYS D 25 38.58 24.60 27.22
N ILE D 26 37.95 23.48 27.51
CA ILE D 26 38.10 22.82 28.81
C ILE D 26 38.99 21.59 28.59
N ASP D 27 38.40 20.39 28.60
CA ASP D 27 39.15 19.16 28.40
C ASP D 27 40.36 19.46 27.52
N PRO D 28 41.56 19.55 28.13
CA PRO D 28 42.84 19.83 27.48
C PRO D 28 43.28 18.82 26.44
N ALA D 29 44.58 18.79 26.18
CA ALA D 29 45.17 17.90 25.19
C ALA D 29 44.71 18.42 23.83
N LEU D 30 44.21 19.66 23.82
CA LEU D 30 43.74 20.30 22.60
C LEU D 30 44.66 21.39 22.09
N LYS D 31 44.39 21.85 20.88
CA LYS D 31 45.18 22.91 20.25
C LYS D 31 44.24 24.05 19.87
N ILE D 32 44.82 25.24 19.71
CA ILE D 32 44.04 26.42 19.35
C ILE D 32 44.91 27.37 18.57
N LYS D 33 45.20 27.05 17.33
CA LYS D 33 46.02 27.95 16.54
C LYS D 33 45.44 29.36 16.58
N THR D 34 46.23 30.31 17.07
CA THR D 34 45.83 31.72 17.15
C THR D 34 46.81 32.52 16.32
N LYS D 35 46.36 33.62 15.71
CA LYS D 35 47.23 34.44 14.87
C LYS D 35 46.61 35.79 14.57
N LYS D 36 47.37 36.85 14.84
CA LYS D 36 46.89 38.22 14.58
C LYS D 36 46.50 38.39 13.12
N VAL D 37 45.48 39.21 12.84
CA VAL D 37 45.04 39.41 11.46
C VAL D 37 44.27 40.70 11.25
N ASN D 38 44.10 41.09 9.98
CA ASN D 38 43.36 42.29 9.65
C ASN D 38 41.86 42.08 9.79
N THR D 39 41.27 41.38 8.82
CA THR D 39 39.84 41.10 8.76
C THR D 39 39.47 39.66 9.15
N ALA D 40 38.19 39.46 9.48
CA ALA D 40 37.71 38.14 9.86
C ALA D 40 37.80 37.21 8.66
N ASP D 41 37.64 37.77 7.46
CA ASP D 41 37.69 37.01 6.22
C ASP D 41 38.94 36.15 6.16
N GLN D 42 40.06 36.74 6.55
CA GLN D 42 41.31 36.01 6.52
C GLN D 42 41.10 34.75 7.36
N CYS D 43 40.50 34.89 8.54
CA CYS D 43 40.24 33.74 9.41
C CYS D 43 39.49 32.66 8.66
N ALA D 44 38.40 33.07 8.03
CA ALA D 44 37.55 32.18 7.26
C ALA D 44 38.34 31.38 6.25
N ASP D 45 39.05 32.08 5.36
CA ASP D 45 39.85 31.42 4.33
C ASP D 45 40.81 30.42 4.96
N ARG D 46 41.53 30.86 5.97
CA ARG D 46 42.47 30.01 6.69
C ARG D 46 41.74 28.75 7.12
N CYS D 47 40.57 28.95 7.70
CA CYS D 47 39.75 27.86 8.18
C CYS D 47 39.15 27.00 7.09
N THR D 48 38.69 27.64 6.01
CA THR D 48 38.11 26.91 4.90
C THR D 48 39.16 26.01 4.24
N ARG D 49 40.25 26.60 3.79
CA ARG D 49 41.32 25.87 3.13
C ARG D 49 42.12 25.07 4.16
N ASN D 50 41.84 25.32 5.43
CA ASN D 50 42.51 24.63 6.53
C ASN D 50 44.03 24.69 6.38
N LYS D 51 44.52 25.87 6.01
CA LYS D 51 45.96 26.07 5.83
C LYS D 51 46.72 26.24 7.14
N GLY D 52 47.90 25.63 7.21
CA GLY D 52 48.71 25.75 8.41
C GLY D 52 47.98 25.51 9.70
N LEU D 53 47.15 24.47 9.71
CA LEU D 53 46.39 24.11 10.89
C LEU D 53 46.58 22.62 11.13
N PRO D 54 47.09 22.26 12.31
CA PRO D 54 47.35 20.87 12.70
C PRO D 54 46.10 20.08 13.05
N PHE D 55 44.95 20.51 12.51
CA PHE D 55 43.70 19.82 12.77
C PHE D 55 42.61 20.29 11.83
N THR D 56 41.42 19.74 12.01
CA THR D 56 40.27 20.09 11.18
C THR D 56 39.63 21.34 11.79
N CYS D 57 39.64 22.45 11.06
CA CYS D 57 39.05 23.68 11.58
C CYS D 57 37.52 23.61 11.51
N LYS D 58 36.89 23.38 12.66
CA LYS D 58 35.44 23.25 12.71
C LYS D 58 34.74 24.55 13.05
N ALA D 59 35.50 25.50 13.57
CA ALA D 59 34.95 26.79 13.95
C ALA D 59 36.07 27.76 14.24
N PHE D 60 35.78 29.05 14.16
CA PHE D 60 36.76 30.07 14.44
C PHE D 60 36.09 31.32 14.98
N VAL D 61 36.72 31.94 15.97
CA VAL D 61 36.19 33.15 16.58
C VAL D 61 37.09 34.32 16.19
N PHE D 62 36.47 35.44 15.81
CA PHE D 62 37.24 36.61 15.43
C PHE D 62 37.15 37.68 16.50
N ASP D 63 38.29 38.19 16.92
CA ASP D 63 38.31 39.22 17.94
C ASP D 63 38.41 40.59 17.28
N LYS D 64 37.28 41.25 17.07
CA LYS D 64 37.28 42.57 16.44
C LYS D 64 38.20 43.54 17.21
N ALA D 65 38.37 43.31 18.52
CA ALA D 65 39.23 44.17 19.31
C ALA D 65 40.70 43.93 18.95
N ARG D 66 41.25 42.79 19.40
CA ARG D 66 42.63 42.44 19.10
C ARG D 66 42.82 42.07 17.63
N LYS D 67 41.74 42.17 16.85
CA LYS D 67 41.75 41.83 15.43
C LYS D 67 42.62 40.60 15.14
N GLN D 68 42.24 39.46 15.73
CA GLN D 68 42.97 38.22 15.52
C GLN D 68 42.04 37.00 15.46
N CYS D 69 42.50 35.92 14.85
CA CYS D 69 41.69 34.71 14.71
C CYS D 69 41.95 33.65 15.77
N LEU D 70 40.92 32.87 16.05
CA LEU D 70 40.99 31.78 17.01
C LEU D 70 40.37 30.55 16.37
N TRP D 71 41.20 29.79 15.67
CA TRP D 71 40.77 28.58 14.99
C TRP D 71 40.64 27.38 15.93
N PHE D 72 39.45 26.81 16.03
CA PHE D 72 39.20 25.66 16.90
C PHE D 72 38.88 24.38 16.14
N PRO D 73 39.38 23.22 16.64
CA PRO D 73 39.15 21.90 16.05
C PRO D 73 37.90 21.30 16.69
N PHE D 74 36.93 22.16 16.95
CA PHE D 74 35.67 21.77 17.58
C PHE D 74 34.70 22.94 17.45
N ASN D 75 33.47 22.75 17.91
CA ASN D 75 32.47 23.82 17.86
C ASN D 75 31.60 23.83 19.12
N SER D 76 30.65 24.75 19.16
CA SER D 76 29.75 24.91 20.29
C SER D 76 29.08 23.62 20.76
N MET D 77 28.89 22.68 19.86
CA MET D 77 28.24 21.43 20.23
C MET D 77 29.27 20.36 20.58
N SER D 78 30.53 20.77 20.67
CA SER D 78 31.60 19.85 21.03
C SER D 78 31.68 19.69 22.55
N SER D 79 31.49 18.45 23.00
CA SER D 79 31.55 18.15 24.42
C SER D 79 32.95 18.53 24.89
N GLY D 80 33.02 19.50 25.82
CA GLY D 80 34.31 19.93 26.33
C GLY D 80 34.52 21.42 26.16
N VAL D 81 33.48 22.12 25.71
CA VAL D 81 33.54 23.55 25.52
C VAL D 81 32.24 24.23 25.87
N LYS D 82 32.35 25.53 26.11
CA LYS D 82 31.24 26.36 26.49
C LYS D 82 31.39 27.70 25.76
N LYS D 83 30.29 28.42 25.61
CA LYS D 83 30.34 29.71 24.94
C LYS D 83 30.10 30.84 25.94
N GLU D 84 30.40 32.06 25.53
CA GLU D 84 30.19 33.23 26.37
C GLU D 84 29.98 34.44 25.48
N PHE D 85 29.78 35.61 26.08
CA PHE D 85 29.57 36.83 25.30
C PHE D 85 30.83 37.68 25.12
N GLY D 86 30.67 38.78 24.37
CA GLY D 86 31.77 39.68 24.09
C GLY D 86 31.33 40.55 22.92
N HIS D 87 30.89 41.77 23.21
CA HIS D 87 30.42 42.72 22.19
C HIS D 87 31.42 42.85 21.04
N GLU D 88 32.59 42.26 21.22
CA GLU D 88 33.65 42.29 20.23
C GLU D 88 33.72 41.00 19.41
N PHE D 89 33.20 39.90 20.00
CA PHE D 89 33.24 38.57 19.38
C PHE D 89 32.20 38.13 18.34
N ASP D 90 32.70 37.37 17.38
CA ASP D 90 31.90 36.83 16.29
C ASP D 90 32.32 35.39 16.01
N LEU D 91 31.55 34.44 16.54
CA LEU D 91 31.83 33.02 16.33
C LEU D 91 31.35 32.56 14.96
N TYR D 92 32.16 31.74 14.30
CA TYR D 92 31.83 31.23 12.98
C TYR D 92 31.99 29.73 12.98
N GLU D 93 30.89 29.00 12.93
CA GLU D 93 30.96 27.55 12.93
C GLU D 93 30.88 26.99 11.53
N ASN D 94 31.79 26.08 11.22
CA ASN D 94 31.84 25.44 9.93
C ASN D 94 30.58 24.59 9.77
N LYS D 95 29.82 24.85 8.70
CA LYS D 95 28.59 24.11 8.48
C LYS D 95 28.76 22.63 8.29
N ASP D 96 29.86 22.23 7.65
CA ASP D 96 30.14 20.82 7.41
C ASP D 96 30.25 20.03 8.71
N TYR D 97 30.07 20.69 9.84
CA TYR D 97 30.17 20.01 11.11
C TYR D 97 29.03 20.29 12.03
N ILE D 98 27.97 20.84 11.47
CA ILE D 98 26.75 21.13 12.22
C ILE D 98 25.75 20.18 11.59
N ARG D 99 25.47 19.07 12.26
CA ARG D 99 24.56 18.09 11.72
C ARG D 99 23.48 18.74 10.91
N ASN D 100 23.33 18.28 9.66
CA ASN D 100 22.32 18.84 8.78
C ASN D 100 21.14 17.97 8.50
N CYS D 101 20.84 17.07 9.42
CA CYS D 101 19.66 16.23 9.28
C CYS D 101 19.07 16.24 10.68
N ILE D 102 17.78 15.93 10.78
CA ILE D 102 17.11 15.93 12.07
C ILE D 102 16.67 14.55 12.54
N ILE D 103 16.60 14.39 13.86
CA ILE D 103 16.16 13.16 14.47
C ILE D 103 14.78 13.43 15.04
N GLY D 104 13.78 12.80 14.47
CA GLY D 104 12.44 12.99 14.96
C GLY D 104 11.90 14.36 14.63
N LYS D 105 11.39 15.04 15.65
CA LYS D 105 10.82 16.36 15.48
C LYS D 105 11.89 17.40 15.11
N GLY D 106 13.14 17.17 15.52
CA GLY D 106 14.19 18.11 15.20
C GLY D 106 14.29 19.23 16.23
N ARG D 107 13.93 18.90 17.46
CA ARG D 107 13.97 19.85 18.54
C ARG D 107 15.31 20.57 18.64
N SER D 108 16.40 19.85 18.40
CA SER D 108 17.73 20.45 18.52
C SER D 108 18.42 20.84 17.23
N TYR D 109 17.68 20.82 16.11
CA TYR D 109 18.26 21.22 14.84
C TYR D 109 18.92 22.60 14.94
N LYS D 110 20.15 22.71 14.48
CA LYS D 110 20.83 23.99 14.53
C LYS D 110 21.51 24.23 13.21
N GLY D 111 20.92 23.68 12.15
CA GLY D 111 21.48 23.86 10.83
C GLY D 111 21.22 25.27 10.38
N THR D 112 21.53 25.58 9.13
CA THR D 112 21.31 26.92 8.66
C THR D 112 20.30 27.03 7.54
N VAL D 113 19.45 26.02 7.37
CA VAL D 113 18.45 26.11 6.31
C VAL D 113 17.48 27.26 6.65
N SER D 114 17.26 28.15 5.70
CA SER D 114 16.38 29.28 5.95
C SER D 114 15.33 29.48 4.86
N ILE D 115 14.86 28.36 4.30
CA ILE D 115 13.84 28.40 3.26
C ILE D 115 12.73 27.42 3.62
N THR D 116 11.49 27.79 3.32
CA THR D 116 10.36 26.91 3.60
C THR D 116 10.21 25.83 2.52
N LYS D 117 9.36 24.85 2.80
CA LYS D 117 9.09 23.77 1.85
C LYS D 117 8.69 24.35 0.48
N SER D 118 7.96 25.48 0.51
CA SER D 118 7.48 26.19 -0.69
C SER D 118 8.52 27.11 -1.29
N GLY D 119 9.72 27.10 -0.72
CA GLY D 119 10.78 27.94 -1.25
C GLY D 119 10.73 29.40 -0.81
N ILE D 120 9.99 29.67 0.25
CA ILE D 120 9.89 31.05 0.75
C ILE D 120 11.04 31.30 1.73
N LYS D 121 11.67 32.47 1.58
CA LYS D 121 12.78 32.85 2.44
C LYS D 121 12.20 33.11 3.83
N CYS D 122 12.82 32.55 4.85
CA CYS D 122 12.32 32.75 6.19
C CYS D 122 12.45 34.19 6.63
N GLN D 123 11.64 34.56 7.61
CA GLN D 123 11.67 35.89 8.20
C GLN D 123 12.57 35.77 9.42
N PRO D 124 13.37 36.81 9.72
CA PRO D 124 14.27 36.77 10.88
C PRO D 124 13.41 36.65 12.14
N TRP D 125 13.87 35.88 13.12
CA TRP D 125 13.11 35.73 14.35
C TRP D 125 13.06 37.02 15.16
N SER D 126 14.12 37.81 15.09
CA SER D 126 14.19 39.05 15.82
C SER D 126 13.25 40.08 15.24
N SER D 127 12.79 39.86 14.02
CA SER D 127 11.91 40.81 13.37
C SER D 127 10.44 40.55 13.66
N MET D 128 9.65 41.61 13.65
CA MET D 128 8.21 41.49 13.90
C MET D 128 7.45 41.76 12.61
N ILE D 129 8.18 41.90 11.51
CA ILE D 129 7.56 42.12 10.23
C ILE D 129 8.18 41.17 9.23
N PRO D 130 7.37 40.71 8.27
CA PRO D 130 5.96 41.06 8.14
C PRO D 130 5.06 40.40 9.17
N HIS D 131 5.60 39.51 9.97
CA HIS D 131 4.76 38.82 10.94
C HIS D 131 5.17 39.06 12.38
N GLU D 132 4.18 39.49 13.16
CA GLU D 132 4.39 39.78 14.56
C GLU D 132 4.29 38.45 15.29
N HIS D 133 5.16 38.23 16.26
CA HIS D 133 5.12 36.96 16.94
C HIS D 133 5.79 37.00 18.29
N SER D 134 5.59 35.90 19.03
CA SER D 134 6.11 35.74 20.39
C SER D 134 7.41 34.94 20.45
N PHE D 135 7.82 34.37 19.32
CA PHE D 135 9.06 33.60 19.29
C PHE D 135 10.35 34.42 19.14
N LEU D 136 10.62 35.33 20.05
CA LEU D 136 11.87 36.08 19.98
C LEU D 136 12.93 35.22 20.63
N PRO D 137 14.21 35.54 20.38
CA PRO D 137 15.29 34.77 20.99
C PRO D 137 15.16 34.86 22.51
N SER D 138 14.76 36.02 23.00
CA SER D 138 14.59 36.28 24.42
C SER D 138 13.57 35.33 25.06
N SER D 139 12.60 34.90 24.27
CA SER D 139 11.56 34.02 24.77
C SER D 139 11.90 32.55 24.67
N TYR D 140 13.10 32.21 24.17
CA TYR D 140 13.48 30.80 24.02
C TYR D 140 14.96 30.38 24.12
N ARG D 141 15.81 31.11 24.84
CA ARG D 141 17.23 30.75 25.00
C ARG D 141 17.55 29.22 24.96
N GLY D 142 18.54 28.83 24.12
CA GLY D 142 18.96 27.44 23.93
C GLY D 142 18.46 26.85 22.62
N LYS D 143 17.28 27.33 22.22
CA LYS D 143 16.64 26.90 20.99
C LYS D 143 17.22 27.64 19.76
N ASP D 144 18.41 28.19 19.91
CA ASP D 144 19.13 28.89 18.85
C ASP D 144 18.24 29.54 17.80
N LEU D 145 17.48 30.55 18.20
CA LEU D 145 16.60 31.26 17.28
C LEU D 145 17.36 32.46 16.73
N GLN D 146 18.39 32.17 15.95
CA GLN D 146 19.26 33.18 15.32
C GLN D 146 18.81 33.46 13.89
N GLU D 147 19.38 34.50 13.29
CA GLU D 147 19.08 34.87 11.91
C GLU D 147 17.64 34.53 11.54
N ASN D 148 17.48 33.71 10.51
CA ASN D 148 16.15 33.32 10.09
C ASN D 148 16.16 31.82 9.79
N TYR D 149 16.89 31.09 10.62
CA TYR D 149 17.00 29.65 10.44
C TYR D 149 15.73 28.93 10.82
N CYS D 150 15.46 27.82 10.14
CA CYS D 150 14.31 27.01 10.44
C CYS D 150 14.56 26.40 11.82
N ARG D 151 13.56 26.42 12.69
CA ARG D 151 13.72 25.86 14.01
C ARG D 151 12.43 25.26 14.49
N ASN D 152 12.52 24.47 15.55
CA ASN D 152 11.36 23.83 16.15
C ASN D 152 11.54 24.08 17.64
N PRO D 153 11.45 25.35 18.05
CA PRO D 153 11.62 25.78 19.43
C PRO D 153 10.74 25.03 20.44
N ARG D 154 9.56 24.60 20.02
CA ARG D 154 8.64 23.89 20.90
C ARG D 154 8.59 22.39 20.60
N GLY D 155 9.59 21.88 19.90
CA GLY D 155 9.60 20.47 19.59
C GLY D 155 8.23 19.95 19.24
N GLU D 156 7.41 20.79 18.63
CA GLU D 156 6.09 20.35 18.25
C GLU D 156 6.27 19.38 17.07
N GLU D 157 5.16 18.78 16.63
CA GLU D 157 5.19 17.87 15.48
C GLU D 157 5.16 18.77 14.24
N GLY D 158 5.88 18.41 13.19
CA GLY D 158 5.89 19.23 11.98
C GLY D 158 7.34 19.55 11.68
N GLY D 159 8.16 19.40 12.72
CA GLY D 159 9.58 19.65 12.59
C GLY D 159 9.90 21.11 12.42
N PRO D 160 11.16 21.44 12.16
CA PRO D 160 11.53 22.84 12.00
C PRO D 160 10.59 23.59 11.06
N TRP D 161 10.41 24.87 11.36
CA TRP D 161 9.56 25.76 10.59
C TRP D 161 10.11 27.17 10.78
N CYS D 162 9.42 28.17 10.24
CA CYS D 162 9.83 29.55 10.39
C CYS D 162 8.78 30.52 9.84
N PHE D 163 8.80 31.76 10.29
CA PHE D 163 7.85 32.71 9.77
C PHE D 163 8.41 33.07 8.38
N THR D 164 7.54 33.13 7.39
CA THR D 164 7.98 33.42 6.03
C THR D 164 8.02 34.91 5.73
N SER D 165 8.87 35.30 4.78
CA SER D 165 9.02 36.70 4.41
C SER D 165 7.87 37.12 3.49
N ASN D 166 6.98 36.17 3.23
CA ASN D 166 5.81 36.42 2.40
C ASN D 166 4.69 36.84 3.32
N PRO D 167 4.27 38.11 3.22
CA PRO D 167 3.18 38.65 4.05
C PRO D 167 1.96 37.76 4.03
N GLU D 168 1.61 37.26 2.85
CA GLU D 168 0.45 36.40 2.75
C GLU D 168 0.61 35.05 3.43
N VAL D 169 1.85 34.69 3.80
CA VAL D 169 2.12 33.40 4.43
C VAL D 169 2.84 33.58 5.75
N ARG D 170 2.09 33.55 6.85
CA ARG D 170 2.69 33.75 8.16
C ARG D 170 3.85 32.79 8.42
N TYR D 171 3.56 31.51 8.48
CA TYR D 171 4.59 30.51 8.72
C TYR D 171 4.47 29.28 7.80
N GLU D 172 5.49 28.43 7.84
CA GLU D 172 5.51 27.20 7.07
C GLU D 172 6.66 26.33 7.54
N VAL D 173 6.49 25.02 7.43
CA VAL D 173 7.53 24.10 7.83
C VAL D 173 8.64 24.10 6.76
N CYS D 174 9.81 23.63 7.17
CA CYS D 174 10.93 23.57 6.26
C CYS D 174 11.16 22.13 5.91
N ASP D 175 11.70 21.92 4.72
CA ASP D 175 11.95 20.57 4.22
C ASP D 175 13.31 20.08 4.71
N ILE D 176 13.37 19.58 5.94
CA ILE D 176 14.66 19.14 6.47
C ILE D 176 14.73 17.65 6.73
N PRO D 177 15.57 16.95 5.96
CA PRO D 177 15.82 15.51 5.99
C PRO D 177 16.12 14.85 7.32
N GLN D 178 15.58 13.64 7.47
CA GLN D 178 15.77 12.83 8.66
C GLN D 178 17.14 12.17 8.54
N CYS D 179 17.85 12.04 9.65
CA CYS D 179 19.15 11.41 9.60
C CYS D 179 19.01 9.95 9.19
N SER D 180 17.86 9.36 9.47
CA SER D 180 17.60 7.97 9.13
C SER D 180 16.85 7.89 7.80
N GLU D 181 17.62 8.01 6.73
CA GLU D 181 17.13 7.94 5.37
C GLU D 181 18.14 7.12 4.57
N VAL D 182 18.29 5.92 4.89
N ASN E 10 -36.15 36.38 -7.98
CA ASN E 10 -35.63 36.31 -9.37
C ASN E 10 -34.50 35.31 -9.49
N THR E 11 -33.83 35.02 -8.37
CA THR E 11 -32.73 34.07 -8.35
C THR E 11 -32.65 33.27 -7.06
N ILE E 12 -33.50 33.59 -6.10
CA ILE E 12 -33.50 32.88 -4.82
C ILE E 12 -33.64 31.37 -5.00
N HIS E 13 -34.24 30.95 -6.11
CA HIS E 13 -34.44 29.53 -6.38
C HIS E 13 -33.20 28.85 -6.96
N GLU E 14 -32.09 29.58 -7.01
CA GLU E 14 -30.84 29.03 -7.54
C GLU E 14 -29.87 28.74 -6.40
N PHE E 15 -30.33 29.03 -5.18
CA PHE E 15 -29.57 28.78 -3.97
C PHE E 15 -30.15 27.59 -3.24
N LYS E 16 -29.40 27.06 -2.27
CA LYS E 16 -29.85 25.92 -1.46
C LYS E 16 -30.27 26.43 -0.09
N LYS E 17 -31.58 26.39 0.17
CA LYS E 17 -32.14 26.86 1.42
C LYS E 17 -31.92 25.93 2.62
N SER E 18 -31.66 26.56 3.77
CA SER E 18 -31.47 25.84 5.01
C SER E 18 -32.20 26.59 6.11
N ALA E 19 -33.49 26.32 6.21
CA ALA E 19 -34.37 26.94 7.20
C ALA E 19 -33.79 27.05 8.59
N LYS E 20 -34.30 28.02 9.33
CA LYS E 20 -33.87 28.22 10.67
C LYS E 20 -32.36 27.99 10.85
N THR E 21 -31.56 28.67 10.04
CA THR E 21 -30.10 28.55 10.17
C THR E 21 -29.38 29.86 9.84
N THR E 22 -28.13 29.93 10.29
CA THR E 22 -27.28 31.08 10.03
C THR E 22 -25.84 30.64 10.25
N LEU E 23 -24.92 31.50 9.82
CA LEU E 23 -23.51 31.21 9.96
C LEU E 23 -22.90 32.15 11.00
N ILE E 24 -21.85 31.69 11.66
CA ILE E 24 -21.18 32.48 12.67
C ILE E 24 -19.70 32.37 12.41
N LYS E 25 -19.02 33.50 12.29
CA LYS E 25 -17.60 33.48 12.02
C LYS E 25 -16.73 33.32 13.27
N ILE E 26 -16.08 32.17 13.37
CA ILE E 26 -15.18 31.89 14.50
C ILE E 26 -13.93 32.71 14.16
N ASP E 27 -13.56 32.66 12.89
CA ASP E 27 -12.42 33.39 12.35
C ASP E 27 -12.81 34.87 12.33
N PRO E 28 -12.05 35.72 13.03
CA PRO E 28 -12.34 37.16 13.07
C PRO E 28 -11.90 37.86 11.79
N ALA E 29 -11.10 37.15 10.99
CA ALA E 29 -10.56 37.70 9.75
C ALA E 29 -11.49 37.63 8.53
N LEU E 30 -12.55 36.81 8.61
CA LEU E 30 -13.49 36.70 7.49
C LEU E 30 -14.39 37.94 7.43
N LYS E 31 -14.30 38.67 6.33
CA LYS E 31 -15.10 39.88 6.16
C LYS E 31 -16.58 39.53 6.00
N ILE E 32 -17.44 40.53 6.13
CA ILE E 32 -18.88 40.34 5.99
C ILE E 32 -19.49 41.65 5.54
N LYS E 33 -20.78 41.62 5.22
CA LYS E 33 -21.49 42.81 4.79
C LYS E 33 -22.95 42.58 5.15
N THR E 34 -23.68 43.67 5.32
CA THR E 34 -25.10 43.59 5.65
C THR E 34 -25.86 44.85 5.18
N LYS E 35 -27.19 44.76 5.17
CA LYS E 35 -28.05 45.87 4.77
C LYS E 35 -29.50 45.44 4.90
N LYS E 36 -30.28 46.24 5.62
CA LYS E 36 -31.70 45.96 5.86
C LYS E 36 -32.56 46.18 4.61
N VAL E 37 -33.28 45.14 4.16
CA VAL E 37 -34.11 45.22 2.98
C VAL E 37 -35.56 44.82 3.20
N ASN E 38 -36.26 44.58 2.10
CA ASN E 38 -37.66 44.20 2.15
C ASN E 38 -37.85 42.69 2.13
N THR E 39 -37.41 42.05 1.07
CA THR E 39 -37.54 40.60 0.90
C THR E 39 -36.20 39.89 0.79
N ALA E 40 -36.19 38.58 1.05
CA ALA E 40 -34.97 37.80 0.95
C ALA E 40 -34.51 37.82 -0.50
N ASP E 41 -35.46 37.95 -1.42
CA ASP E 41 -35.18 38.00 -2.85
C ASP E 41 -34.11 39.07 -3.11
N GLN E 42 -34.24 40.18 -2.37
CA GLN E 42 -33.34 41.33 -2.44
C GLN E 42 -31.90 40.95 -2.08
N CYS E 43 -31.79 40.01 -1.15
CA CYS E 43 -30.49 39.53 -0.73
C CYS E 43 -29.93 38.65 -1.84
N ALA E 44 -30.82 37.82 -2.40
CA ALA E 44 -30.47 36.88 -3.45
C ALA E 44 -29.90 37.57 -4.69
N ASP E 45 -30.74 38.37 -5.35
CA ASP E 45 -30.34 39.06 -6.56
C ASP E 45 -29.04 39.85 -6.39
N ARG E 46 -28.85 40.50 -5.25
CA ARG E 46 -27.61 41.25 -5.06
C ARG E 46 -26.41 40.32 -4.90
N CYS E 47 -26.66 39.12 -4.39
CA CYS E 47 -25.60 38.14 -4.20
C CYS E 47 -25.27 37.51 -5.54
N THR E 48 -26.31 37.15 -6.30
CA THR E 48 -26.11 36.55 -7.61
C THR E 48 -25.28 37.51 -8.45
N ARG E 49 -25.69 38.77 -8.43
CA ARG E 49 -25.02 39.84 -9.17
C ARG E 49 -23.83 40.37 -8.40
N ASN E 50 -23.45 39.66 -7.34
CA ASN E 50 -22.31 40.02 -6.50
C ASN E 50 -22.06 41.52 -6.48
N LYS E 51 -23.14 42.30 -6.52
CA LYS E 51 -23.05 43.76 -6.53
C LYS E 51 -22.73 44.41 -5.17
N GLY E 52 -21.72 45.27 -5.17
CA GLY E 52 -21.35 45.97 -3.95
C GLY E 52 -20.73 45.13 -2.85
N LEU E 53 -20.18 43.98 -3.21
CA LEU E 53 -19.60 43.13 -2.19
C LEU E 53 -18.11 42.96 -2.43
N PRO E 54 -17.28 43.48 -1.52
CA PRO E 54 -15.81 43.40 -1.60
C PRO E 54 -15.27 41.97 -1.52
N PHE E 55 -16.05 41.02 -2.02
CA PHE E 55 -15.70 39.59 -2.03
C PHE E 55 -16.71 38.83 -2.87
N THR E 56 -16.46 37.54 -3.05
CA THR E 56 -17.38 36.71 -3.81
C THR E 56 -18.49 36.26 -2.86
N CYS E 57 -19.74 36.59 -3.18
CA CYS E 57 -20.85 36.19 -2.34
C CYS E 57 -21.15 34.70 -2.49
N LYS E 58 -20.61 33.88 -1.60
CA LYS E 58 -20.81 32.44 -1.66
C LYS E 58 -22.09 32.00 -0.97
N ALA E 59 -22.59 32.83 -0.07
CA ALA E 59 -23.79 32.50 0.68
C ALA E 59 -24.33 33.74 1.38
N PHE E 60 -25.62 33.72 1.71
CA PHE E 60 -26.24 34.82 2.40
C PHE E 60 -27.35 34.34 3.31
N VAL E 61 -27.55 35.05 4.41
CA VAL E 61 -28.60 34.72 5.36
C VAL E 61 -29.60 35.86 5.38
N PHE E 62 -30.86 35.53 5.59
CA PHE E 62 -31.88 36.55 5.69
C PHE E 62 -32.50 36.48 7.08
N ASP E 63 -32.49 37.59 7.80
CA ASP E 63 -33.03 37.66 9.17
C ASP E 63 -34.48 38.16 9.18
N LYS E 64 -35.44 37.28 8.90
CA LYS E 64 -36.86 37.66 8.86
C LYS E 64 -37.31 38.59 9.99
N ALA E 65 -36.53 38.64 11.06
CA ALA E 65 -36.83 39.48 12.21
C ALA E 65 -36.51 40.94 11.89
N ARG E 66 -35.21 41.21 11.70
CA ARG E 66 -34.69 42.53 11.37
C ARG E 66 -34.85 42.82 9.88
N LYS E 67 -35.22 41.81 9.11
CA LYS E 67 -35.34 41.99 7.67
C LYS E 67 -34.03 42.61 7.17
N GLN E 68 -32.96 41.88 7.42
CA GLN E 68 -31.59 42.26 7.06
C GLN E 68 -30.85 41.09 6.37
N CYS E 69 -30.03 41.40 5.36
CA CYS E 69 -29.27 40.38 4.66
C CYS E 69 -27.91 40.25 5.32
N LEU E 70 -27.25 39.13 5.08
CA LEU E 70 -25.92 38.88 5.61
C LEU E 70 -25.11 38.09 4.58
N TRP E 71 -24.44 38.83 3.71
CA TRP E 71 -23.62 38.25 2.65
C TRP E 71 -22.26 37.82 3.19
N PHE E 72 -21.86 36.58 2.90
CA PHE E 72 -20.58 36.05 3.39
C PHE E 72 -19.72 35.51 2.26
N PRO E 73 -18.40 35.62 2.42
CA PRO E 73 -17.43 35.13 1.42
C PRO E 73 -17.13 33.69 1.77
N PHE E 74 -18.12 33.01 2.32
CA PHE E 74 -18.01 31.61 2.74
C PHE E 74 -19.40 31.00 2.87
N ASN E 75 -19.44 29.70 3.15
CA ASN E 75 -20.70 29.00 3.33
C ASN E 75 -20.58 28.01 4.48
N SER E 76 -21.65 27.27 4.73
CA SER E 76 -21.68 26.30 5.81
C SER E 76 -20.44 25.42 5.87
N MET E 77 -19.91 25.03 4.71
CA MET E 77 -18.72 24.18 4.68
C MET E 77 -17.48 25.00 4.92
N SER E 78 -17.64 26.25 5.30
CA SER E 78 -16.48 27.11 5.52
C SER E 78 -15.68 26.85 6.78
N SER E 79 -14.36 26.80 6.63
CA SER E 79 -13.49 26.61 7.78
C SER E 79 -13.21 27.99 8.40
N GLY E 80 -13.56 28.14 9.68
CA GLY E 80 -13.40 29.40 10.37
C GLY E 80 -14.76 30.06 10.50
N VAL E 81 -15.79 29.21 10.59
CA VAL E 81 -17.18 29.64 10.72
C VAL E 81 -17.98 28.51 11.38
N LYS E 82 -19.16 28.83 11.91
CA LYS E 82 -19.99 27.81 12.55
C LYS E 82 -21.50 28.00 12.29
N LYS E 83 -22.20 26.87 12.20
CA LYS E 83 -23.64 26.84 11.96
C LYS E 83 -24.42 26.88 13.27
N GLU E 84 -25.51 27.67 13.29
CA GLU E 84 -26.33 27.79 14.48
C GLU E 84 -27.80 27.94 14.15
N PHE E 85 -28.65 27.16 14.82
CA PHE E 85 -30.09 27.19 14.60
C PHE E 85 -30.64 28.59 14.87
N GLY E 86 -31.86 28.84 14.41
CA GLY E 86 -32.46 30.14 14.63
C GLY E 86 -33.80 30.21 13.94
N HIS E 87 -34.81 30.69 14.63
CA HIS E 87 -36.11 30.79 14.01
C HIS E 87 -36.19 31.97 13.04
N GLU E 88 -35.49 33.05 13.37
CA GLU E 88 -35.50 34.24 12.51
C GLU E 88 -34.52 34.19 11.31
N PHE E 89 -33.66 33.19 11.26
CA PHE E 89 -32.69 33.06 10.17
C PHE E 89 -33.06 32.03 9.09
N ASP E 90 -32.50 32.23 7.90
CA ASP E 90 -32.67 31.33 6.74
C ASP E 90 -31.35 31.39 5.95
N LEU E 91 -30.73 30.22 5.78
CA LEU E 91 -29.47 30.15 5.04
C LEU E 91 -29.69 29.81 3.57
N TYR E 92 -29.08 30.59 2.68
CA TYR E 92 -29.16 30.37 1.22
C TYR E 92 -27.74 30.34 0.65
N GLU E 93 -27.24 29.14 0.35
CA GLU E 93 -25.90 29.00 -0.18
C GLU E 93 -25.89 28.96 -1.71
N ASN E 94 -24.89 29.58 -2.32
CA ASN E 94 -24.73 29.61 -3.78
C ASN E 94 -24.25 28.25 -4.28
N LYS E 95 -25.04 27.64 -5.14
CA LYS E 95 -24.70 26.32 -5.64
C LYS E 95 -23.34 26.20 -6.29
N ASP E 96 -22.80 27.30 -6.81
CA ASP E 96 -21.49 27.23 -7.46
C ASP E 96 -20.33 27.00 -6.48
N TYR E 97 -20.63 26.98 -5.19
CA TYR E 97 -19.59 26.77 -4.20
C TYR E 97 -19.89 25.57 -3.32
N ILE E 98 -20.85 24.76 -3.73
CA ILE E 98 -21.17 23.56 -2.99
C ILE E 98 -20.77 22.44 -3.94
N ARG E 99 -19.67 21.77 -3.60
CA ARG E 99 -19.11 20.69 -4.42
C ARG E 99 -20.19 19.88 -5.10
N ASN E 100 -20.10 19.74 -6.42
CA ASN E 100 -21.10 18.97 -7.13
C ASN E 100 -20.62 17.61 -7.61
N CYS E 101 -19.70 16.97 -6.89
CA CYS E 101 -19.18 15.63 -7.21
C CYS E 101 -18.85 14.98 -5.89
N ILE E 102 -18.71 13.66 -5.85
CA ILE E 102 -18.42 12.99 -4.59
C ILE E 102 -17.09 12.28 -4.60
N ILE E 103 -16.54 12.09 -3.40
CA ILE E 103 -15.27 11.37 -3.24
C ILE E 103 -15.63 10.02 -2.61
N GLY E 104 -15.58 8.96 -3.43
CA GLY E 104 -15.89 7.65 -2.92
C GLY E 104 -17.36 7.32 -2.70
N LYS E 105 -17.78 7.26 -1.44
CA LYS E 105 -19.15 6.92 -1.11
C LYS E 105 -20.10 8.13 -1.11
N GLY E 106 -19.59 9.27 -0.68
CA GLY E 106 -20.41 10.47 -0.64
C GLY E 106 -20.94 10.84 0.72
N ARG E 107 -20.38 10.25 1.76
CA ARG E 107 -20.88 10.54 3.10
C ARG E 107 -21.10 12.03 3.26
N SER E 108 -20.23 12.86 2.69
CA SER E 108 -20.39 14.31 2.88
C SER E 108 -21.02 15.10 1.74
N TYR E 109 -21.55 14.41 0.74
CA TYR E 109 -22.18 15.11 -0.37
C TYR E 109 -23.32 16.03 0.12
N LYS E 110 -23.22 17.33 -0.13
CA LYS E 110 -24.28 18.23 0.30
C LYS E 110 -24.83 18.99 -0.87
N GLY E 111 -24.64 18.47 -2.08
CA GLY E 111 -25.14 19.13 -3.28
C GLY E 111 -26.64 19.16 -3.26
N THR E 112 -27.26 19.65 -4.34
CA THR E 112 -28.71 19.76 -4.37
C THR E 112 -29.43 18.92 -5.38
N VAL E 113 -28.80 17.85 -5.85
CA VAL E 113 -29.47 16.96 -6.79
C VAL E 113 -30.62 16.25 -6.05
N SER E 114 -31.79 16.18 -6.69
CA SER E 114 -32.93 15.54 -6.06
C SER E 114 -33.68 14.65 -7.02
N ILE E 115 -32.92 13.87 -7.78
CA ILE E 115 -33.46 12.96 -8.80
C ILE E 115 -32.74 11.64 -8.73
N THR E 116 -33.51 10.56 -8.81
CA THR E 116 -32.93 9.22 -8.78
C THR E 116 -32.36 8.98 -10.18
N LYS E 117 -31.42 8.05 -10.30
CA LYS E 117 -30.83 7.80 -11.60
C LYS E 117 -31.86 7.29 -12.61
N SER E 118 -33.07 7.04 -12.15
CA SER E 118 -34.14 6.61 -13.05
C SER E 118 -35.04 7.78 -13.35
N GLY E 119 -34.63 8.96 -12.86
CA GLY E 119 -35.41 10.16 -13.12
C GLY E 119 -36.59 10.39 -12.21
N ILE E 120 -36.62 9.74 -11.06
CA ILE E 120 -37.73 9.94 -10.13
C ILE E 120 -37.40 11.10 -9.20
N LYS E 121 -38.39 11.96 -8.96
CA LYS E 121 -38.19 13.08 -8.07
C LYS E 121 -38.10 12.52 -6.66
N CYS E 122 -37.20 13.08 -5.85
CA CYS E 122 -37.04 12.61 -4.49
C CYS E 122 -38.18 13.05 -3.56
N GLN E 123 -38.33 12.31 -2.47
CA GLN E 123 -39.33 12.59 -1.45
C GLN E 123 -38.65 13.38 -0.35
N PRO E 124 -39.30 14.42 0.16
CA PRO E 124 -38.67 15.19 1.23
C PRO E 124 -38.33 14.25 2.38
N TRP E 125 -37.20 14.45 3.03
CA TRP E 125 -36.85 13.61 4.14
C TRP E 125 -37.84 13.81 5.29
N SER E 126 -38.24 15.05 5.49
CA SER E 126 -39.18 15.36 6.55
C SER E 126 -40.54 14.70 6.33
N SER E 127 -40.86 14.32 5.09
CA SER E 127 -42.14 13.69 4.82
C SER E 127 -42.17 12.19 5.06
N MET E 128 -43.38 11.66 5.21
CA MET E 128 -43.59 10.22 5.44
C MET E 128 -44.41 9.70 4.30
N ILE E 129 -44.60 10.55 3.30
CA ILE E 129 -45.40 10.19 2.14
C ILE E 129 -44.60 10.35 0.87
N PRO E 130 -44.67 9.37 -0.04
CA PRO E 130 -45.46 8.15 0.10
C PRO E 130 -44.74 7.06 0.88
N HIS E 131 -43.64 7.40 1.53
CA HIS E 131 -42.91 6.39 2.27
C HIS E 131 -42.56 6.79 3.69
N GLU E 132 -42.98 5.95 4.64
CA GLU E 132 -42.71 6.15 6.07
C GLU E 132 -41.25 5.71 6.25
N HIS E 133 -40.48 6.47 6.99
CA HIS E 133 -39.08 6.11 7.20
C HIS E 133 -38.58 6.77 8.49
N SER E 134 -37.39 6.41 8.97
CA SER E 134 -36.92 7.04 10.22
C SER E 134 -35.82 8.09 10.06
N PHE E 135 -35.36 8.27 8.83
CA PHE E 135 -34.30 9.23 8.52
C PHE E 135 -34.77 10.67 8.69
N LEU E 136 -35.14 11.04 9.90
CA LEU E 136 -35.58 12.39 10.13
C LEU E 136 -34.37 13.31 10.27
N PRO E 137 -34.51 14.56 9.86
CA PRO E 137 -33.42 15.52 9.96
C PRO E 137 -32.83 15.60 11.38
N SER E 138 -33.66 15.32 12.39
CA SER E 138 -33.22 15.38 13.78
C SER E 138 -32.27 14.23 14.14
N SER E 139 -32.76 13.00 14.10
CA SER E 139 -31.90 11.88 14.43
C SER E 139 -30.86 11.68 13.32
N TYR E 140 -30.41 12.79 12.75
CA TYR E 140 -29.43 12.77 11.68
C TYR E 140 -28.95 14.20 11.38
N ARG E 141 -28.68 14.95 12.45
CA ARG E 141 -28.20 16.32 12.30
C ARG E 141 -26.80 16.27 11.71
N GLY E 142 -26.47 17.24 10.86
CA GLY E 142 -25.16 17.26 10.24
C GLY E 142 -25.07 16.51 8.93
N LYS E 143 -25.98 15.55 8.74
CA LYS E 143 -26.02 14.78 7.50
C LYS E 143 -26.94 15.52 6.51
N ASP E 144 -27.18 16.80 6.79
CA ASP E 144 -27.98 17.69 5.96
C ASP E 144 -29.14 17.07 5.20
N LEU E 145 -29.97 16.32 5.92
CA LEU E 145 -31.12 15.69 5.30
C LEU E 145 -32.23 16.72 5.10
N GLN E 146 -31.96 17.69 4.24
CA GLN E 146 -32.90 18.76 3.95
C GLN E 146 -33.62 18.61 2.61
N GLU E 147 -34.69 19.38 2.47
CA GLU E 147 -35.52 19.34 1.28
C GLU E 147 -35.65 17.88 0.85
N ASN E 148 -35.30 17.58 -0.39
CA ASN E 148 -35.38 16.21 -0.87
C ASN E 148 -34.11 15.90 -1.66
N TYR E 149 -33.00 16.43 -1.17
CA TYR E 149 -31.71 16.22 -1.80
C TYR E 149 -31.16 14.84 -1.53
N CYS E 150 -30.59 14.21 -2.56
CA CYS E 150 -29.98 12.91 -2.41
C CYS E 150 -28.89 13.03 -1.36
N ARG E 151 -28.83 12.06 -0.47
CA ARG E 151 -27.85 12.08 0.59
C ARG E 151 -27.43 10.63 0.85
N ASN E 152 -26.48 10.44 1.73
CA ASN E 152 -26.02 9.12 2.09
C ASN E 152 -25.62 9.24 3.55
N PRO E 153 -26.61 9.43 4.42
CA PRO E 153 -26.43 9.58 5.88
C PRO E 153 -25.76 8.44 6.61
N ARG E 154 -25.66 7.27 6.00
CA ARG E 154 -24.98 6.15 6.67
C ARG E 154 -23.67 5.84 5.97
N GLY E 155 -23.34 6.62 4.95
CA GLY E 155 -22.12 6.38 4.20
C GLY E 155 -22.06 4.95 3.71
N GLU E 156 -23.17 4.42 3.23
CA GLU E 156 -23.23 3.05 2.71
C GLU E 156 -22.72 3.03 1.27
N GLU E 157 -22.21 1.87 0.83
CA GLU E 157 -21.74 1.76 -0.55
C GLU E 157 -23.00 2.07 -1.32
N GLY E 158 -22.87 2.59 -2.53
CA GLY E 158 -24.05 2.93 -3.31
C GLY E 158 -24.18 4.44 -3.34
N GLY E 159 -23.42 5.10 -2.47
CA GLY E 159 -23.44 6.55 -2.42
C GLY E 159 -24.81 7.15 -2.19
N PRO E 160 -24.97 8.45 -2.45
CA PRO E 160 -26.22 9.20 -2.27
C PRO E 160 -27.46 8.56 -2.86
N TRP E 161 -28.54 8.62 -2.09
CA TRP E 161 -29.83 8.05 -2.49
C TRP E 161 -30.93 8.91 -1.90
N CYS E 162 -32.16 8.48 -2.09
CA CYS E 162 -33.27 9.23 -1.53
C CYS E 162 -34.55 8.42 -1.68
N PHE E 163 -35.56 8.75 -0.88
CA PHE E 163 -36.83 8.08 -0.97
C PHE E 163 -37.52 8.71 -2.18
N THR E 164 -37.96 7.89 -3.13
CA THR E 164 -38.60 8.41 -4.34
C THR E 164 -40.08 8.75 -4.16
N SER E 165 -40.54 9.77 -4.86
CA SER E 165 -41.94 10.19 -4.77
C SER E 165 -42.87 9.20 -5.45
N ASN E 166 -42.30 8.13 -6.01
CA ASN E 166 -43.08 7.09 -6.66
C ASN E 166 -43.43 6.02 -5.63
N PRO E 167 -44.72 5.86 -5.31
CA PRO E 167 -45.14 4.87 -4.34
C PRO E 167 -44.61 3.48 -4.65
N GLU E 168 -44.45 3.15 -5.91
CA GLU E 168 -43.97 1.81 -6.22
C GLU E 168 -42.48 1.65 -5.93
N VAL E 169 -41.74 2.76 -5.96
CA VAL E 169 -40.30 2.69 -5.70
C VAL E 169 -40.01 3.39 -4.39
N ARG E 170 -39.72 2.62 -3.35
CA ARG E 170 -39.45 3.20 -2.03
C ARG E 170 -38.22 4.09 -2.01
N TYR E 171 -37.13 3.58 -2.57
CA TYR E 171 -35.89 4.35 -2.61
C TYR E 171 -35.01 3.93 -3.79
N GLU E 172 -34.09 4.81 -4.16
CA GLU E 172 -33.17 4.52 -5.26
C GLU E 172 -31.99 5.47 -5.18
N VAL E 173 -30.86 5.05 -5.75
CA VAL E 173 -29.66 5.88 -5.75
C VAL E 173 -29.74 6.97 -6.80
N CYS E 174 -28.92 8.00 -6.62
CA CYS E 174 -28.88 9.10 -7.58
C CYS E 174 -27.58 9.07 -8.35
N ASP E 175 -27.65 9.52 -9.59
CA ASP E 175 -26.50 9.54 -10.50
C ASP E 175 -25.61 10.73 -10.15
N ILE E 176 -24.74 10.58 -9.17
CA ILE E 176 -23.85 11.68 -8.81
C ILE E 176 -22.42 11.28 -9.07
N PRO E 177 -21.77 11.94 -10.04
CA PRO E 177 -20.41 11.73 -10.50
C PRO E 177 -19.29 11.83 -9.47
N GLN E 178 -18.20 11.16 -9.80
CA GLN E 178 -17.02 11.13 -8.96
C GLN E 178 -16.13 12.30 -9.34
N CYS E 179 -15.48 12.89 -8.34
CA CYS E 179 -14.61 14.00 -8.68
C CYS E 179 -13.43 13.44 -9.45
N SER E 180 -13.06 12.19 -9.17
CA SER E 180 -11.94 11.49 -9.82
C SER E 180 -12.15 11.56 -11.32
N GLU E 181 -13.43 11.40 -11.67
CA GLU E 181 -13.96 11.37 -13.03
C GLU E 181 -13.30 12.25 -14.07
N VAL E 182 -13.06 11.62 -15.22
CA VAL E 182 -12.46 12.20 -16.39
C VAL E 182 -11.30 11.26 -16.74
N GLU E 183 -10.90 11.22 -17.91
N ASN F 10 -38.11 29.70 -17.63
CA ASN F 10 -37.56 30.48 -16.48
C ASN F 10 -36.39 29.72 -15.82
N THR F 11 -35.93 28.67 -16.49
CA THR F 11 -34.85 27.83 -15.97
C THR F 11 -33.59 27.76 -16.85
N ILE F 12 -33.71 28.19 -18.10
CA ILE F 12 -32.61 28.17 -19.06
C ILE F 12 -31.31 28.83 -18.62
N HIS F 13 -31.37 29.76 -17.68
CA HIS F 13 -30.18 30.45 -17.21
C HIS F 13 -29.30 29.56 -16.36
N GLU F 14 -29.92 28.53 -15.78
CA GLU F 14 -29.20 27.60 -14.92
C GLU F 14 -28.39 26.60 -15.71
N PHE F 15 -28.43 26.75 -17.04
CA PHE F 15 -27.69 25.88 -17.93
C PHE F 15 -26.54 26.62 -18.56
N LYS F 16 -25.43 25.93 -18.75
CA LYS F 16 -24.26 26.52 -19.38
C LYS F 16 -24.44 26.34 -20.87
N LYS F 17 -24.84 27.42 -21.55
CA LYS F 17 -25.09 27.38 -22.99
C LYS F 17 -23.84 27.42 -23.88
N SER F 18 -23.90 26.63 -24.95
CA SER F 18 -22.84 26.53 -25.93
C SER F 18 -23.51 26.63 -27.29
N ALA F 19 -23.61 27.88 -27.78
CA ALA F 19 -24.24 28.17 -29.06
C ALA F 19 -23.71 27.34 -30.24
N LYS F 20 -24.62 27.03 -31.16
CA LYS F 20 -24.35 26.25 -32.37
C LYS F 20 -23.52 25.01 -32.10
N THR F 21 -23.95 24.24 -31.09
CA THR F 21 -23.25 23.03 -30.70
C THR F 21 -24.27 21.91 -30.47
N THR F 22 -23.79 20.68 -30.44
CA THR F 22 -24.64 19.54 -30.21
C THR F 22 -23.81 18.29 -29.93
N LEU F 23 -24.46 17.30 -29.33
CA LEU F 23 -23.79 16.06 -28.96
C LEU F 23 -24.07 14.89 -29.90
N ILE F 24 -23.04 14.06 -30.10
CA ILE F 24 -23.16 12.87 -30.91
C ILE F 24 -23.04 11.67 -29.97
N LYS F 25 -24.15 10.92 -29.85
CA LYS F 25 -24.20 9.76 -28.97
C LYS F 25 -23.68 8.49 -29.69
N ILE F 26 -22.37 8.42 -29.88
CA ILE F 26 -21.74 7.30 -30.56
C ILE F 26 -21.48 6.10 -29.64
N ASP F 27 -22.56 5.42 -29.26
CA ASP F 27 -22.51 4.25 -28.38
C ASP F 27 -23.91 3.84 -27.95
N PRO F 28 -24.67 3.20 -28.84
CA PRO F 28 -26.05 2.74 -28.58
C PRO F 28 -26.22 1.96 -27.27
N ALA F 29 -26.20 2.68 -26.16
CA ALA F 29 -26.38 2.10 -24.84
C ALA F 29 -27.27 3.05 -24.03
N LEU F 30 -27.09 4.35 -24.27
CA LEU F 30 -27.86 5.38 -23.60
C LEU F 30 -28.98 5.86 -24.51
N LYS F 31 -30.10 6.27 -23.89
CA LYS F 31 -31.24 6.76 -24.65
C LYS F 31 -31.18 8.28 -24.80
N ILE F 32 -31.96 8.78 -25.75
CA ILE F 32 -32.03 10.21 -26.03
C ILE F 32 -33.51 10.52 -26.25
N LYS F 33 -34.16 11.13 -25.27
CA LYS F 33 -35.58 11.43 -25.44
C LYS F 33 -35.79 12.77 -26.14
N THR F 34 -36.42 12.73 -27.30
CA THR F 34 -36.70 13.94 -28.07
C THR F 34 -38.21 14.22 -28.09
N LYS F 35 -38.57 15.44 -28.48
CA LYS F 35 -39.97 15.83 -28.55
C LYS F 35 -40.12 17.24 -29.13
N LYS F 36 -40.87 17.33 -30.23
CA LYS F 36 -41.10 18.60 -30.90
C LYS F 36 -41.64 19.58 -29.86
N VAL F 37 -41.17 20.83 -29.93
CA VAL F 37 -41.60 21.86 -28.99
C VAL F 37 -41.53 23.26 -29.60
N ASN F 38 -42.15 24.22 -28.93
CA ASN F 38 -42.13 25.58 -29.41
C ASN F 38 -40.81 26.31 -29.07
N THR F 39 -40.57 26.59 -27.79
CA THR F 39 -39.35 27.29 -27.37
C THR F 39 -38.36 26.38 -26.64
N ALA F 40 -37.11 26.84 -26.55
CA ALA F 40 -36.07 26.09 -25.86
C ALA F 40 -36.40 26.01 -24.38
N ASP F 41 -37.05 27.04 -23.88
CA ASP F 41 -37.44 27.11 -22.48
C ASP F 41 -38.17 25.85 -22.06
N GLN F 42 -39.06 25.38 -22.92
CA GLN F 42 -39.83 24.17 -22.65
C GLN F 42 -38.89 22.99 -22.40
N CYS F 43 -37.76 22.97 -23.12
CA CYS F 43 -36.75 21.93 -22.98
C CYS F 43 -36.15 22.03 -21.60
N ALA F 44 -35.73 23.25 -21.24
CA ALA F 44 -35.12 23.53 -19.96
C ALA F 44 -35.97 23.03 -18.80
N ASP F 45 -37.20 23.51 -18.73
CA ASP F 45 -38.10 23.11 -17.67
C ASP F 45 -38.21 21.61 -17.59
N ARG F 46 -38.49 20.98 -18.72
CA ARG F 46 -38.62 19.53 -18.75
C ARG F 46 -37.33 18.87 -18.26
N CYS F 47 -36.19 19.51 -18.51
CA CYS F 47 -34.90 18.99 -18.07
C CYS F 47 -34.65 19.31 -16.60
N THR F 48 -35.03 20.50 -16.18
CA THR F 48 -34.84 20.91 -14.80
C THR F 48 -35.67 20.02 -13.87
N ARG F 49 -36.97 19.98 -14.11
CA ARG F 49 -37.84 19.18 -13.27
C ARG F 49 -37.68 17.71 -13.57
N ASN F 50 -37.03 17.43 -14.69
CA ASN F 50 -36.77 16.05 -15.10
C ASN F 50 -38.08 15.28 -15.25
N LYS F 51 -39.08 15.95 -15.79
CA LYS F 51 -40.39 15.35 -16.00
C LYS F 51 -40.40 14.40 -17.21
N GLY F 52 -41.09 13.27 -17.07
CA GLY F 52 -41.20 12.32 -18.16
C GLY F 52 -39.89 11.95 -18.82
N LEU F 53 -38.87 11.72 -18.00
CA LEU F 53 -37.56 11.35 -18.50
C LEU F 53 -37.06 10.15 -17.70
N PRO F 54 -36.77 9.04 -18.39
CA PRO F 54 -36.29 7.79 -17.79
C PRO F 54 -34.85 7.86 -17.33
N PHE F 55 -34.37 9.05 -17.03
CA PHE F 55 -33.00 9.21 -16.59
C PHE F 55 -32.75 10.61 -16.05
N THR F 56 -31.51 10.84 -15.65
CA THR F 56 -31.10 12.13 -15.12
C THR F 56 -30.74 13.03 -16.31
N CYS F 57 -31.50 14.11 -16.52
CA CYS F 57 -31.22 15.02 -17.63
C CYS F 57 -30.00 15.90 -17.30
N LYS F 58 -28.85 15.56 -17.88
CA LYS F 58 -27.62 16.30 -17.62
C LYS F 58 -27.34 17.40 -18.65
N ALA F 59 -28.04 17.34 -19.77
CA ALA F 59 -27.87 18.34 -20.80
C ALA F 59 -28.96 18.16 -21.84
N PHE F 60 -29.21 19.22 -22.60
CA PHE F 60 -30.22 19.16 -23.65
C PHE F 60 -29.86 20.11 -24.77
N VAL F 61 -30.10 19.66 -26.00
CA VAL F 61 -29.81 20.46 -27.18
C VAL F 61 -31.11 20.89 -27.83
N PHE F 62 -31.21 22.17 -28.19
CA PHE F 62 -32.43 22.66 -28.84
C PHE F 62 -32.20 22.88 -30.34
N ASP F 63 -33.03 22.23 -31.16
CA ASP F 63 -32.96 22.32 -32.62
C ASP F 63 -33.79 23.51 -33.12
N LYS F 64 -33.20 24.71 -33.14
CA LYS F 64 -33.89 25.93 -33.59
C LYS F 64 -34.69 25.69 -34.86
N ALA F 65 -34.14 24.86 -35.75
CA ALA F 65 -34.78 24.56 -37.01
C ALA F 65 -36.04 23.73 -36.86
N ARG F 66 -35.88 22.43 -36.67
CA ARG F 66 -37.04 21.52 -36.56
C ARG F 66 -37.95 21.76 -35.37
N LYS F 67 -37.52 22.58 -34.41
CA LYS F 67 -38.35 22.88 -33.24
C LYS F 67 -38.53 21.71 -32.27
N GLN F 68 -37.44 21.10 -31.84
CA GLN F 68 -37.54 19.99 -30.91
C GLN F 68 -36.38 19.87 -29.92
N CYS F 69 -36.68 19.35 -28.73
CA CYS F 69 -35.69 19.18 -27.68
C CYS F 69 -34.99 17.82 -27.78
N LEU F 70 -33.75 17.78 -27.30
CA LEU F 70 -32.95 16.56 -27.28
C LEU F 70 -32.33 16.43 -25.91
N TRP F 71 -33.08 15.79 -25.01
CA TRP F 71 -32.65 15.58 -23.64
C TRP F 71 -31.69 14.41 -23.49
N PHE F 72 -30.50 14.66 -22.95
CA PHE F 72 -29.55 13.58 -22.78
C PHE F 72 -29.28 13.28 -21.32
N PRO F 73 -28.82 12.07 -21.04
CA PRO F 73 -28.48 11.63 -19.69
C PRO F 73 -26.97 11.67 -19.57
N PHE F 74 -26.37 12.65 -20.21
CA PHE F 74 -24.92 12.84 -20.23
C PHE F 74 -24.61 14.24 -20.77
N ASN F 75 -23.33 14.61 -20.79
CA ASN F 75 -22.94 15.91 -21.32
C ASN F 75 -21.64 15.82 -22.11
N SER F 76 -21.18 16.97 -22.60
CA SER F 76 -19.97 17.06 -23.41
C SER F 76 -18.76 16.38 -22.79
N MET F 77 -18.73 16.27 -21.48
CA MET F 77 -17.58 15.66 -20.86
C MET F 77 -17.79 14.18 -20.60
N SER F 78 -18.95 13.70 -21.00
CA SER F 78 -19.30 12.29 -20.82
C SER F 78 -18.56 11.43 -21.82
N SER F 79 -17.76 10.51 -21.29
CA SER F 79 -17.01 9.57 -22.12
C SER F 79 -18.02 8.77 -22.95
N GLY F 80 -17.96 8.93 -24.26
CA GLY F 80 -18.89 8.21 -25.12
C GLY F 80 -19.67 9.14 -26.03
N VAL F 81 -19.30 10.42 -26.01
CA VAL F 81 -19.95 11.43 -26.84
C VAL F 81 -18.95 12.48 -27.33
N LYS F 82 -19.34 13.23 -28.34
CA LYS F 82 -18.49 14.27 -28.89
C LYS F 82 -19.37 15.37 -29.47
N LYS F 83 -18.86 16.59 -29.43
CA LYS F 83 -19.60 17.71 -29.97
C LYS F 83 -19.18 18.05 -31.39
N GLU F 84 -20.05 18.77 -32.09
CA GLU F 84 -19.79 19.20 -33.46
C GLU F 84 -20.26 20.64 -33.64
N PHE F 85 -20.88 20.91 -34.79
CA PHE F 85 -21.39 22.24 -35.09
C PHE F 85 -22.70 22.09 -35.88
N GLY F 86 -23.56 23.10 -35.76
CA GLY F 86 -24.84 23.11 -36.45
C GLY F 86 -25.54 24.36 -36.00
N HIS F 87 -25.63 25.36 -36.87
CA HIS F 87 -26.27 26.65 -36.54
C HIS F 87 -27.65 26.51 -35.90
N GLU F 88 -28.39 25.52 -36.38
CA GLU F 88 -29.75 25.22 -35.93
C GLU F 88 -29.81 24.70 -34.48
N PHE F 89 -28.65 24.37 -33.92
CA PHE F 89 -28.57 23.83 -32.58
C PHE F 89 -27.99 24.77 -31.55
N ASP F 90 -28.16 24.37 -30.29
CA ASP F 90 -27.67 25.09 -29.13
C ASP F 90 -27.47 24.00 -28.07
N LEU F 91 -26.45 24.16 -27.22
CA LEU F 91 -26.15 23.17 -26.19
C LEU F 91 -26.35 23.70 -24.77
N TYR F 92 -27.20 23.03 -23.99
CA TYR F 92 -27.44 23.48 -22.62
C TYR F 92 -27.04 22.40 -21.63
N GLU F 93 -25.91 22.60 -20.96
CA GLU F 93 -25.45 21.62 -20.00
C GLU F 93 -25.85 21.98 -18.57
N ASN F 94 -26.43 21.00 -17.88
CA ASN F 94 -26.88 21.18 -16.51
C ASN F 94 -25.64 21.42 -15.64
N LYS F 95 -25.64 22.54 -14.94
CA LYS F 95 -24.50 22.88 -14.10
C LYS F 95 -24.19 21.88 -13.02
N ASP F 96 -25.17 21.12 -12.54
CA ASP F 96 -24.89 20.13 -11.49
C ASP F 96 -23.93 19.04 -11.92
N TYR F 97 -23.79 18.89 -13.23
CA TYR F 97 -22.94 17.84 -13.74
C TYR F 97 -21.69 18.37 -14.43
N ILE F 98 -21.34 19.59 -14.06
CA ILE F 98 -20.12 20.21 -14.57
C ILE F 98 -19.33 20.48 -13.30
N ARG F 99 -18.37 19.62 -13.00
CA ARG F 99 -17.55 19.74 -11.80
C ARG F 99 -17.28 21.18 -11.42
N ASN F 100 -17.70 21.58 -10.23
CA ASN F 100 -17.49 22.94 -9.82
C ASN F 100 -16.38 23.16 -8.79
N CYS F 101 -15.45 22.22 -8.64
CA CYS F 101 -14.32 22.41 -7.74
C CYS F 101 -13.12 22.07 -8.60
N ILE F 102 -11.94 22.54 -8.19
CA ILE F 102 -10.73 22.31 -8.98
C ILE F 102 -9.70 21.41 -8.31
N ILE F 103 -8.92 20.72 -9.13
CA ILE F 103 -7.86 19.86 -8.65
C ILE F 103 -6.55 20.58 -8.96
N GLY F 104 -5.84 20.98 -7.92
CA GLY F 104 -4.58 21.67 -8.14
C GLY F 104 -4.76 23.03 -8.77
N LYS F 105 -4.08 23.28 -9.88
CA LYS F 105 -4.14 24.57 -10.58
C LYS F 105 -5.44 24.80 -11.32
N GLY F 106 -6.22 23.75 -11.48
CA GLY F 106 -7.50 23.90 -12.15
C GLY F 106 -7.39 24.14 -13.64
N ARG F 107 -6.38 23.54 -14.25
CA ARG F 107 -6.17 23.72 -15.67
C ARG F 107 -7.37 23.30 -16.48
N SER F 108 -8.14 22.32 -15.99
CA SER F 108 -9.30 21.88 -16.74
C SER F 108 -10.64 22.38 -16.23
N TYR F 109 -10.62 23.34 -15.33
CA TYR F 109 -11.86 23.87 -14.79
C TYR F 109 -12.77 24.36 -15.90
N LYS F 110 -14.01 23.93 -15.90
CA LYS F 110 -14.94 24.36 -16.92
C LYS F 110 -16.24 24.78 -16.27
N GLY F 111 -16.14 25.29 -15.05
CA GLY F 111 -17.31 25.73 -14.32
C GLY F 111 -17.77 27.05 -14.92
N THR F 112 -18.75 27.68 -14.30
CA THR F 112 -19.24 28.92 -14.85
C THR F 112 -19.04 30.10 -13.92
N VAL F 113 -18.16 29.98 -12.95
CA VAL F 113 -17.93 31.11 -12.06
C VAL F 113 -17.34 32.28 -12.89
N SER F 114 -17.96 33.44 -12.80
CA SER F 114 -17.45 34.58 -13.55
C SER F 114 -17.23 35.83 -12.70
N ILE F 115 -16.77 35.63 -11.47
CA ILE F 115 -16.51 36.72 -10.55
C ILE F 115 -15.15 36.51 -9.91
N THR F 116 -14.42 37.61 -9.72
CA THR F 116 -13.10 37.54 -9.09
C THR F 116 -13.24 37.44 -7.57
N LYS F 117 -12.14 37.13 -6.89
CA LYS F 117 -12.15 37.01 -5.44
C LYS F 117 -12.69 38.34 -4.84
N SER F 118 -12.35 39.46 -5.47
CA SER F 118 -12.80 40.79 -5.01
C SER F 118 -14.24 41.09 -5.38
N GLY F 119 -14.89 40.14 -6.03
CA GLY F 119 -16.28 40.34 -6.44
C GLY F 119 -16.47 41.15 -7.71
N ILE F 120 -15.43 41.23 -8.54
CA ILE F 120 -15.53 41.96 -9.79
C ILE F 120 -16.03 41.00 -10.87
N LYS F 121 -16.96 41.46 -11.68
CA LYS F 121 -17.51 40.66 -12.76
C LYS F 121 -16.41 40.52 -13.80
N CYS F 122 -16.21 39.30 -14.28
CA CYS F 122 -15.18 39.04 -15.28
C CYS F 122 -15.51 39.72 -16.60
N GLN F 123 -14.46 39.99 -17.38
CA GLN F 123 -14.59 40.57 -18.71
C GLN F 123 -14.63 39.40 -19.68
N PRO F 124 -15.45 39.49 -20.73
CA PRO F 124 -15.55 38.39 -21.70
C PRO F 124 -14.18 38.19 -22.35
N TRP F 125 -13.82 36.95 -22.62
CA TRP F 125 -12.52 36.69 -23.24
C TRP F 125 -12.47 37.19 -24.68
N SER F 126 -13.60 37.15 -25.36
CA SER F 126 -13.66 37.58 -26.74
C SER F 126 -13.56 39.08 -26.86
N SER F 127 -13.75 39.78 -25.74
CA SER F 127 -13.66 41.24 -25.76
C SER F 127 -12.25 41.75 -25.52
N MET F 128 -11.96 42.92 -26.07
CA MET F 128 -10.65 43.55 -25.91
C MET F 128 -10.78 44.78 -25.03
N ILE F 129 -11.96 44.98 -24.47
CA ILE F 129 -12.20 46.12 -23.58
C ILE F 129 -12.91 45.60 -22.34
N PRO F 130 -12.62 46.21 -21.20
CA PRO F 130 -11.67 47.31 -21.07
C PRO F 130 -10.23 46.89 -21.17
N HIS F 131 -9.97 45.59 -21.26
CA HIS F 131 -8.60 45.14 -21.31
C HIS F 131 -8.25 44.39 -22.57
N GLU F 132 -7.22 44.88 -23.25
CA GLU F 132 -6.73 44.27 -24.47
C GLU F 132 -5.91 43.07 -24.04
N HIS F 133 -5.96 41.98 -24.79
CA HIS F 133 -5.19 40.80 -24.40
C HIS F 133 -5.09 39.79 -25.54
N SER F 134 -4.27 38.77 -25.36
CA SER F 134 -4.05 37.77 -26.41
C SER F 134 -4.73 36.40 -26.28
N PHE F 135 -5.29 36.10 -25.11
CA PHE F 135 -5.94 34.81 -24.91
C PHE F 135 -7.20 34.67 -25.75
N LEU F 136 -7.09 33.93 -26.85
CA LEU F 136 -8.23 33.71 -27.69
C LEU F 136 -8.52 32.24 -27.59
N PRO F 137 -9.75 31.85 -27.86
CA PRO F 137 -10.08 30.43 -27.77
C PRO F 137 -9.19 29.70 -28.77
N SER F 138 -8.80 30.43 -29.82
CA SER F 138 -7.98 29.89 -30.91
C SER F 138 -6.54 29.50 -30.60
N SER F 139 -6.04 29.88 -29.43
CA SER F 139 -4.67 29.56 -29.08
C SER F 139 -4.70 28.63 -27.90
N TYR F 140 -5.88 28.51 -27.31
CA TYR F 140 -6.05 27.66 -26.17
C TYR F 140 -7.22 26.76 -26.51
N ARG F 141 -7.09 26.08 -27.65
CA ARG F 141 -8.14 25.18 -28.10
C ARG F 141 -8.38 24.20 -26.97
N GLY F 142 -9.62 24.14 -26.50
CA GLY F 142 -9.84 23.20 -25.43
C GLY F 142 -9.84 23.75 -24.02
N LYS F 143 -9.22 24.89 -23.76
CA LYS F 143 -9.25 25.44 -22.40
C LYS F 143 -10.58 26.19 -22.17
N ASP F 144 -11.55 25.93 -23.03
CA ASP F 144 -12.88 26.54 -22.94
C ASP F 144 -12.91 27.99 -22.48
N LEU F 145 -12.39 28.88 -23.32
CA LEU F 145 -12.40 30.30 -22.98
C LEU F 145 -13.62 30.93 -23.57
N GLN F 146 -14.77 30.64 -22.98
CA GLN F 146 -15.99 31.19 -23.49
C GLN F 146 -16.58 32.19 -22.49
N GLU F 147 -17.65 32.87 -22.90
CA GLU F 147 -18.29 33.90 -22.07
C GLU F 147 -17.23 34.66 -21.30
N ASN F 148 -17.37 34.68 -19.99
CA ASN F 148 -16.40 35.38 -19.17
C ASN F 148 -16.08 34.54 -17.96
N TYR F 149 -16.05 33.24 -18.18
CA TYR F 149 -15.75 32.30 -17.10
C TYR F 149 -14.31 32.38 -16.63
N CYS F 150 -14.10 32.11 -15.36
CA CYS F 150 -12.77 32.08 -14.79
C CYS F 150 -12.08 30.87 -15.38
N ARG F 151 -10.85 31.04 -15.84
CA ARG F 151 -10.10 29.94 -16.42
C ARG F 151 -8.65 30.05 -16.10
N ASN F 152 -7.92 28.97 -16.36
CA ASN F 152 -6.48 28.91 -16.13
C ASN F 152 -5.94 28.26 -17.39
N PRO F 153 -6.07 28.95 -18.52
CA PRO F 153 -5.62 28.48 -19.83
C PRO F 153 -4.18 28.03 -19.86
N ARG F 154 -3.37 28.66 -19.03
CA ARG F 154 -1.95 28.37 -18.93
C ARG F 154 -1.61 27.64 -17.64
N GLY F 155 -2.52 26.82 -17.14
CA GLY F 155 -2.28 26.06 -15.92
C GLY F 155 -1.23 26.66 -14.99
N GLU F 156 -1.32 27.95 -14.74
CA GLU F 156 -0.35 28.59 -13.86
C GLU F 156 -0.77 28.65 -12.41
N GLU F 157 0.20 28.67 -11.51
CA GLU F 157 -0.11 28.77 -10.11
C GLU F 157 -0.98 29.99 -10.02
N GLY F 158 -1.98 29.90 -9.17
CA GLY F 158 -2.88 31.02 -9.00
C GLY F 158 -4.27 30.50 -9.28
N GLY F 159 -4.32 29.43 -10.07
CA GLY F 159 -5.59 28.83 -10.40
C GLY F 159 -6.39 29.69 -11.35
N PRO F 160 -7.66 29.35 -11.60
CA PRO F 160 -8.47 30.15 -12.51
C PRO F 160 -8.45 31.65 -12.19
N TRP F 161 -8.54 32.44 -13.25
CA TRP F 161 -8.52 33.90 -13.14
C TRP F 161 -9.29 34.43 -14.33
N CYS F 162 -9.32 35.76 -14.48
CA CYS F 162 -10.01 36.35 -15.61
C CYS F 162 -9.74 37.85 -15.66
N PHE F 163 -9.92 38.47 -16.83
CA PHE F 163 -9.74 39.90 -16.93
C PHE F 163 -11.01 40.48 -16.31
N THR F 164 -10.86 41.48 -15.46
CA THR F 164 -12.01 42.08 -14.79
C THR F 164 -12.66 43.19 -15.61
N SER F 165 -13.95 43.41 -15.36
CA SER F 165 -14.68 44.44 -16.08
C SER F 165 -14.36 45.80 -15.48
N ASN F 166 -13.49 45.80 -14.47
CA ASN F 166 -13.06 47.04 -13.82
C ASN F 166 -11.82 47.54 -14.54
N PRO F 167 -11.93 48.67 -15.25
CA PRO F 167 -10.80 49.25 -15.99
C PRO F 167 -9.56 49.39 -15.13
N GLU F 168 -9.77 49.75 -13.89
CA GLU F 168 -8.66 49.93 -12.99
C GLU F 168 -8.06 48.63 -12.48
N VAL F 169 -8.64 47.50 -12.89
CA VAL F 169 -8.12 46.19 -12.49
C VAL F 169 -8.09 45.25 -13.71
N ARG F 170 -6.92 45.12 -14.32
CA ARG F 170 -6.79 44.28 -15.50
C ARG F 170 -7.27 42.84 -15.27
N TYR F 171 -6.61 42.12 -14.38
CA TYR F 171 -6.99 40.73 -14.09
C TYR F 171 -6.94 40.42 -12.60
N GLU F 172 -7.55 39.31 -12.22
CA GLU F 172 -7.56 38.86 -10.84
C GLU F 172 -7.98 37.39 -10.79
N VAL F 173 -7.48 36.67 -9.79
CA VAL F 173 -7.81 35.27 -9.65
C VAL F 173 -9.22 35.16 -9.12
N CYS F 174 -9.81 33.98 -9.30
CA CYS F 174 -11.16 33.75 -8.83
C CYS F 174 -11.09 32.82 -7.64
N ASP F 175 -12.08 32.95 -6.78
CA ASP F 175 -12.18 32.15 -5.56
C ASP F 175 -12.79 30.79 -5.82
N ILE F 176 -12.05 29.86 -6.41
CA ILE F 176 -12.63 28.57 -6.72
C ILE F 176 -12.09 27.41 -5.90
N PRO F 177 -12.94 26.83 -5.05
CA PRO F 177 -12.68 25.71 -4.14
C PRO F 177 -12.01 24.47 -4.69
N GLN F 178 -11.13 23.90 -3.87
CA GLN F 178 -10.42 22.68 -4.20
C GLN F 178 -11.38 21.53 -3.93
N CYS F 179 -11.35 20.49 -4.76
CA CYS F 179 -12.22 19.33 -4.54
C CYS F 179 -11.87 18.64 -3.24
N SER F 180 -10.61 18.77 -2.82
CA SER F 180 -10.16 18.16 -1.58
C SER F 180 -10.20 19.21 -0.45
N GLU F 181 -11.39 19.40 0.10
CA GLU F 181 -11.64 20.34 1.19
C GLU F 181 -12.92 19.95 1.90
N VAL F 182 -12.78 19.12 2.93
CA VAL F 182 -13.94 18.66 3.70
C VAL F 182 -13.80 19.08 5.16
N GLU F 183 -13.30 20.20 5.40
N THR G 11 -27.18 -30.86 26.57
CA THR G 11 -26.26 -29.68 26.47
C THR G 11 -25.01 -29.85 27.32
N ILE G 12 -25.00 -30.88 28.16
CA ILE G 12 -23.87 -31.13 29.03
C ILE G 12 -22.63 -31.39 28.20
N HIS G 13 -22.81 -31.68 26.91
CA HIS G 13 -21.67 -31.94 26.03
C HIS G 13 -21.12 -30.64 25.48
N GLU G 14 -21.73 -29.54 25.90
CA GLU G 14 -21.31 -28.23 25.46
C GLU G 14 -20.45 -27.59 26.53
N PHE G 15 -20.02 -28.41 27.48
CA PHE G 15 -19.16 -27.94 28.57
C PHE G 15 -17.87 -28.75 28.58
N LYS G 16 -16.86 -28.23 29.27
CA LYS G 16 -15.57 -28.89 29.40
C LYS G 16 -15.54 -29.50 30.80
N LYS G 17 -15.65 -30.82 30.88
CA LYS G 17 -15.66 -31.49 32.18
C LYS G 17 -14.28 -31.66 32.80
N SER G 18 -14.22 -31.47 34.12
CA SER G 18 -12.98 -31.61 34.89
C SER G 18 -13.25 -32.46 36.14
N ALA G 19 -13.15 -33.77 35.94
CA ALA G 19 -13.40 -34.75 36.98
C ALA G 19 -12.81 -34.41 38.34
N LYS G 20 -13.44 -34.96 39.37
CA LYS G 20 -13.03 -34.77 40.76
C LYS G 20 -12.53 -33.35 41.08
N THR G 21 -13.28 -32.35 40.61
CA THR G 21 -12.89 -30.95 40.85
C THR G 21 -14.08 -30.07 41.25
N THR G 22 -13.78 -28.90 41.80
CA THR G 22 -14.76 -27.92 42.21
C THR G 22 -14.02 -26.59 42.41
N LEU G 23 -14.77 -25.50 42.62
CA LEU G 23 -14.15 -24.17 42.81
C LEU G 23 -14.51 -23.52 44.15
N LYS G 31 -21.19 -13.95 44.25
CA LYS G 31 -22.45 -14.67 44.45
C LYS G 31 -22.37 -16.09 43.92
N ILE G 32 -23.37 -16.89 44.26
CA ILE G 32 -23.47 -18.28 43.84
C ILE G 32 -24.95 -18.69 43.95
N LYS G 33 -25.27 -19.86 43.42
CA LYS G 33 -26.62 -20.39 43.47
C LYS G 33 -26.52 -21.92 43.49
N THR G 34 -27.45 -22.56 44.21
CA THR G 34 -27.45 -24.02 44.29
C THR G 34 -28.86 -24.60 44.35
N LYS G 35 -28.92 -25.92 44.28
CA LYS G 35 -30.18 -26.65 44.34
C LYS G 35 -29.81 -28.12 44.26
N LYS G 36 -30.72 -28.97 44.75
CA LYS G 36 -30.52 -30.40 44.73
C LYS G 36 -31.35 -30.97 43.58
N VAL G 37 -30.71 -31.71 42.67
CA VAL G 37 -31.42 -32.30 41.53
C VAL G 37 -31.12 -33.81 41.40
N ASN G 38 -31.39 -34.39 40.23
CA ASN G 38 -31.15 -35.81 40.05
C ASN G 38 -29.90 -36.06 39.22
N THR G 39 -29.87 -35.47 38.04
CA THR G 39 -28.71 -35.67 37.19
C THR G 39 -27.95 -34.38 36.93
N ALA G 40 -26.67 -34.52 36.59
CA ALA G 40 -25.85 -33.36 36.29
C ALA G 40 -26.43 -32.65 35.07
N ASP G 41 -27.09 -33.42 34.21
CA ASP G 41 -27.71 -32.89 33.00
C ASP G 41 -28.61 -31.71 33.36
N GLN G 42 -29.36 -31.85 34.45
CA GLN G 42 -30.25 -30.79 34.90
C GLN G 42 -29.44 -29.52 35.16
N CYS G 43 -28.30 -29.67 35.84
CA CYS G 43 -27.43 -28.54 36.14
C CYS G 43 -27.04 -27.87 34.82
N ALA G 44 -26.67 -28.71 33.85
CA ALA G 44 -26.26 -28.25 32.53
C ALA G 44 -27.33 -27.41 31.84
N ASP G 45 -28.49 -28.00 31.59
CA ASP G 45 -29.57 -27.27 30.92
C ASP G 45 -29.77 -25.90 31.57
N ARG G 46 -30.20 -25.89 32.83
CA ARG G 46 -30.44 -24.64 33.56
C ARG G 46 -29.31 -23.64 33.45
N CYS G 47 -28.10 -24.13 33.19
CA CYS G 47 -26.96 -23.22 33.05
C CYS G 47 -26.94 -22.71 31.61
N THR G 48 -27.12 -23.63 30.66
CA THR G 48 -27.12 -23.26 29.26
C THR G 48 -28.21 -22.21 29.03
N ARG G 49 -29.41 -22.49 29.53
CA ARG G 49 -30.54 -21.57 29.41
C ARG G 49 -30.46 -20.47 30.45
N ASN G 50 -29.36 -20.44 31.21
CA ASN G 50 -29.15 -19.43 32.24
C ASN G 50 -30.45 -19.07 32.98
N LYS G 51 -31.30 -20.08 33.16
CA LYS G 51 -32.59 -19.91 33.84
C LYS G 51 -32.48 -19.73 35.38
N GLY G 52 -33.16 -18.70 35.89
CA GLY G 52 -33.17 -18.47 37.32
C GLY G 52 -31.86 -18.14 38.00
N LEU G 53 -30.89 -17.64 37.24
CA LEU G 53 -29.61 -17.31 37.81
C LEU G 53 -29.33 -15.82 37.70
N PRO G 54 -29.27 -15.12 38.85
CA PRO G 54 -29.01 -13.68 38.92
C PRO G 54 -27.63 -13.28 38.42
N PHE G 55 -27.12 -14.04 37.44
CA PHE G 55 -25.82 -13.79 36.84
C PHE G 55 -25.66 -14.70 35.63
N THR G 56 -24.55 -14.52 34.90
CA THR G 56 -24.29 -15.36 33.74
C THR G 56 -23.65 -16.64 34.25
N CYS G 57 -24.25 -17.78 33.96
CA CYS G 57 -23.71 -19.05 34.39
C CYS G 57 -22.50 -19.44 33.54
N LYS G 58 -21.31 -19.13 34.02
CA LYS G 58 -20.07 -19.43 33.30
C LYS G 58 -19.57 -20.85 33.55
N ALA G 59 -19.97 -21.42 34.69
CA ALA G 59 -19.56 -22.76 35.06
C ALA G 59 -20.44 -23.31 36.17
N PHE G 60 -20.46 -24.63 36.29
CA PHE G 60 -21.25 -25.28 37.32
C PHE G 60 -20.59 -26.58 37.76
N VAL G 61 -20.78 -26.92 39.03
CA VAL G 61 -20.23 -28.14 39.59
C VAL G 61 -21.38 -29.04 40.01
N PHE G 62 -21.19 -30.34 39.88
CA PHE G 62 -22.23 -31.27 40.30
C PHE G 62 -21.67 -32.13 41.43
N ASP G 63 -22.40 -32.16 42.54
CA ASP G 63 -22.01 -32.92 43.73
C ASP G 63 -22.63 -34.31 43.75
N LYS G 64 -22.04 -35.25 43.02
CA LYS G 64 -22.54 -36.62 42.95
C LYS G 64 -22.96 -37.18 44.31
N ALA G 65 -22.43 -36.60 45.38
CA ALA G 65 -22.74 -37.04 46.74
C ALA G 65 -24.12 -36.57 47.18
N ARG G 66 -24.28 -35.26 47.31
CA ARG G 66 -25.55 -34.66 47.73
C ARG G 66 -26.48 -34.34 46.56
N LYS G 67 -26.12 -34.83 45.37
CA LYS G 67 -26.89 -34.59 44.14
C LYS G 67 -27.37 -33.13 44.10
N GLN G 68 -26.40 -32.22 44.11
CA GLN G 68 -26.65 -30.78 44.12
C GLN G 68 -25.81 -30.03 43.07
N CYS G 69 -26.40 -29.02 42.44
CA CYS G 69 -25.68 -28.22 41.44
C CYS G 69 -25.08 -27.01 42.13
N LEU G 70 -24.08 -26.41 41.48
CA LEU G 70 -23.41 -25.22 42.01
C LEU G 70 -23.04 -24.32 40.84
N TRP G 71 -23.97 -23.44 40.49
CA TRP G 71 -23.79 -22.50 39.39
C TRP G 71 -22.96 -21.30 39.85
N PHE G 72 -21.94 -20.95 39.07
CA PHE G 72 -21.07 -19.82 39.41
C PHE G 72 -20.95 -18.82 38.27
N PRO G 73 -20.78 -17.54 38.62
CA PRO G 73 -20.63 -16.46 37.64
C PRO G 73 -19.13 -16.34 37.33
N PHE G 74 -18.44 -17.47 37.39
CA PHE G 74 -17.01 -17.53 37.13
C PHE G 74 -16.62 -18.97 36.80
N ASN G 75 -15.35 -19.15 36.45
CA ASN G 75 -14.83 -20.47 36.13
C ASN G 75 -13.43 -20.61 36.68
N SER G 76 -12.73 -21.68 36.28
CA SER G 76 -11.36 -21.91 36.76
C SER G 76 -10.41 -20.72 36.57
N MET G 77 -10.23 -20.24 35.34
CA MET G 77 -9.32 -19.13 35.11
C MET G 77 -9.73 -17.85 35.81
N SER G 78 -11.00 -17.76 36.21
CA SER G 78 -11.49 -16.57 36.90
C SER G 78 -10.58 -16.25 38.09
N SER G 79 -10.43 -14.96 38.39
CA SER G 79 -9.60 -14.53 39.52
C SER G 79 -10.54 -14.44 40.72
N GLY G 80 -10.03 -14.74 41.91
CA GLY G 80 -10.86 -14.69 43.10
C GLY G 80 -11.53 -16.04 43.30
N VAL G 81 -10.99 -17.03 42.61
CA VAL G 81 -11.49 -18.40 42.65
C VAL G 81 -10.29 -19.34 42.66
N LYS G 82 -10.51 -20.55 43.17
CA LYS G 82 -9.45 -21.55 43.23
C LYS G 82 -10.04 -22.95 43.11
N LYS G 83 -9.37 -23.78 42.32
CA LYS G 83 -9.78 -25.16 42.12
C LYS G 83 -9.63 -25.91 43.43
N GLU G 84 -10.14 -27.13 43.47
CA GLU G 84 -10.02 -27.94 44.67
C GLU G 84 -10.42 -29.36 44.34
N PHE G 85 -9.66 -30.32 44.87
CA PHE G 85 -9.98 -31.72 44.62
C PHE G 85 -11.12 -32.20 45.51
N GLY G 86 -11.87 -33.17 45.00
CA GLY G 86 -12.99 -33.72 45.74
C GLY G 86 -13.69 -34.75 44.89
N HIS G 87 -13.46 -36.03 45.19
CA HIS G 87 -14.04 -37.13 44.44
C HIS G 87 -15.53 -36.97 44.13
N GLU G 88 -16.29 -36.40 45.07
CA GLU G 88 -17.72 -36.23 44.84
C GLU G 88 -18.09 -35.09 43.87
N PHE G 89 -17.10 -34.34 43.41
CA PHE G 89 -17.40 -33.25 42.50
C PHE G 89 -17.01 -33.50 41.05
N ASP G 90 -17.52 -32.64 40.19
CA ASP G 90 -17.25 -32.63 38.76
C ASP G 90 -17.43 -31.21 38.26
N LEU G 91 -16.39 -30.66 37.65
CA LEU G 91 -16.45 -29.30 37.12
C LEU G 91 -16.82 -29.28 35.64
N TYR G 92 -17.81 -28.43 35.32
CA TYR G 92 -18.33 -28.25 33.95
C TYR G 92 -18.29 -26.76 33.58
N GLU G 93 -17.27 -26.35 32.82
CA GLU G 93 -17.14 -24.96 32.41
C GLU G 93 -17.76 -24.69 31.04
N ASN G 94 -18.42 -23.54 30.94
CA ASN G 94 -19.09 -23.10 29.70
C ASN G 94 -18.00 -22.69 28.70
N LYS G 95 -17.98 -23.34 27.54
CA LYS G 95 -16.97 -23.05 26.54
C LYS G 95 -16.91 -21.59 26.07
N ASP G 96 -18.01 -20.86 26.16
CA ASP G 96 -18.00 -19.46 25.69
C ASP G 96 -17.18 -18.55 26.58
N TYR G 97 -16.77 -19.07 27.73
CA TYR G 97 -15.98 -18.26 28.64
C TYR G 97 -14.57 -18.79 28.83
N ILE G 98 -14.17 -19.72 27.97
CA ILE G 98 -12.83 -20.27 28.02
C ILE G 98 -12.19 -19.79 26.73
N ARG G 99 -11.30 -18.81 26.86
CA ARG G 99 -10.63 -18.21 25.74
C ARG G 99 -10.37 -19.23 24.64
N ASN G 100 -10.78 -18.91 23.42
CA ASN G 100 -10.57 -19.82 22.31
C ASN G 100 -9.53 -19.33 21.31
N CYS G 101 -8.61 -18.49 21.76
CA CYS G 101 -7.52 -17.97 20.91
C CYS G 101 -6.30 -17.93 21.83
N ILE G 102 -5.10 -17.86 21.24
CA ILE G 102 -3.90 -17.83 22.06
C ILE G 102 -3.12 -16.53 21.93
N ILE G 103 -2.36 -16.22 22.98
CA ILE G 103 -1.51 -15.03 22.98
C ILE G 103 -0.07 -15.53 22.82
N GLY G 104 0.47 -15.36 21.62
CA GLY G 104 1.84 -15.79 21.37
C GLY G 104 2.06 -17.28 21.17
N LYS G 105 2.60 -17.95 22.18
CA LYS G 105 2.87 -19.38 22.07
C LYS G 105 1.71 -20.24 22.52
N GLY G 106 0.98 -19.78 23.54
CA GLY G 106 -0.16 -20.54 24.01
C GLY G 106 0.11 -21.35 25.26
N ARG G 107 1.16 -21.00 25.99
CA ARG G 107 1.51 -21.72 27.20
C ARG G 107 0.28 -21.92 28.12
N SER G 108 -0.69 -21.01 28.04
CA SER G 108 -1.87 -21.12 28.89
C SER G 108 -3.16 -21.49 28.16
N TYR G 109 -3.08 -21.82 26.89
CA TYR G 109 -4.28 -22.21 26.16
C TYR G 109 -5.00 -23.39 26.83
N LYS G 110 -6.24 -23.20 27.23
CA LYS G 110 -6.95 -24.29 27.85
C LYS G 110 -8.27 -24.58 27.16
N GLY G 111 -8.34 -24.21 25.88
CA GLY G 111 -9.53 -24.44 25.09
C GLY G 111 -9.71 -25.92 24.87
N THR G 112 -10.73 -26.32 24.11
CA THR G 112 -10.98 -27.73 23.90
C THR G 112 -10.77 -28.28 22.51
N VAL G 113 -9.99 -27.61 21.69
CA VAL G 113 -9.72 -28.11 20.35
C VAL G 113 -8.89 -29.40 20.49
N SER G 114 -9.25 -30.42 19.72
CA SER G 114 -8.53 -31.69 19.80
C SER G 114 -8.28 -32.27 18.42
N ILE G 115 -7.92 -31.40 17.49
CA ILE G 115 -7.63 -31.79 16.11
C ILE G 115 -6.38 -31.10 15.60
N THR G 116 -5.49 -31.88 14.99
CA THR G 116 -4.24 -31.36 14.44
C THR G 116 -4.60 -30.54 13.19
N LYS G 117 -3.73 -29.63 12.79
CA LYS G 117 -4.04 -28.81 11.63
C LYS G 117 -4.17 -29.62 10.36
N SER G 118 -3.88 -30.92 10.44
CA SER G 118 -4.02 -31.81 9.30
C SER G 118 -5.30 -32.62 9.46
N GLY G 119 -6.07 -32.27 10.48
CA GLY G 119 -7.34 -32.94 10.71
C GLY G 119 -7.26 -34.27 11.43
N ILE G 120 -6.15 -34.53 12.11
CA ILE G 120 -6.04 -35.79 12.85
C ILE G 120 -6.59 -35.59 14.25
N LYS G 121 -7.35 -36.58 14.71
CA LYS G 121 -7.90 -36.54 16.06
C LYS G 121 -6.75 -36.73 17.04
N CYS G 122 -6.76 -35.99 18.14
CA CYS G 122 -5.70 -36.10 19.12
C CYS G 122 -5.79 -37.37 19.96
N GLN G 123 -4.65 -37.75 20.54
CA GLN G 123 -4.55 -38.93 21.41
C GLN G 123 -4.65 -38.45 22.83
N PRO G 124 -5.40 -39.16 23.67
CA PRO G 124 -5.52 -38.74 25.07
C PRO G 124 -4.13 -38.66 25.68
N TRP G 125 -3.88 -37.64 26.50
CA TRP G 125 -2.57 -37.54 27.11
C TRP G 125 -2.34 -38.72 28.05
N SER G 126 -3.40 -39.12 28.74
CA SER G 126 -3.30 -40.23 29.67
C SER G 126 -2.96 -41.54 28.96
N SER G 127 -3.24 -41.64 27.66
CA SER G 127 -2.95 -42.86 26.92
C SER G 127 -1.52 -42.97 26.42
N MET G 128 -1.12 -44.20 26.12
CA MET G 128 0.22 -44.49 25.61
C MET G 128 0.04 -45.09 24.22
N ILE G 129 -1.19 -45.08 23.75
CA ILE G 129 -1.50 -45.65 22.45
C ILE G 129 -2.14 -44.61 21.53
N PRO G 130 -1.69 -44.55 20.26
CA PRO G 130 -0.64 -45.39 19.67
C PRO G 130 0.76 -44.85 19.94
N HIS G 131 0.89 -43.88 20.84
CA HIS G 131 2.21 -43.33 21.12
C HIS G 131 2.52 -43.24 22.61
N GLU G 132 3.60 -43.89 23.01
CA GLU G 132 4.02 -43.84 24.41
C GLU G 132 4.75 -42.52 24.54
N HIS G 133 4.53 -41.83 25.64
CA HIS G 133 5.16 -40.54 25.85
C HIS G 133 5.29 -40.22 27.34
N SER G 134 6.03 -39.16 27.63
CA SER G 134 6.29 -38.70 28.98
C SER G 134 5.42 -37.55 29.48
N PHE G 135 4.43 -37.15 28.68
CA PHE G 135 3.53 -36.05 29.00
C PHE G 135 2.26 -36.44 29.77
N LEU G 136 2.45 -36.82 31.02
CA LEU G 136 1.33 -37.19 31.87
C LEU G 136 0.81 -35.95 32.57
N PRO G 137 -0.49 -35.93 32.87
CA PRO G 137 -1.02 -34.75 33.55
C PRO G 137 -0.21 -34.52 34.82
N SER G 138 -0.17 -35.55 35.66
CA SER G 138 0.54 -35.54 36.93
C SER G 138 1.90 -34.83 36.96
N SER G 139 2.74 -35.11 35.96
CA SER G 139 4.04 -34.46 35.91
C SER G 139 3.94 -33.01 35.39
N TYR G 140 2.77 -32.68 34.82
CA TYR G 140 2.51 -31.35 34.29
C TYR G 140 1.23 -30.75 34.85
N ARG G 141 0.89 -31.08 36.09
CA ARG G 141 -0.33 -30.55 36.71
C ARG G 141 -0.34 -29.03 36.50
N GLY G 142 -1.51 -28.51 36.16
CA GLY G 142 -1.64 -27.10 35.89
C GLY G 142 -1.60 -26.78 34.40
N LYS G 143 -0.98 -27.66 33.60
CA LYS G 143 -0.90 -27.46 32.14
C LYS G 143 -2.16 -28.05 31.51
N ASP G 144 -3.08 -28.47 32.38
CA ASP G 144 -4.35 -29.06 31.99
C ASP G 144 -4.27 -30.07 30.85
N LEU G 145 -3.37 -31.04 30.99
CA LEU G 145 -3.24 -32.07 29.98
C LEU G 145 -4.33 -33.10 30.18
N GLN G 146 -5.59 -32.64 30.17
CA GLN G 146 -6.72 -33.54 30.34
C GLN G 146 -7.28 -33.89 28.96
N GLU G 147 -8.10 -34.94 28.87
CA GLU G 147 -8.65 -35.37 27.60
C GLU G 147 -7.59 -35.50 26.51
N ASN G 148 -7.94 -35.03 25.33
CA ASN G 148 -7.00 -35.06 24.22
C ASN G 148 -6.93 -33.69 23.60
N TYR G 149 -7.07 -32.67 24.44
CA TYR G 149 -7.03 -31.28 23.99
C TYR G 149 -5.62 -30.83 23.64
N CYS G 150 -5.51 -30.07 22.56
CA CYS G 150 -4.21 -29.54 22.15
C CYS G 150 -3.70 -28.66 23.28
N ARG G 151 -2.44 -28.82 23.61
CA ARG G 151 -1.85 -28.05 24.67
C ARG G 151 -0.41 -27.74 24.28
N ASN G 152 0.26 -26.97 25.12
CA ASN G 152 1.66 -26.63 24.89
C ASN G 152 2.28 -26.52 26.27
N PRO G 153 2.38 -27.66 26.98
CA PRO G 153 2.93 -27.75 28.33
C PRO G 153 4.37 -27.29 28.49
N ARG G 154 5.07 -27.14 27.38
CA ARG G 154 6.46 -26.70 27.43
C ARG G 154 6.62 -25.36 26.73
N GLY G 155 5.51 -24.62 26.63
CA GLY G 155 5.53 -23.32 25.98
C GLY G 155 6.57 -23.19 24.88
N GLU G 156 6.67 -24.22 24.05
CA GLU G 156 7.64 -24.22 22.97
C GLU G 156 7.06 -23.47 21.80
N GLU G 157 7.91 -22.96 20.92
CA GLU G 157 7.40 -22.26 19.75
C GLU G 157 6.54 -23.32 19.08
N GLY G 158 5.68 -22.91 18.18
CA GLY G 158 4.84 -23.90 17.52
C GLY G 158 3.49 -23.95 18.21
N GLY G 159 3.42 -23.36 19.39
CA GLY G 159 2.17 -23.33 20.14
C GLY G 159 1.59 -24.70 20.42
N PRO G 160 0.30 -24.76 20.79
CA PRO G 160 -0.41 -26.00 21.10
C PRO G 160 -0.26 -27.12 20.08
N TRP G 161 -0.09 -28.33 20.61
CA TRP G 161 0.07 -29.53 19.81
C TRP G 161 -0.56 -30.69 20.57
N CYS G 162 -0.40 -31.90 20.04
CA CYS G 162 -0.94 -33.07 20.69
C CYS G 162 -0.44 -34.31 19.97
N PHE G 163 -0.49 -35.44 20.66
CA PHE G 163 -0.09 -36.70 20.04
C PHE G 163 -1.27 -37.14 19.19
N THR G 164 -1.03 -37.40 17.92
CA THR G 164 -2.13 -37.79 17.03
C THR G 164 -2.50 -39.27 17.12
N SER G 165 -3.78 -39.56 16.92
CA SER G 165 -4.28 -40.93 16.97
C SER G 165 -3.81 -41.76 15.78
N ASN G 166 -3.07 -41.12 14.87
CA ASN G 166 -2.55 -41.79 13.68
C ASN G 166 -1.17 -42.35 14.03
N PRO G 167 -1.04 -43.69 14.03
CA PRO G 167 0.25 -44.32 14.36
C PRO G 167 1.39 -43.79 13.49
N GLU G 168 1.08 -43.40 12.25
CA GLU G 168 2.09 -42.88 11.33
C GLU G 168 2.57 -41.48 11.72
N VAL G 169 1.73 -40.73 12.44
CA VAL G 169 2.08 -39.38 12.86
C VAL G 169 2.12 -39.33 14.39
N ARG G 170 3.33 -39.24 14.96
CA ARG G 170 3.46 -39.20 16.41
C ARG G 170 2.80 -37.98 17.03
N TYR G 171 3.12 -36.81 16.48
CA TYR G 171 2.55 -35.56 16.98
C TYR G 171 2.49 -34.50 15.90
N GLU G 172 1.65 -33.50 16.14
CA GLU G 172 1.48 -32.40 15.22
C GLU G 172 0.83 -31.23 15.92
N VAL G 173 1.07 -30.03 15.40
CA VAL G 173 0.50 -28.82 15.98
C VAL G 173 -0.96 -28.67 15.57
N CYS G 174 -1.70 -27.86 16.32
CA CYS G 174 -3.10 -27.63 16.03
C CYS G 174 -3.27 -26.21 15.54
N ASP G 175 -4.24 -26.03 14.65
CA ASP G 175 -4.57 -24.72 14.06
C ASP G 175 -5.35 -23.85 15.06
N ILE G 176 -4.65 -23.22 16.00
CA ILE G 176 -5.35 -22.38 16.96
C ILE G 176 -4.94 -20.93 16.76
N PRO G 177 -5.90 -20.10 16.31
CA PRO G 177 -5.74 -18.67 16.04
C PRO G 177 -5.23 -17.80 17.16
N GLN G 178 -4.60 -16.71 16.77
CA GLN G 178 -4.07 -15.73 17.70
C GLN G 178 -5.23 -14.80 18.05
N CYS G 179 -5.18 -14.19 19.22
CA CYS G 179 -6.23 -13.25 19.59
C CYS G 179 -5.98 -11.96 18.84
N SER G 180 -4.71 -11.73 18.51
CA SER G 180 -4.28 -10.54 17.78
C SER G 180 -4.97 -10.25 16.44
N GLU G 181 -4.88 -11.10 15.41
CA GLU G 181 -5.53 -10.75 14.13
C GLU G 181 -4.98 -11.48 12.90
N VAL G 182 -5.37 -12.64 12.69
N THR H 11 -24.97 -31.95 16.61
CA THR H 11 -24.02 -30.94 17.17
C THR H 11 -24.14 -29.60 16.46
N ILE H 12 -25.24 -29.42 15.74
CA ILE H 12 -25.51 -28.18 15.02
C ILE H 12 -25.73 -26.98 15.94
N HIS H 13 -26.07 -27.26 17.20
CA HIS H 13 -26.31 -26.23 18.20
C HIS H 13 -25.05 -25.68 18.85
N GLU H 14 -23.91 -26.08 18.32
CA GLU H 14 -22.64 -25.60 18.82
C GLU H 14 -22.05 -24.68 17.76
N PHE H 15 -22.81 -24.47 16.69
CA PHE H 15 -22.39 -23.61 15.60
C PHE H 15 -23.22 -22.35 15.59
N LYS H 16 -22.58 -21.24 15.25
CA LYS H 16 -23.25 -19.97 15.16
C LYS H 16 -23.83 -19.88 13.76
N LYS H 17 -25.14 -20.11 13.65
CA LYS H 17 -25.82 -20.07 12.36
C LYS H 17 -26.07 -18.68 11.79
N SER H 18 -25.95 -18.57 10.48
CA SER H 18 -26.20 -17.34 9.74
C SER H 18 -27.04 -17.75 8.53
N ALA H 19 -28.37 -17.74 8.72
CA ALA H 19 -29.32 -18.12 7.68
C ALA H 19 -29.10 -17.38 6.36
N LYS H 20 -29.42 -18.06 5.27
CA LYS H 20 -29.26 -17.45 3.95
C LYS H 20 -27.91 -16.79 3.81
N THR H 21 -26.84 -17.55 4.01
CA THR H 21 -25.50 -17.01 3.87
C THR H 21 -24.54 -18.08 3.39
N THR H 22 -23.39 -17.65 2.90
CA THR H 22 -22.37 -18.58 2.39
C THR H 22 -21.07 -17.81 2.16
N LEU H 23 -19.93 -18.50 2.23
CA LEU H 23 -18.63 -17.84 2.03
C LEU H 23 -17.97 -18.22 0.69
N ILE H 24 -17.38 -17.23 0.03
CA ILE H 24 -16.71 -17.43 -1.26
C ILE H 24 -15.18 -17.52 -1.13
N LYS H 25 -14.61 -18.59 -1.67
CA LYS H 25 -13.16 -18.84 -1.61
C LYS H 25 -12.38 -18.16 -2.72
N ILE H 26 -12.24 -16.84 -2.63
CA ILE H 26 -11.50 -16.08 -3.64
C ILE H 26 -9.99 -16.16 -3.43
N ASP H 27 -9.46 -17.38 -3.43
CA ASP H 27 -8.02 -17.62 -3.26
C ASP H 27 -7.67 -19.11 -3.29
N PRO H 28 -7.19 -19.58 -4.43
CA PRO H 28 -6.80 -20.98 -4.62
C PRO H 28 -5.60 -21.38 -3.74
N ALA H 29 -5.86 -21.74 -2.50
CA ALA H 29 -4.79 -22.13 -1.58
C ALA H 29 -5.34 -23.00 -0.45
N LEU H 30 -6.54 -22.67 0.01
CA LEU H 30 -7.18 -23.43 1.07
C LEU H 30 -8.11 -24.44 0.41
N LYS H 31 -8.26 -25.61 1.03
CA LYS H 31 -9.12 -26.66 0.48
C LYS H 31 -10.56 -26.59 1.00
N ILE H 32 -11.50 -26.96 0.14
CA ILE H 32 -12.92 -26.95 0.48
C ILE H 32 -13.52 -28.30 0.10
N LYS H 33 -13.67 -29.16 1.09
CA LYS H 33 -14.23 -30.49 0.88
C LYS H 33 -15.76 -30.47 0.88
N THR H 34 -16.35 -30.87 -0.25
CA THR H 34 -17.81 -30.90 -0.38
C THR H 34 -18.30 -32.33 -0.60
N LYS H 35 -19.59 -32.55 -0.37
CA LYS H 35 -20.17 -33.87 -0.55
C LYS H 35 -21.66 -33.82 -0.25
N LYS H 36 -22.46 -34.35 -1.17
CA LYS H 36 -23.91 -34.38 -1.01
C LYS H 36 -24.25 -35.09 0.31
N VAL H 37 -25.41 -34.77 0.86
CA VAL H 37 -25.87 -35.36 2.13
C VAL H 37 -27.37 -35.13 2.30
N ASN H 38 -27.97 -35.83 3.27
CA ASN H 38 -29.40 -35.70 3.57
C ASN H 38 -29.71 -34.43 4.37
N THR H 39 -29.29 -34.41 5.63
CA THR H 39 -29.54 -33.27 6.50
C THR H 39 -28.28 -32.46 6.83
N ALA H 40 -28.49 -31.24 7.32
CA ALA H 40 -27.39 -30.37 7.68
C ALA H 40 -26.64 -30.97 8.87
N ASP H 41 -27.38 -31.68 9.72
CA ASP H 41 -26.81 -32.32 10.90
C ASP H 41 -25.58 -33.15 10.55
N GLN H 42 -25.65 -33.89 9.46
CA GLN H 42 -24.52 -34.71 9.05
C GLN H 42 -23.30 -33.83 8.85
N CYS H 43 -23.52 -32.66 8.24
CA CYS H 43 -22.45 -31.71 8.00
C CYS H 43 -21.80 -31.36 9.33
N ALA H 44 -22.65 -30.97 10.29
CA ALA H 44 -22.21 -30.59 11.62
C ALA H 44 -21.32 -31.67 12.24
N ASP H 45 -21.85 -32.88 12.35
CA ASP H 45 -21.10 -33.99 12.93
C ASP H 45 -19.76 -34.17 12.25
N ARG H 46 -19.75 -34.23 10.92
CA ARG H 46 -18.49 -34.39 10.19
C ARG H 46 -17.55 -33.23 10.49
N CYS H 47 -18.12 -32.05 10.73
CA CYS H 47 -17.32 -30.89 11.03
C CYS H 47 -16.86 -30.92 12.48
N THR H 48 -17.76 -31.32 13.39
CA THR H 48 -17.42 -31.40 14.81
C THR H 48 -16.31 -32.42 15.04
N ARG H 49 -16.56 -33.67 14.65
CA ARG H 49 -15.57 -34.73 14.82
C ARG H 49 -14.45 -34.59 13.80
N ASN H 50 -14.60 -33.64 12.88
CA ASN H 50 -13.60 -33.38 11.86
C ASN H 50 -13.15 -34.67 11.16
N LYS H 51 -14.12 -35.54 10.86
CA LYS H 51 -13.84 -36.82 10.20
C LYS H 51 -13.66 -36.70 8.67
N GLY H 52 -12.61 -37.32 8.17
CA GLY H 52 -12.33 -37.30 6.75
C GLY H 52 -12.17 -35.89 6.20
N LEU H 53 -11.46 -35.05 6.94
CA LEU H 53 -11.21 -33.68 6.53
C LEU H 53 -9.73 -33.38 6.68
N PRO H 54 -9.06 -32.99 5.58
CA PRO H 54 -7.63 -32.68 5.56
C PRO H 54 -7.28 -31.34 6.20
N PHE H 55 -8.12 -30.87 7.10
CA PHE H 55 -7.88 -29.60 7.75
C PHE H 55 -8.82 -29.42 8.93
N THR H 56 -8.69 -28.27 9.59
CA THR H 56 -9.51 -27.93 10.74
C THR H 56 -10.82 -27.33 10.21
N CYS H 57 -11.94 -28.00 10.44
CA CYS H 57 -13.24 -27.49 9.99
C CYS H 57 -13.68 -26.33 10.88
N LYS H 58 -13.54 -25.11 10.38
CA LYS H 58 -13.90 -23.92 11.14
C LYS H 58 -15.32 -23.42 10.85
N ALA H 59 -15.88 -23.90 9.75
CA ALA H 59 -17.22 -23.51 9.37
C ALA H 59 -17.70 -24.40 8.24
N PHE H 60 -19.01 -24.47 8.06
CA PHE H 60 -19.59 -25.28 7.00
C PHE H 60 -20.92 -24.67 6.55
N VAL H 61 -21.15 -24.70 5.25
CA VAL H 61 -22.38 -24.17 4.68
C VAL H 61 -23.22 -25.32 4.16
N PHE H 62 -24.51 -25.31 4.48
CA PHE H 62 -25.38 -26.37 3.99
C PHE H 62 -26.23 -25.86 2.83
N ASP H 63 -26.03 -26.49 1.67
CA ASP H 63 -26.79 -26.12 0.48
C ASP H 63 -28.12 -26.87 0.56
N LYS H 64 -29.14 -26.21 1.12
CA LYS H 64 -30.47 -26.80 1.30
C LYS H 64 -31.05 -27.36 -0.01
N ALA H 65 -30.78 -26.69 -1.12
CA ALA H 65 -31.24 -27.10 -2.44
C ALA H 65 -30.56 -28.40 -2.89
N ARG H 66 -29.30 -28.29 -3.29
CA ARG H 66 -28.50 -29.43 -3.75
C ARG H 66 -27.98 -30.25 -2.56
N LYS H 67 -28.70 -30.17 -1.45
CA LYS H 67 -28.38 -30.87 -0.19
C LYS H 67 -26.97 -31.46 -0.06
N GLN H 68 -25.97 -30.58 -0.09
CA GLN H 68 -24.59 -31.02 0.04
C GLN H 68 -23.85 -30.08 0.99
N CYS H 69 -22.98 -30.65 1.80
CA CYS H 69 -22.20 -29.89 2.77
C CYS H 69 -20.98 -29.23 2.11
N LEU H 70 -20.58 -28.10 2.69
CA LEU H 70 -19.41 -27.37 2.20
C LEU H 70 -18.57 -27.02 3.42
N TRP H 71 -17.66 -27.92 3.77
CA TRP H 71 -16.76 -27.76 4.90
C TRP H 71 -15.57 -26.86 4.59
N PHE H 72 -15.43 -25.76 5.32
CA PHE H 72 -14.34 -24.80 5.11
C PHE H 72 -13.35 -24.74 6.27
N PRO H 73 -12.04 -24.63 5.96
CA PRO H 73 -10.97 -24.55 6.95
C PRO H 73 -10.76 -23.07 7.29
N PHE H 74 -11.86 -22.34 7.32
CA PHE H 74 -11.84 -20.90 7.61
C PHE H 74 -13.28 -20.45 7.87
N ASN H 75 -13.46 -19.18 8.22
CA ASN H 75 -14.79 -18.64 8.46
C ASN H 75 -14.94 -17.21 7.93
N SER H 76 -16.11 -16.65 8.14
CA SER H 76 -16.43 -15.30 7.66
C SER H 76 -15.40 -14.21 8.00
N MET H 77 -14.69 -14.36 9.11
CA MET H 77 -13.72 -13.34 9.46
C MET H 77 -12.35 -13.66 8.87
N SER H 78 -12.24 -14.84 8.25
CA SER H 78 -10.99 -15.27 7.63
C SER H 78 -10.61 -14.39 6.46
N SER H 79 -9.46 -13.73 6.57
CA SER H 79 -8.97 -12.87 5.51
C SER H 79 -8.78 -13.75 4.26
N GLY H 80 -9.54 -13.44 3.21
CA GLY H 80 -9.44 -14.21 1.99
C GLY H 80 -10.79 -14.78 1.55
N VAL H 81 -11.85 -14.39 2.26
CA VAL H 81 -13.19 -14.84 1.94
C VAL H 81 -14.23 -13.74 2.13
N LYS H 82 -15.33 -13.86 1.40
CA LYS H 82 -16.43 -12.89 1.43
C LYS H 82 -17.78 -13.60 1.39
N LYS H 83 -18.60 -13.36 2.43
CA LYS H 83 -19.91 -13.98 2.52
C LYS H 83 -20.92 -13.34 1.57
N GLU H 84 -22.04 -14.03 1.36
CA GLU H 84 -23.09 -13.52 0.49
C GLU H 84 -24.42 -14.24 0.74
N PHE H 85 -25.50 -13.64 0.23
CA PHE H 85 -26.86 -14.16 0.41
C PHE H 85 -27.21 -15.40 -0.42
N GLY H 86 -28.29 -16.08 -0.03
CA GLY H 86 -28.74 -17.28 -0.73
C GLY H 86 -29.83 -18.01 0.04
N HIS H 87 -31.10 -17.79 -0.33
CA HIS H 87 -32.25 -18.43 0.34
C HIS H 87 -32.04 -19.91 0.62
N GLU H 88 -31.15 -20.53 -0.16
CA GLU H 88 -30.84 -21.94 -0.07
C GLU H 88 -29.76 -22.30 0.96
N PHE H 89 -28.77 -21.41 1.12
CA PHE H 89 -27.67 -21.63 2.04
C PHE H 89 -27.94 -21.29 3.51
N ASP H 90 -27.13 -21.90 4.37
CA ASP H 90 -27.19 -21.71 5.81
C ASP H 90 -25.75 -21.85 6.30
N LEU H 91 -25.21 -20.78 6.86
CA LEU H 91 -23.84 -20.77 7.36
C LEU H 91 -23.73 -21.21 8.80
N TYR H 92 -22.76 -22.09 9.08
CA TYR H 92 -22.55 -22.57 10.43
C TYR H 92 -21.08 -22.41 10.81
N GLU H 93 -20.79 -21.41 11.63
CA GLU H 93 -19.41 -21.16 12.03
C GLU H 93 -19.09 -21.83 13.37
N ASN H 94 -17.97 -22.53 13.41
CA ASN H 94 -17.52 -23.21 14.60
C ASN H 94 -17.18 -22.15 15.63
N LYS H 95 -17.83 -22.22 16.80
CA LYS H 95 -17.60 -21.25 17.85
C LYS H 95 -16.16 -21.23 18.30
N ASP H 96 -15.46 -22.36 18.14
CA ASP H 96 -14.05 -22.47 18.50
C ASP H 96 -13.21 -21.44 17.76
N TYR H 97 -13.67 -21.08 16.57
CA TYR H 97 -12.94 -20.11 15.78
C TYR H 97 -13.63 -18.76 15.64
N ILE H 98 -14.29 -18.33 16.73
CA ILE H 98 -14.95 -17.03 16.78
C ILE H 98 -14.47 -16.48 18.12
N ARG H 99 -13.42 -15.68 18.09
CA ARG H 99 -12.85 -15.14 19.32
C ARG H 99 -13.93 -14.86 20.34
N ASN H 100 -13.77 -15.41 21.53
CA ASN H 100 -14.77 -15.24 22.56
C ASN H 100 -14.29 -14.35 23.69
N CYS H 101 -13.20 -13.64 23.43
CA CYS H 101 -12.70 -12.71 24.42
C CYS H 101 -12.57 -11.40 23.67
N ILE H 102 -12.61 -10.29 24.39
CA ILE H 102 -12.53 -8.98 23.77
C ILE H 102 -11.26 -8.23 24.06
N ILE H 103 -10.89 -7.36 23.13
CA ILE H 103 -9.71 -6.52 23.28
C ILE H 103 -10.22 -5.10 23.53
N GLY H 104 -9.99 -4.59 24.72
CA GLY H 104 -10.43 -3.24 25.02
C GLY H 104 -11.94 -3.14 25.15
N LYS H 105 -12.55 -2.21 24.43
CA LYS H 105 -14.01 -2.05 24.50
C LYS H 105 -14.78 -3.16 23.79
N GLY H 106 -14.09 -3.90 22.90
CA GLY H 106 -14.74 -5.00 22.20
C GLY H 106 -15.59 -4.57 21.03
N ARG H 107 -15.17 -3.52 20.34
CA ARG H 107 -15.93 -3.02 19.22
C ARG H 107 -16.10 -4.04 18.10
N SER H 108 -15.22 -5.03 18.05
CA SER H 108 -15.36 -6.02 17.00
C SER H 108 -15.82 -7.39 17.49
N TYR H 109 -16.22 -7.46 18.76
CA TYR H 109 -16.68 -8.72 19.31
C TYR H 109 -17.79 -9.31 18.44
N LYS H 110 -17.66 -10.58 18.09
CA LYS H 110 -18.66 -11.23 17.27
C LYS H 110 -18.97 -12.58 17.86
N GLY H 111 -18.83 -12.69 19.17
CA GLY H 111 -19.11 -13.95 19.83
C GLY H 111 -20.60 -14.12 19.88
N THR H 112 -21.08 -15.15 20.59
CA THR H 112 -22.50 -15.40 20.65
C THR H 112 -23.11 -15.28 22.04
N VAL H 113 -22.40 -14.64 22.96
CA VAL H 113 -22.96 -14.47 24.28
C VAL H 113 -24.22 -13.61 24.18
N SER H 114 -25.31 -14.09 24.74
CA SER H 114 -26.55 -13.33 24.67
C SER H 114 -27.23 -13.16 26.02
N ILE H 115 -26.41 -13.03 27.07
CA ILE H 115 -26.89 -12.85 28.44
C ILE H 115 -26.18 -11.66 29.09
N THR H 116 -26.93 -10.89 29.87
CA THR H 116 -26.36 -9.75 30.56
C THR H 116 -25.63 -10.19 31.83
N LYS H 117 -24.88 -9.26 32.45
CA LYS H 117 -24.16 -9.57 33.67
C LYS H 117 -25.15 -10.20 34.62
N SER H 118 -26.29 -9.53 34.79
CA SER H 118 -27.33 -9.98 35.70
C SER H 118 -28.03 -11.26 35.31
N GLY H 119 -27.58 -11.88 34.21
CA GLY H 119 -28.19 -13.11 33.76
C GLY H 119 -29.49 -12.94 32.99
N ILE H 120 -29.75 -11.74 32.48
CA ILE H 120 -30.96 -11.51 31.72
C ILE H 120 -30.70 -11.86 30.26
N LYS H 121 -31.67 -12.54 29.64
CA LYS H 121 -31.56 -12.94 28.25
C LYS H 121 -31.69 -11.67 27.41
N CYS H 122 -30.78 -11.48 26.46
CA CYS H 122 -30.82 -10.30 25.61
C CYS H 122 -32.06 -10.27 24.74
N GLN H 123 -32.43 -9.07 24.32
CA GLN H 123 -33.57 -8.86 23.43
C GLN H 123 -32.99 -8.84 22.02
N PRO H 124 -33.70 -9.41 21.04
CA PRO H 124 -33.17 -9.40 19.68
C PRO H 124 -33.05 -7.95 19.20
N TRP H 125 -32.01 -7.66 18.42
CA TRP H 125 -31.81 -6.31 17.93
C TRP H 125 -32.87 -5.90 16.92
N SER H 126 -33.36 -6.87 16.15
CA SER H 126 -34.36 -6.59 15.14
C SER H 126 -35.70 -6.31 15.78
N SER H 127 -35.85 -6.67 17.05
CA SER H 127 -37.12 -6.44 17.75
C SER H 127 -37.20 -5.06 18.39
N MET H 128 -38.43 -4.54 18.52
CA MET H 128 -38.64 -3.25 19.13
C MET H 128 -39.33 -3.44 20.45
N ILE H 129 -39.50 -4.70 20.87
CA ILE H 129 -40.13 -4.98 22.14
C ILE H 129 -39.28 -5.98 22.89
N PRO H 130 -39.24 -5.87 24.22
CA PRO H 130 -39.98 -4.86 24.97
C PRO H 130 -39.40 -3.47 24.88
N HIS H 131 -38.25 -3.34 24.24
CA HIS H 131 -37.63 -2.03 24.17
C HIS H 131 -37.46 -1.48 22.75
N GLU H 132 -37.96 -0.25 22.57
CA GLU H 132 -37.91 0.46 21.28
C GLU H 132 -36.55 1.11 21.18
N HIS H 133 -35.87 0.92 20.05
CA HIS H 133 -34.55 1.48 19.89
C HIS H 133 -34.16 1.70 18.43
N SER H 134 -32.99 2.31 18.23
CA SER H 134 -32.48 2.62 16.91
C SER H 134 -31.27 1.79 16.44
N PHE H 135 -30.94 0.74 17.18
CA PHE H 135 -29.79 -0.05 16.81
C PHE H 135 -30.04 -1.18 15.85
N LEU H 136 -30.21 -0.87 14.56
CA LEU H 136 -30.46 -1.92 13.57
C LEU H 136 -29.23 -2.16 12.72
N PRO H 137 -29.06 -3.38 12.19
CA PRO H 137 -27.90 -3.72 11.35
C PRO H 137 -27.68 -2.68 10.27
N SER H 138 -28.78 -2.22 9.69
CA SER H 138 -28.75 -1.20 8.65
C SER H 138 -27.86 -0.01 9.05
N SER H 139 -28.15 0.58 10.20
CA SER H 139 -27.38 1.71 10.66
C SER H 139 -25.95 1.36 11.08
N TYR H 140 -25.73 0.11 11.48
CA TYR H 140 -24.40 -0.30 11.90
C TYR H 140 -23.92 -1.52 11.16
N ARG H 141 -24.01 -1.46 9.83
CA ARG H 141 -23.56 -2.55 8.96
C ARG H 141 -22.11 -2.86 9.32
N GLY H 142 -21.84 -4.13 9.61
CA GLY H 142 -20.51 -4.52 9.98
C GLY H 142 -20.35 -4.83 11.46
N LYS H 143 -21.19 -4.22 12.29
CA LYS H 143 -21.12 -4.46 13.74
C LYS H 143 -21.89 -5.70 14.12
N ASP H 144 -22.17 -6.52 13.12
CA ASP H 144 -22.88 -7.78 13.32
C ASP H 144 -23.94 -7.75 14.42
N LEU H 145 -25.00 -6.99 14.20
CA LEU H 145 -26.09 -6.90 15.16
C LEU H 145 -27.15 -7.92 14.79
N GLN H 146 -26.83 -9.19 14.95
CA GLN H 146 -27.77 -10.27 14.65
C GLN H 146 -28.36 -10.85 15.92
N GLU H 147 -29.29 -11.79 15.73
CA GLU H 147 -29.95 -12.44 16.84
C GLU H 147 -30.06 -11.49 18.01
N ASN H 148 -29.54 -11.89 19.16
CA ASN H 148 -29.59 -11.04 20.33
C ASN H 148 -28.24 -11.09 21.04
N TYR H 149 -27.19 -11.14 20.23
CA TYR H 149 -25.84 -11.18 20.75
C TYR H 149 -25.42 -9.86 21.39
N CYS H 150 -24.57 -9.95 22.40
CA CYS H 150 -24.06 -8.77 23.06
C CYS H 150 -23.14 -8.10 22.07
N ARG H 151 -23.26 -6.79 21.95
CA ARG H 151 -22.42 -6.07 21.01
C ARG H 151 -22.08 -4.69 21.54
N ASN H 152 -21.11 -4.05 20.90
CA ASN H 152 -20.71 -2.70 21.27
C ASN H 152 -20.59 -1.97 19.94
N PRO H 153 -21.74 -1.79 19.27
CA PRO H 153 -21.82 -1.12 17.98
C PRO H 153 -21.13 0.23 17.88
N ARG H 154 -21.09 0.96 18.97
CA ARG H 154 -20.46 2.27 18.92
C ARG H 154 -19.10 2.31 19.59
N GLY H 155 -18.60 1.15 19.98
CA GLY H 155 -17.31 1.09 20.66
C GLY H 155 -17.25 1.97 21.92
N GLU H 156 -18.32 1.99 22.70
CA GLU H 156 -18.38 2.78 23.93
C GLU H 156 -17.60 2.11 25.05
N GLU H 157 -17.32 2.84 26.12
CA GLU H 157 -16.61 2.28 27.26
C GLU H 157 -17.71 1.64 28.10
N GLY H 158 -17.65 0.32 28.23
CA GLY H 158 -18.65 -0.43 28.97
C GLY H 158 -18.65 -1.78 28.28
N GLY H 159 -18.05 -1.80 27.09
CA GLY H 159 -17.93 -3.03 26.33
C GLY H 159 -19.25 -3.52 25.81
N PRO H 160 -19.29 -4.73 25.23
CA PRO H 160 -20.55 -5.26 24.71
C PRO H 160 -21.69 -5.15 25.72
N TRP H 161 -22.89 -4.95 25.18
CA TRP H 161 -24.11 -4.82 25.96
C TRP H 161 -25.26 -5.29 25.06
N CYS H 162 -26.48 -5.11 25.53
CA CYS H 162 -27.65 -5.50 24.74
C CYS H 162 -28.92 -5.08 25.45
N PHE H 163 -30.02 -4.94 24.72
CA PHE H 163 -31.28 -4.59 25.34
C PHE H 163 -31.73 -5.88 25.96
N THR H 164 -32.24 -5.80 27.20
CA THR H 164 -32.67 -7.00 27.90
C THR H 164 -34.12 -7.38 27.63
N SER H 165 -34.43 -8.66 27.77
CA SER H 165 -35.79 -9.13 27.54
C SER H 165 -36.67 -8.80 28.77
N ASN H 166 -36.05 -8.16 29.75
CA ASN H 166 -36.76 -7.76 30.96
C ASN H 166 -37.29 -6.34 30.74
N PRO H 167 -38.62 -6.19 30.65
CA PRO H 167 -39.25 -4.89 30.44
C PRO H 167 -38.75 -3.82 31.41
N GLU H 168 -38.58 -4.19 32.66
CA GLU H 168 -38.11 -3.22 33.63
C GLU H 168 -36.64 -2.83 33.43
N VAL H 169 -35.92 -3.60 32.62
CA VAL H 169 -34.50 -3.32 32.38
C VAL H 169 -34.21 -3.12 30.90
N ARG H 170 -34.19 -1.87 30.46
CA ARG H 170 -33.94 -1.59 29.06
C ARG H 170 -32.65 -2.24 28.52
N TYR H 171 -31.49 -1.80 29.00
CA TYR H 171 -30.19 -2.33 28.55
C TYR H 171 -29.19 -2.56 29.66
N GLU H 172 -28.29 -3.50 29.45
CA GLU H 172 -27.26 -3.85 30.43
C GLU H 172 -26.03 -4.41 29.73
N VAL H 173 -24.87 -4.20 30.33
CA VAL H 173 -23.63 -4.71 29.74
C VAL H 173 -23.55 -6.21 29.94
N CYS H 174 -22.71 -6.87 29.16
CA CYS H 174 -22.53 -8.30 29.27
C CYS H 174 -21.16 -8.57 29.88
N ASP H 175 -21.07 -9.68 30.59
CA ASP H 175 -19.84 -10.10 31.26
C ASP H 175 -18.90 -10.82 30.28
N ILE H 176 -18.22 -10.07 29.43
CA ILE H 176 -17.34 -10.71 28.45
C ILE H 176 -15.86 -10.46 28.69
N PRO H 177 -15.13 -11.52 29.04
CA PRO H 177 -13.71 -11.55 29.34
C PRO H 177 -12.74 -10.92 28.35
N GLN H 178 -11.70 -10.30 28.90
CA GLN H 178 -10.66 -9.65 28.13
C GLN H 178 -9.69 -10.74 27.69
N CYS H 179 -9.16 -10.64 26.47
CA CYS H 179 -8.23 -11.65 26.01
C CYS H 179 -6.97 -11.65 26.86
N SER H 180 -6.68 -10.50 27.47
CA SER H 180 -5.50 -10.38 28.31
C SER H 180 -5.88 -10.54 29.79
N GLU H 181 -6.05 -11.78 30.23
CA GLU H 181 -6.39 -12.03 31.62
C GLU H 181 -5.80 -13.33 32.13
N VAL H 182 -4.55 -13.42 32.20
C1 IDS I . 25.56 -45.61 -6.21
C2 IDS I . 25.39 -46.83 -5.27
C3 IDS I . 26.69 -47.64 -4.99
C4 IDS I . 27.91 -46.72 -4.73
C5 IDS I . 27.97 -45.62 -5.82
C6 IDS I . 29.15 -44.66 -5.67
O1 IDS I . 25.60 -46.03 -7.53
O2 IDS I . 24.86 -46.35 -4.04
O3 IDS I . 26.99 -48.45 -6.10
O4 IDS I . 27.79 -46.22 -3.40
O5 IDS I . 26.74 -44.89 -5.83
O6A IDS I . 29.01 -43.55 -5.19
O6B IDS I . 30.26 -44.99 -6.02
S IDS I . 23.45 -46.63 -3.42
O1S IDS I . 23.43 -48.01 -3.05
O2S IDS I . 23.32 -45.74 -2.28
O3S IDS I . 22.49 -46.32 -4.44
C1 SGN I . 28.59 -46.84 -2.41
C2 SGN I . 27.99 -46.63 -1.00
C3 SGN I . 28.09 -45.16 -0.60
C4 SGN I . 29.58 -44.74 -0.60
C5 SGN I . 30.11 -44.97 -2.05
C6 SGN I . 31.59 -44.61 -2.26
N2 SGN I . 26.60 -47.08 -1.03
O3 SGN I . 27.55 -44.99 0.71
O4 SGN I . 29.55 -43.51 0.10
O5 SGN I . 29.93 -46.35 -2.47
O6 SGN I . 32.42 -45.55 -1.63
S1 SGN I . 26.10 -48.30 -0.06
O1S SGN I . 26.44 -49.54 -0.70
O2S SGN I . 26.77 -48.10 1.21
O3S SGN I . 24.67 -48.13 0.04
S2 SGN I . 33.98 -45.59 -1.69
O4S SGN I . 34.45 -44.26 -1.46
O5S SGN I . 34.37 -46.50 -0.65
O6S SGN I . 34.31 -46.08 -3.01
C1 IDS I . 30.70 -43.16 0.81
C2 IDS I . 30.92 -41.63 0.71
C3 IDS I . 30.05 -40.78 1.70
C4 IDS I . 29.95 -41.41 3.12
C5 IDS I . 29.64 -42.93 2.99
C6 IDS I . 29.50 -43.68 4.33
O2 IDS I . 32.28 -41.39 0.99
O3 IDS I . 28.74 -40.65 1.16
O4 IDS I . 31.13 -40.81 3.66
O5 IDS I . 30.65 -43.56 2.18
O6A IDS I . 30.14 -44.71 4.55
O6B IDS I . 28.76 -43.29 5.21
S IDS I . 33.43 -40.99 -0.01
O1S IDS I . 33.37 -39.57 -0.12
O2S IDS I . 34.63 -41.45 0.63
O3S IDS I . 33.17 -41.68 -1.24
C1 SGN I . 31.02 -39.99 4.80
C2 SGN I . 32.32 -39.17 5.05
C3 SGN I . 33.47 -40.15 5.36
C4 SGN I . 33.09 -40.94 6.64
C5 SGN I . 31.76 -41.71 6.36
C6 SGN I . 31.19 -42.50 7.55
N2 SGN I . 32.61 -38.37 3.85
O3 SGN I . 34.67 -39.43 5.60
O4 SGN I . 34.31 -41.69 6.75
O5 SGN I . 30.70 -40.80 5.94
O6 SGN I . 30.95 -41.63 8.64
S1 SGN I . 32.16 -36.78 3.80
O1S SGN I . 30.72 -36.72 3.77
O2S SGN I . 32.72 -36.16 4.97
O3S SGN I . 32.75 -36.28 2.59
S2 SGN I . 30.38 -42.02 10.06
O4S SGN I . 31.37 -42.81 10.72
O5S SGN I . 30.14 -40.76 10.71
O6S SGN I . 29.17 -42.75 9.81
C1 IDS I . 34.58 -42.29 8.00
C2 IDS I . 35.99 -42.94 7.98
C3 IDS I . 36.64 -42.80 9.38
C4 IDS I . 36.76 -41.31 9.83
C5 IDS I . 35.57 -40.46 9.22
C6 IDS I . 35.09 -39.24 10.00
O2 IDS I . 35.90 -44.35 7.64
O3 IDS I . 37.94 -43.38 9.36
O4 IDS I . 37.61 -40.37 10.54
O5 IDS I . 34.46 -41.34 9.05
O6A IDS I . 35.59 -38.91 11.05
O6B IDS I . 34.19 -38.56 9.58
S IDS I . 34.67 -45.36 7.61
O1S IDS I . 33.88 -45.04 6.45
O2S IDS I . 33.96 -45.24 8.86
O3S IDS I . 35.30 -46.65 7.49
C1 SGN I . 38.51 -40.85 11.52
C2 SGN I . 37.94 -40.71 12.99
C3 SGN I . 37.73 -39.22 13.31
C4 SGN I . 39.09 -38.52 13.22
C5 SGN I . 39.64 -38.70 11.78
C6 SGN I . 41.04 -38.08 11.58
N2 SGN I . 36.69 -41.46 13.08
O3 SGN I . 37.20 -39.08 14.63
O5 SGN I . 39.74 -40.11 11.43
O6 SGN I . 41.86 -38.97 10.84
S1 SGN I . 36.66 -42.75 14.13
O1S SGN I . 35.27 -43.09 14.25
O2S SGN I . 37.42 -43.81 13.55
O3S SGN I . 37.22 -42.27 15.38
S2 SGN I . 43.40 -38.83 10.50
O4S SGN I . 43.54 -39.10 9.09
O5S SGN I . 44.05 -39.82 11.32
O6S SGN I . 43.80 -37.48 10.84
C1 IDS J . -13.19 -32.02 -18.12
C2 IDS J . -11.71 -32.10 -17.67
C3 IDS J . -11.50 -33.37 -16.82
C4 IDS J . -12.44 -33.34 -15.56
C5 IDS J . -13.53 -32.23 -15.71
C6 IDS J . -14.65 -32.26 -14.64
O1 IDS J . -13.42 -30.73 -18.62
O2 IDS J . -10.86 -32.16 -18.82
O3 IDS J . -10.16 -33.46 -16.39
O4 IDS J . -12.65 -34.33 -14.54
O5 IDS J . -14.09 -32.33 -17.04
O6A IDS J . -14.39 -32.45 -13.48
O6B IDS J . -15.81 -32.08 -14.94
S IDS J . -9.41 -31.55 -19.02
O1S IDS J . -9.26 -31.46 -20.45
O2S IDS J . -9.38 -30.26 -18.40
O3S IDS J . -8.51 -32.50 -18.43
C1 SGN J . -11.52 -34.82 -13.84
C2 SGN J . -11.87 -36.08 -13.00
C3 SGN J . -12.83 -35.68 -11.86
C4 SGN J . -12.11 -34.64 -10.97
C5 SGN J . -11.77 -33.40 -11.84
C6 SGN J . -11.00 -32.29 -11.10
N2 SGN J . -12.47 -37.07 -13.90
O3 SGN J . -13.15 -36.83 -11.09
O4 SGN J . -13.22 -34.28 -10.10
O5 SGN J . -10.97 -33.80 -12.99
O6 SGN J . -10.20 -31.54 -12.00
S1 SGN J . -12.07 -38.65 -13.76
O1S SGN J . -10.98 -38.78 -12.82
O2S SGN J . -13.26 -39.33 -13.32
O3S SGN J . -11.67 -39.05 -15.08
S2 SGN J . -8.72 -31.06 -11.77
O4S SGN J . -7.87 -32.21 -11.98
O5S SGN J . -8.51 -30.02 -12.75
O6S SGN J . -8.65 -30.55 -10.43
C1 IDS J . -13.06 -34.47 -8.70
C2 IDS J . -13.62 -33.20 -7.95
C3 IDS J . -15.15 -33.23 -7.59
C4 IDS J . -15.72 -34.65 -7.29
C5 IDS J . -15.16 -35.68 -8.31
C6 IDS J . -15.67 -37.12 -8.12
O2 IDS J . -12.87 -33.03 -6.75
O3 IDS J . -15.89 -32.69 -8.67
O4 IDS J . -15.59 -35.26 -6.00
O5 IDS J . -13.72 -35.66 -8.25
O6A IDS J . -14.91 -38.06 -7.98
O6B IDS J . -16.87 -37.35 -8.11
S IDS J . -11.64 -32.06 -6.48
O1S IDS J . -11.33 -32.17 -5.09
O2S IDS J . -10.58 -32.57 -7.32
O3S IDS J . -12.05 -30.74 -6.86
C1 SGN J . -16.46 -34.84 -4.98
C2 SGN J . -15.72 -34.92 -3.62
C3 SGN J . -15.41 -36.39 -3.28
C4 SGN J . -16.75 -37.15 -3.18
C5 SGN J . -17.47 -37.03 -4.56
C6 SGN J . -18.85 -37.70 -4.62
N2 SGN J . -14.51 -34.11 -3.71
O3 SGN J . -14.74 -36.45 -2.04
O4 SGN J . -16.21 -38.42 -2.84
O5 SGN J . -17.65 -35.64 -4.94
O6 SGN J . -19.66 -37.17 -3.60
S1 SGN J . -14.47 -32.68 -2.92
O1S SGN J . -15.15 -32.84 -1.68
O2S SGN J . -13.08 -32.36 -2.75
O3S SGN J . -15.15 -31.75 -3.78
S2 SGN J . -21.18 -37.45 -3.33
O4S SGN J . -21.62 -36.53 -2.34
O5S SGN J . -21.82 -37.23 -4.59
O6S SGN J . -21.28 -38.81 -2.89
C1 IDS J . -16.97 -39.26 -2.02
C2 IDS J . -16.43 -40.72 -2.12
C3 IDS J . -15.19 -41.01 -1.22
C4 IDS J . -15.30 -40.38 0.19
C5 IDS J . -15.76 -38.89 0.07
C6 IDS J . -15.91 -38.15 1.40
O2 IDS J . -17.47 -41.61 -1.74
O3 IDS J . -14.03 -40.49 -1.85
O4 IDS J . -16.26 -41.26 0.79
O5 IDS J . -17.00 -38.82 -0.65
O6A IDS J . -16.99 -37.76 1.80
O6B IDS J . -14.96 -37.92 2.11
S IDS J . -18.25 -42.67 -2.59
O1S IDS J . -17.31 -43.68 -2.96
O2S IDS J . -19.30 -43.15 -1.73
O3S IDS J . -18.78 -41.96 -3.72
C1 SGN J . -15.83 -42.13 1.82
C2 SGN J . -16.85 -43.29 2.03
C3 SGN J . -18.17 -42.71 2.59
C4 SGN J . -17.86 -41.99 3.93
C5 SGN J . -16.83 -40.85 3.65
C6 SGN J . -16.38 -40.04 4.88
N2 SGN J . -17.06 -43.99 0.76
O3 SGN J . -19.10 -43.76 2.81
O4 SGN J . -19.18 -41.73 4.44
O5 SGN J . -15.63 -41.38 3.03
O6 SGN J . -15.79 -40.90 5.85
S1 SGN J . -16.20 -45.35 0.37
O1S SGN J . -15.68 -45.93 1.57
O2S SGN J . -17.14 -46.20 -0.32
O3S SGN J . -15.16 -44.88 -0.49
S2 SGN J . -14.85 -40.48 7.01
O4S SGN J . -14.52 -41.67 7.74
O5S SGN J . -13.70 -39.90 6.36
O6S SGN J . -15.57 -39.52 7.80
C1 IDS J . -19.34 -41.73 5.82
C2 IDS J . -20.60 -40.89 6.17
C3 IDS J . -21.20 -41.37 7.50
C4 IDS J . -21.61 -42.87 7.41
C5 IDS J . -20.75 -43.64 6.35
C6 IDS J . -20.63 -45.13 6.61
O2 IDS J . -20.22 -39.53 6.30
O3 IDS J . -22.34 -40.61 7.80
O5 IDS J . -19.44 -43.07 6.32
O6A IDS J . -21.49 -45.89 6.23
O6B IDS J . -19.69 -45.61 7.19
S IDS J . -20.52 -38.32 5.33
O1S IDS J . -20.42 -37.15 6.15
O2S IDS J . -21.84 -38.52 4.78
O3S IDS J . -19.50 -38.39 4.33
C1 IDS K . 2.95 -12.52 -55.87
C2 IDS K . 4.16 -11.76 -56.47
C3 IDS K . 5.44 -12.03 -55.61
C4 IDS K . 5.25 -11.63 -54.11
C5 IDS K . 3.79 -12.00 -53.63
C6 IDS K . 3.67 -12.55 -52.19
O1 IDS K . 1.87 -11.62 -55.87
O2 IDS K . 4.41 -12.17 -57.87
O3 IDS K . 6.53 -11.30 -56.16
O4 IDS K . 6.24 -11.93 -53.08
O5 IDS K . 3.21 -12.97 -54.53
O6A IDS K . 4.31 -12.06 -51.29
O6B IDS K . 2.94 -13.47 -51.93
S IDS K . 4.08 -13.50 -58.74
O1S IDS K . 4.84 -13.33 -59.95
O2S IDS K . 4.52 -14.65 -58.01
O3S IDS K . 2.66 -13.49 -58.99
C1 SGN K . 7.37 -11.09 -52.91
C2 SGN K . 8.69 -11.91 -52.87
C3 SGN K . 8.72 -12.81 -51.61
C4 SGN K . 8.68 -11.88 -50.38
C5 SGN K . 7.37 -11.03 -50.43
C6 SGN K . 7.24 -9.99 -49.29
N2 SGN K . 8.77 -12.70 -54.10
O3 SGN K . 9.92 -13.56 -51.57
O4 SGN K . 8.63 -12.79 -49.27
O5 SGN K . 7.27 -10.31 -51.70
O6 SGN K . 8.53 -9.38 -49.12
S1 SGN K . 10.09 -12.46 -55.04
O1S SGN K . 10.19 -11.06 -55.34
O2S SGN K . 11.21 -12.95 -54.28
O3S SGN K . 9.84 -13.25 -56.21
S2 SGN K . 8.94 -8.05 -48.37
O4S SGN K . 9.00 -8.35 -46.97
O5S SGN K . 10.24 -7.71 -48.90
O6S SGN K . 7.94 -7.07 -48.69
C1 IDS K . 9.58 -12.61 -48.24
C2 IDS K . 8.96 -13.10 -46.90
C3 IDS K . 9.02 -14.63 -46.69
C4 IDS K . 10.39 -15.23 -47.10
C5 IDS K . 10.77 -14.72 -48.52
C6 IDS K . 12.10 -15.27 -49.03
O2 IDS K . 9.67 -12.49 -45.84
O3 IDS K . 8.02 -15.25 -47.49
O4 IDS K . 11.36 -14.89 -46.11
O5 IDS K . 10.81 -13.28 -48.51
O6A IDS K . 13.11 -14.59 -49.03
O6B IDS K . 12.18 -16.41 -49.43
S IDS K . 9.10 -11.76 -44.58
O1S IDS K . 8.39 -12.75 -43.82
O2S IDS K . 10.27 -11.24 -43.92
O3S IDS K . 8.23 -10.72 -45.07
C1 SGN K . 11.78 -15.93 -45.26
C2 SGN K . 12.34 -15.43 -43.91
C3 SGN K . 13.71 -14.78 -44.11
C4 SGN K . 14.67 -15.81 -44.73
C5 SGN K . 14.06 -16.23 -46.11
C6 SGN K . 14.88 -17.27 -46.90
N2 SGN K . 11.36 -14.49 -43.33
O3 SGN K . 14.21 -14.36 -42.85
O4 SGN K . 15.90 -15.11 -44.81
O5 SGN K . 12.73 -16.78 -45.92
O6 SGN K . 14.88 -18.52 -46.25
S1 SGN K . 10.60 -14.82 -41.93
O1S SGN K . 9.52 -15.72 -42.20
O2S SGN K . 11.62 -15.34 -41.09
O3S SGN K . 10.10 -13.55 -41.46
S2 SGN K . 15.31 -19.88 -46.89
O4S SGN K . 16.56 -19.68 -47.55
O5S SGN K . 15.41 -20.79 -45.80
O6S SGN K . 14.24 -20.23 -47.78
C1 IDS K . 17.07 -15.86 -44.72
C2 IDS K . 18.21 -15.13 -45.47
C3 IDS K . 18.91 -14.01 -44.65
C4 IDS K . 19.13 -14.40 -43.16
C5 IDS K . 17.81 -14.98 -42.59
C6 IDS K . 17.84 -15.40 -41.13
O2 IDS K . 19.17 -16.10 -45.84
O3 IDS K . 18.10 -12.86 -44.69
O4 IDS K . 20.38 -15.10 -43.34
O5 IDS K . 17.42 -16.11 -43.37
O6A IDS K . 17.13 -16.30 -40.71
O6B IDS K . 18.57 -14.85 -40.33
S IDS K . 19.36 -16.78 -47.24
O1S IDS K . 20.28 -15.93 -47.95
O2S IDS K . 19.90 -18.08 -46.95
O3S IDS K . 18.06 -16.86 -47.85
C1 SGN K . 21.51 -14.65 -42.61
C2 SGN K . 22.84 -15.21 -43.18
C3 SGN K . 22.91 -16.74 -42.93
C4 SGN K . 22.83 -16.99 -41.40
C5 SGN K . 21.47 -16.38 -40.87
C6 SGN K . 21.24 -16.50 -39.36
N2 SGN K . 22.92 -14.89 -44.61
O3 SGN K . 24.13 -17.24 -43.43
O4 SGN K . 23.08 -18.41 -41.44
O5 SGN K . 21.36 -14.97 -41.22
O6 SGN K . 22.26 -15.84 -38.64
S1 SGN K . 23.79 -13.58 -45.11
O1S SGN K . 23.13 -12.41 -44.62
O2S SGN K . 25.11 -13.75 -44.58
O3S SGN K . 23.76 -13.66 -46.54
S2 SGN K . 22.46 -15.82 -37.09
O4S SGN K . 22.66 -17.18 -36.66
O5S SGN K . 23.62 -15.00 -36.88
O6S SGN K . 21.27 -15.23 -36.54
C1 IDS K . 23.25 -19.09 -40.22
C2 IDS K . 23.42 -20.62 -40.49
C3 IDS K . 24.49 -21.22 -39.53
C4 IDS K . 25.87 -20.49 -39.68
C5 IDS K . 25.64 -18.96 -40.01
C6 IDS K . 26.67 -17.93 -39.48
O2 IDS K . 22.16 -21.29 -40.29
O3 IDS K . 24.65 -22.60 -39.80
O4 IDS K . 27.30 -20.69 -39.62
O5 IDS K . 24.36 -18.58 -39.51
O6A IDS K . 27.41 -18.18 -38.57
O6B IDS K . 26.74 -16.83 -39.97
S IDS K . 20.90 -20.92 -39.40
O1S IDS K . 20.16 -22.15 -39.33
O2S IDS K . 21.36 -20.51 -38.12
O3S IDS K . 20.19 -19.90 -40.11
C1 SGN K . 27.84 -21.74 -38.83
C2 SGN K . 28.27 -21.25 -37.39
C3 SGN K . 29.43 -20.24 -37.54
C4 SGN K . 30.61 -20.94 -38.21
C5 SGN K . 30.16 -21.44 -39.62
C6 SGN K . 31.27 -22.20 -40.37
N2 SGN K . 27.10 -20.65 -36.73
O3 SGN K . 29.83 -19.77 -36.25
O5 SGN K . 28.99 -22.32 -39.49
O6 SGN K . 30.70 -23.10 -41.31
S1 SGN K . 26.51 -21.34 -35.35
O1S SGN K . 25.76 -20.30 -34.72
O2S SGN K . 25.69 -22.45 -35.73
O3S SGN K . 27.66 -21.74 -34.57
S2 SGN K . 31.38 -24.37 -41.93
O4S SGN K . 30.79 -24.56 -43.22
O5S SGN K . 31.06 -25.42 -41.01
O6S SGN K . 32.80 -24.10 -42.01
C1 SGN L . -2.07 15.61 -28.52
C2 SGN L . -0.61 15.98 -28.17
C3 SGN L . -0.59 17.02 -27.02
C4 SGN L . -1.35 18.28 -27.51
C5 SGN L . -2.82 17.86 -27.85
C6 SGN L . -3.75 18.99 -28.41
N2 SGN L . 0.11 14.74 -27.82
O1 SGN L . -2.70 14.86 -27.50
O3 SGN L . 0.75 17.38 -26.71
O4 SGN L . -1.45 18.66 -26.13
O5 SGN L . -2.84 16.77 -28.84
O6 SGN L . -3.07 20.21 -28.62
S1 SGN L . 1.56 14.40 -28.52
O1S SGN L . 1.86 15.42 -29.50
O2S SGN L . 2.51 14.34 -27.44
O3S SGN L . 1.35 13.10 -29.14
S2 SGN L . -3.69 21.59 -29.07
O4S SGN L . -2.61 22.52 -29.27
O5S SGN L . -4.39 21.30 -30.28
O6S SGN L . -4.59 21.99 -28.03
C1 IDS L . -1.25 20.02 -25.82
C2 IDS L . -2.12 20.39 -24.59
C3 IDS L . -1.74 21.82 -24.13
C4 IDS L . -0.23 21.89 -23.76
C5 IDS L . 0.56 20.60 -24.24
C6 IDS L . 2.09 20.69 -24.18
O2 IDS L . -3.50 20.38 -24.94
O3 IDS L . -2.51 22.18 -23.00
O4 IDS L . 0.38 23.17 -23.57
O5 IDS L . 0.15 20.28 -25.60
O6A IDS L . 2.63 21.50 -23.45
O6B IDS L . 2.80 19.96 -24.83
S IDS L . -4.77 20.25 -24.02
O1S IDS L . -5.74 19.64 -24.86
O2S IDS L . -4.43 19.42 -22.90
O3S IDS L . -5.12 21.59 -23.64
C1 SGN L . -0.02 23.99 -22.49
C2 SGN L . 0.85 25.27 -22.42
C3 SGN L . 2.30 24.88 -22.13
C4 SGN L . 2.32 24.20 -20.75
C5 SGN L . 1.43 22.93 -20.80
C6 SGN L . 1.29 22.15 -19.46
N2 SGN L . 0.71 25.97 -23.69
O3 SGN L . 3.10 26.05 -22.10
O4 SGN L . 3.71 24.13 -20.45
O5 SGN L . 0.08 23.28 -21.25
O6 SGN L . 0.34 22.80 -18.62
S1 SGN L . 0.23 27.54 -23.60
O1S SGN L . -0.25 27.81 -22.28
O2S SGN L . 1.36 28.34 -23.95
O3S SGN L . -0.83 27.63 -24.57
S2 SGN L . -0.71 22.12 -17.65
O4S SGN L . -1.70 23.11 -17.31
O5S SGN L . -1.26 21.03 -18.43
O6S SGN L . 0.02 21.65 -16.50
C1 IDS L . 4.18 24.91 -19.37
C2 IDS L . 5.15 24.05 -18.51
C3 IDS L . 6.59 23.96 -19.06
C4 IDS L . 7.11 25.29 -19.68
C5 IDS L . 6.02 25.90 -20.59
C6 IDS L . 6.43 27.21 -21.24
O2 IDS L . 5.16 24.57 -17.18
O3 IDS L . 6.64 22.97 -20.07
O4 IDS L . 7.63 26.33 -18.88
O5 IDS L . 4.82 26.10 -19.82
O6A IDS L . 5.96 28.26 -20.88
O6B IDS L . 7.26 27.24 -22.13
S IDS L . 4.21 24.19 -15.97
O1S IDS L . 4.80 24.75 -14.79
O2S IDS L . 2.94 24.79 -16.29
O3S IDS L . 4.14 22.75 -15.94
C1 SGN L . 9.00 26.26 -18.59
C2 SGN L . 9.31 26.78 -17.17
C3 SGN L . 9.08 28.30 -17.11
C4 SGN L . 10.04 28.95 -18.12
C5 SGN L . 9.67 28.41 -19.52
C6 SGN L . 10.52 28.94 -20.64
N2 SGN L . 8.45 26.06 -16.25
O3 SGN L . 9.38 28.76 -15.80
O4 SGN L . 9.75 30.33 -18.00
O5 SGN L . 9.77 26.97 -19.56
O6 SGN L . 11.86 28.61 -20.39
S1 SGN L . 9.17 25.06 -15.18
O1S SGN L . 10.53 25.50 -15.06
O2S SGN L . 8.42 25.19 -13.97
O3S SGN L . 9.07 23.77 -15.77
S2 SGN L . 12.96 28.46 -21.48
O4S SGN L . 13.99 27.64 -20.93
O5S SGN L . 12.29 27.84 -22.57
O6S SGN L . 13.42 29.78 -21.79
C1 IDS L . 10.82 31.22 -18.09
C2 IDS L . 10.22 32.62 -18.38
C3 IDS L . 9.66 33.33 -17.12
C4 IDS L . 10.57 33.18 -15.89
C5 IDS L . 10.93 31.69 -15.72
C6 IDS L . 11.79 31.37 -14.52
O2 IDS L . 11.24 33.44 -18.95
O3 IDS L . 8.41 32.73 -16.82
O4 IDS L . 11.73 33.98 -16.22
O5 IDS L . 11.61 31.23 -16.91
O6A IDS L . 12.99 31.25 -14.62
O6B IDS L . 11.29 31.22 -13.42
S IDS L . 11.34 33.94 -20.44
O1S IDS L . 10.26 34.87 -20.62
O2S IDS L . 12.64 34.56 -20.53
O3S IDS L . 11.23 32.77 -21.28
C1 SGN L . 11.94 35.12 -15.44
C2 SGN L . 12.75 36.24 -16.14
C3 SGN L . 14.23 35.88 -16.25
C4 SGN L . 14.79 35.63 -14.83
C5 SGN L . 13.97 34.45 -14.23
C6 SGN L . 14.35 34.03 -12.82
N2 SGN L . 12.15 36.49 -17.47
O3 SGN L . 14.92 36.95 -16.86
O4 SGN L . 16.18 35.57 -15.14
O5 SGN L . 12.55 34.76 -14.19
O6 SGN L . 14.68 35.13 -12.02
S1 SGN L . 11.13 37.74 -17.77
O1S SGN L . 11.31 38.74 -16.76
O2S SGN L . 11.50 38.19 -19.08
O3S SGN L . 9.81 37.15 -17.72
S2 SGN L . 14.54 35.19 -10.49
O4S SGN L . 14.49 36.58 -10.13
O5S SGN L . 13.30 34.51 -10.20
O6S SGN L . 15.69 34.52 -9.95
C1 IDS L . 17.11 35.78 -14.11
C2 IDS L . 18.33 34.85 -14.41
C3 IDS L . 19.62 35.46 -13.83
C4 IDS L . 19.90 36.88 -14.41
C5 IDS L . 18.57 37.49 -14.96
C6 IDS L . 18.58 38.99 -15.19
O2 IDS L . 18.10 33.56 -13.84
O3 IDS L . 20.72 34.61 -14.13
O4 IDS L . 20.30 37.65 -13.28
O5 IDS L . 17.50 37.14 -14.06
O6A IDS L . 19.28 39.47 -16.06
O6B IDS L . 17.90 39.76 -14.52
S IDS L . 17.98 32.18 -14.57
O1S IDS L . 16.61 32.14 -15.03
O2S IDS L . 18.94 32.18 -15.64
O3S IDS L . 18.26 31.20 -13.57
C1 SGN L . 21.67 37.93 -13.11
C2 SGN L . 21.99 38.36 -11.66
C3 SGN L . 21.34 39.71 -11.34
C4 SGN L . 21.96 40.75 -12.31
C5 SGN L . 21.62 40.30 -13.75
C6 SGN L . 22.18 41.22 -14.85
N2 SGN L . 21.50 37.29 -10.78
O3 SGN L . 21.65 40.10 -10.01
O5 SGN L . 22.11 38.95 -14.01
O6 SGN L . 23.42 40.71 -15.31
S1 SGN L . 22.61 36.25 -10.15
O1S SGN L . 22.08 34.94 -10.43
O2S SGN L . 23.87 36.47 -10.79
O3S SGN L . 22.63 36.54 -8.74
S2 SGN L . 24.06 40.89 -16.73
O4S SGN L . 24.03 42.30 -17.01
O5S SGN L . 23.20 40.15 -17.62
O6S SGN L . 25.40 40.36 -16.68
C1 SGN M . -42.08 2.71 -37.36
C2 SGN M . -42.97 3.96 -37.10
C3 SGN M . -42.14 5.02 -36.34
C4 SGN M . -41.71 4.41 -34.99
C5 SGN M . -40.84 3.14 -35.27
C6 SGN M . -40.38 2.36 -34.01
N2 SGN M . -43.46 4.46 -38.40
O1 SGN M . -41.01 3.00 -38.24
O3 SGN M . -42.94 6.17 -36.08
O4 SGN M . -40.84 5.43 -34.49
O5 SGN M . -41.57 2.20 -36.12
O6 SGN M . -41.50 2.08 -33.20
S1 SGN M . -45.04 4.21 -38.83
O1S SGN M . -45.29 2.80 -38.82
O2S SGN M . -45.83 4.93 -37.86
O3S SGN M . -45.16 4.77 -40.15
S2 SGN M . -41.54 1.57 -31.70
O4S SGN M . -40.42 2.14 -31.01
O5S SGN M . -42.81 2.04 -31.19
O6S SGN M . -41.50 0.14 -31.78
C1 IDS M . -41.04 5.82 -33.15
C2 IDS M . -39.69 6.33 -32.54
C3 IDS M . -39.36 7.83 -32.81
C4 IDS M . -40.62 8.75 -32.80
C5 IDS M . -41.76 8.08 -33.62
C6 IDS M . -43.06 8.90 -33.70
O2 IDS M . -39.74 6.13 -31.12
O3 IDS M . -38.73 7.94 -34.08
O4 IDS M . -40.85 8.97 -31.40
O5 IDS M . -42.06 6.80 -33.03
O6A IDS M . -44.09 8.50 -33.19
O6B IDS M . -43.09 9.96 -34.27
S IDS M . -38.64 5.53 -30.16
O1S IDS M . -37.40 6.17 -30.51
O2S IDS M . -39.08 5.87 -28.84
O3S IDS M . -38.63 4.12 -30.38
C1 SGN M . -40.50 10.23 -30.87
C2 SGN M . -40.46 10.21 -29.32
C3 SGN M . -41.88 10.00 -28.76
C4 SGN M . -42.75 11.18 -29.24
C5 SGN M . -42.76 11.16 -30.81
C6 SGN M . -43.56 12.29 -31.47
N2 SGN M . -39.55 9.14 -28.88
O3 SGN M . -41.83 10.00 -27.34
O4 SGN M . -43.93 10.99 -28.45
O5 SGN M . -41.41 11.23 -31.33
O6 SGN M . -43.09 13.53 -31.01
S1 SGN M . -38.28 9.51 -27.93
O1S SGN M . -37.31 10.21 -28.72
O2S SGN M . -38.81 10.30 -26.85
O3S SGN M . -37.77 8.23 -27.49
S2 SGN M . -43.61 14.96 -31.42
O4S SGN M . -45.05 14.91 -31.41
O5S SGN M . -43.09 15.83 -30.43
O6S SGN M . -43.07 15.21 -32.72
C1 IDS M . -44.69 12.13 -28.16
C2 IDS M . -46.16 11.72 -27.83
C3 IDS M . -46.39 11.25 -26.37
C4 IDS M . -45.64 12.11 -25.34
C5 IDS M . -44.16 12.32 -25.79
C6 IDS M . -43.32 13.17 -24.85
O2 IDS M . -46.98 12.85 -28.06
O3 IDS M . -45.94 9.91 -26.24
O4 IDS M . -46.54 13.20 -25.15
O5 IDS M . -44.14 12.91 -27.10
O6A IDS M . -42.78 14.20 -25.22
O6B IDS M . -43.17 12.84 -23.69
S IDS M . -48.11 13.03 -29.12
O1S IDS M . -49.31 12.60 -28.50
O2S IDS M . -48.10 14.44 -29.44
O3S IDS M . -47.75 12.23 -30.26
C1 SGN M . -47.18 13.33 -23.89
C2 SGN M . -48.35 14.34 -23.96
C3 SGN M . -47.79 15.75 -24.22
C4 SGN M . -46.84 16.12 -23.05
C5 SGN M . -45.69 15.06 -23.01
C6 SGN M . -44.65 15.24 -21.88
N2 SGN M . -49.28 13.92 -25.02
O3 SGN M . -48.86 16.69 -24.27
O4 SGN M . -46.56 17.49 -23.45
O5 SGN M . -46.23 13.71 -22.89
O6 SGN M . -45.24 15.01 -20.61
S1 SGN M . -50.64 13.07 -24.68
O1S SGN M . -50.26 11.74 -24.27
O2S SGN M . -51.31 13.80 -23.64
O3S SGN M . -51.38 13.04 -25.91
S2 SGN M . -44.58 15.24 -19.19
O4S SGN M . -44.34 16.65 -19.06
O5S SGN M . -45.56 14.75 -18.26
O6S SGN M . -43.37 14.46 -19.17
C1 IDS M . -46.04 18.36 -22.48
C2 IDS M . -45.77 19.75 -23.14
C3 IDS M . -45.82 20.86 -22.06
C4 IDS M . -47.19 20.89 -21.32
C5 IDS M . -47.90 19.50 -21.41
C6 IDS M . -48.96 19.25 -20.33
O2 IDS M . -44.49 19.78 -23.77
O3 IDS M . -45.60 22.13 -22.65
O5 IDS M . -46.91 18.48 -21.34
O6A IDS M . -49.46 20.16 -19.72
O6B IDS M . -49.34 18.12 -20.07
S IDS M . -43.17 18.93 -23.56
O1S IDS M . -43.33 17.75 -24.35
O2S IDS M . -42.99 18.68 -22.17
O3S IDS M . -42.14 19.80 -24.07
C1 SGN N . -30.77 -18.92 58.61
C2 SGN N . -31.94 -19.12 57.58
C3 SGN N . -31.41 -19.83 56.32
C4 SGN N . -30.29 -18.93 55.69
C5 SGN N . -29.19 -18.78 56.78
C6 SGN N . -28.04 -17.84 56.34
N2 SGN N . -32.99 -19.87 58.24
O1 SGN N . -30.32 -20.17 59.11
O3 SGN N . -32.48 -19.99 55.40
O4 SGN N . -30.00 -20.12 54.87
O5 SGN N . -29.71 -18.20 57.99
O6 SGN N . -28.55 -16.53 56.49
S1 SGN N . -34.54 -19.32 58.18
O1S SGN N . -34.59 -18.07 58.87
O2S SGN N . -34.88 -19.21 56.79
O3S SGN N . -35.32 -20.34 58.86
S2 SGN N . -27.81 -15.17 56.36
O4S SGN N . -26.69 -15.39 55.48
O5S SGN N . -28.78 -14.27 55.81
O6S SGN N . -27.40 -14.81 57.69
C1 IDS N . -30.38 -20.04 53.51
C2 IDS N . -29.16 -20.08 52.57
C3 IDS N . -28.76 -21.47 52.00
C4 IDS N . -29.99 -22.38 51.70
C5 IDS N . -30.93 -22.37 52.93
C6 IDS N . -32.15 -23.27 52.75
O2 IDS N . -29.45 -19.23 51.49
O3 IDS N . -27.93 -22.14 52.94
O4 IDS N . -30.63 -21.95 50.48
O5 IDS N . -31.37 -21.02 53.17
O6A IDS N . -33.27 -22.81 52.60
O6B IDS N . -32.06 -24.48 52.76
S IDS N . -29.23 -17.68 51.37
O1S IDS N . -27.88 -17.52 50.91
O2S IDS N . -30.21 -17.23 50.42
O3S IDS N . -29.45 -17.12 52.68
C1 SGN N . -30.34 -22.65 49.26
C2 SGN N . -30.68 -21.76 48.02
C3 SGN N . -32.21 -21.53 47.94
C4 SGN N . -32.89 -22.92 47.79
C5 SGN N . -32.51 -23.77 49.06
C6 SGN N . -33.07 -25.18 49.05
N2 SGN N . -29.95 -20.50 48.13
O3 SGN N . -32.51 -20.73 46.81
O4 SGN N . -34.20 -22.51 47.38
O5 SGN N . -31.06 -23.88 49.20
O6 SGN N . -32.31 -26.01 48.20
S1 SGN N . -28.64 -20.25 47.16
O1S SGN N . -27.55 -20.99 47.70
O2S SGN N . -29.01 -20.68 45.84
O3S SGN N . -28.40 -18.83 47.23
S2 SGN N . -32.46 -27.57 48.03
O4S SGN N . -33.86 -27.87 47.96
O5S SGN N . -31.78 -27.87 46.80
O6S SGN N . -31.81 -28.16 49.17
C1 IDS N . -34.96 -23.38 46.58
C2 IDS N . -36.46 -23.23 46.93
C3 IDS N . -37.23 -22.10 46.17
C4 IDS N . -36.76 -21.89 44.69
C5 IDS N . -35.21 -21.92 44.65
C6 IDS N . -34.60 -21.70 43.26
O2 IDS N . -37.09 -24.46 46.64
O3 IDS N . -37.05 -20.87 46.85
O4 IDS N . -37.66 -22.86 44.10
O5 IDS N . -34.75 -23.18 45.19
O6A IDS N . -33.79 -22.48 42.78
O6B IDS N . -34.89 -20.73 42.60
S IDS N . -37.67 -25.53 47.65
O1S IDS N . -39.03 -25.14 47.90
O2S IDS N . -37.57 -26.78 46.95
O3S IDS N . -36.86 -25.50 48.84
C1 SGN N . -38.50 -22.45 43.03
C2 SGN N . -39.58 -23.53 42.73
C3 SGN N . -38.88 -24.81 42.18
C4 SGN N . -38.13 -24.44 40.87
C5 SGN N . -37.08 -23.32 41.21
C6 SGN N . -36.26 -22.76 40.02
N2 SGN N . -40.34 -23.79 43.97
O3 SGN N . -39.83 -25.82 41.90
O4 SGN N . -37.73 -25.74 40.34
O5 SGN N . -37.72 -22.17 41.85
O6 SGN N . -37.09 -22.11 39.06
S1 SGN N . -41.62 -22.82 44.38
O1S SGN N . -41.14 -21.49 44.68
O2S SGN N . -42.53 -22.86 43.27
O3S SGN N . -42.19 -23.44 45.56
S2 SGN N . -36.65 -21.39 37.74
O4S SGN N . -36.30 -22.40 36.78
O5S SGN N . -37.80 -20.64 37.34
O6S SGN N . -35.54 -20.54 38.08
C1 IDS N . -37.36 -25.79 38.98
C2 IDS N . -36.98 -27.27 38.58
C3 IDS N . -37.40 -27.52 37.11
C4 IDS N . -38.92 -27.31 36.91
C5 IDS N . -39.48 -26.17 37.81
C6 IDS N . -40.64 -25.37 37.18
O2 IDS N . -35.56 -27.50 38.69
O3 IDS N . -37.07 -28.84 36.73
O5 IDS N . -38.40 -25.27 38.15
O6A IDS N . -41.11 -25.68 36.11
O6B IDS N . -41.11 -24.40 37.73
S IDS N . -34.29 -26.55 38.80
O1S IDS N . -34.28 -26.05 40.14
O2S IDS N . -34.39 -25.54 37.80
O3S IDS N . -33.18 -27.44 38.55
S SO4 O . 25.77 -11.56 -6.54
O1 SO4 O . 26.87 -10.66 -5.76
O2 SO4 O . 26.54 -12.56 -7.24
O3 SO4 O . 24.92 -12.06 -5.69
O4 SO4 O . 25.22 -10.63 -7.49
N1 EPE P . 16.90 1.33 -16.05
C2 EPE P . 16.56 0.27 -15.02
C3 EPE P . 15.29 -0.41 -15.48
N4 EPE P . 14.17 0.56 -15.57
C5 EPE P . 14.48 1.69 -16.51
C6 EPE P . 15.80 2.37 -16.12
C7 EPE P . 12.89 -0.05 -16.05
C8 EPE P . 12.41 -1.24 -15.22
O8 EPE P . 12.27 -2.44 -15.98
C9 EPE P . 18.17 2.03 -15.67
C10 EPE P . 18.96 2.39 -16.94
S EPE P . 20.48 3.16 -16.46
O1S EPE P . 21.14 3.48 -17.68
O2S EPE P . 21.22 2.19 -15.69
O3S EPE P . 20.11 4.30 -15.69
S SO4 Q . -0.71 -24.94 -11.39
O1 SO4 Q . 0.29 -25.55 -10.28
O2 SO4 Q . 0.05 -25.02 -12.62
O3 SO4 Q . -1.82 -25.62 -11.41
O4 SO4 Q . -0.84 -23.57 -11.01
N1 EPE R . -2.86 -42.49 -6.80
C2 EPE R . -3.22 -41.09 -7.29
C3 EPE R . -2.44 -40.07 -6.47
N4 EPE R . -2.83 -40.17 -5.04
C5 EPE R . -2.51 -41.55 -4.52
C6 EPE R . -3.25 -42.63 -5.33
C7 EPE R . -2.08 -39.18 -4.17
C8 EPE R . -2.32 -37.71 -4.53
O8 EPE R . -1.13 -36.99 -4.86
C9 EPE R . -3.60 -43.54 -7.59
C10 EPE R . -2.86 -44.90 -7.51
S EPE R . -3.76 -46.15 -8.45
O1S EPE R . -2.98 -47.35 -8.28
O2S EPE R . -3.83 -45.73 -9.86
O3S EPE R . -5.05 -46.21 -7.84
S SO4 S . 26.26 5.84 7.69
O1 SO4 S . 27.25 5.49 8.90
O2 SO4 S . 25.32 4.70 7.63
O3 SO4 S . 25.68 7.00 7.91
O4 SO4 S . 27.20 5.80 6.60
N1 EPE T . 43.74 1.44 5.68
C2 EPE T . 43.14 2.80 5.86
C3 EPE T . 42.56 2.88 7.26
N4 EPE T . 41.48 1.88 7.43
C5 EPE T . 42.07 0.51 7.26
C6 EPE T . 42.67 0.38 5.85
C7 EPE T . 40.88 1.92 8.81
C8 EPE T . 40.21 3.26 9.17
O8 EPE T . 38.81 3.30 8.87
C9 EPE T . 44.29 1.29 4.31
C10 EPE T . 45.81 1.04 4.37
S EPE T . 46.39 0.86 2.69
O1S EPE T . 47.79 0.59 2.82
O2S EPE T . 46.17 2.10 2.00
O3S EPE T . 45.63 -0.22 2.14
S SO4 U . 17.81 16.63 16.28
O1 SO4 U . 18.64 15.54 17.16
O2 SO4 U . 17.62 16.00 15.01
O3 SO4 U . 16.69 16.92 16.87
O4 SO4 U . 18.73 17.71 16.10
N1 EPE V . 3.23 27.36 14.62
C2 EPE V . 4.53 26.76 15.08
C3 EPE V . 4.81 25.54 14.21
N4 EPE V . 3.75 24.51 14.42
C5 EPE V . 2.43 25.07 14.01
C6 EPE V . 2.11 26.34 14.83
C7 EPE V . 3.97 23.29 13.60
C8 EPE V . 5.28 22.56 13.90
O8 EPE V . 6.37 22.93 13.08
C9 EPE V . 2.89 28.59 15.43
C10 EPE V . 2.51 29.77 14.51
S EPE V . 2.09 31.20 15.51
O1S EPE V . 1.74 32.23 14.59
O2S EPE V . 3.28 31.58 16.29
O3S EPE V . 1.00 30.80 16.34
S SO4 W . -17.63 13.41 -0.29
O1 SO4 W . -18.10 12.53 0.99
O2 SO4 W . -17.76 12.51 -1.42
O3 SO4 W . -18.35 14.49 -0.41
O4 SO4 W . -16.23 13.61 0.00
N1 EPE X . -31.85 1.83 2.08
C2 EPE X . -31.32 3.20 1.72
C3 EPE X . -30.51 3.03 0.43
N4 EPE X . -29.34 2.13 0.65
C5 EPE X . -29.80 0.78 1.10
C6 EPE X . -30.68 0.88 2.37
C7 EPE X . -28.52 1.90 -0.58
C8 EPE X . -27.95 3.16 -1.21
O8 EPE X . -26.55 3.26 -1.12
C9 EPE X . -32.69 1.87 3.31
C10 EPE X . -34.06 1.24 2.92
S EPE X . -35.18 1.17 4.31
O1S EPE X . -36.37 0.57 3.81
O2S EPE X . -35.40 2.54 4.78
O3S EPE X . -34.50 0.35 5.28
S SO4 Y . -9.17 20.25 -12.86
O1 SO4 Y . -9.15 18.67 -12.46
O2 SO4 Y . -8.90 20.95 -11.63
O3 SO4 Y . -8.27 20.49 -13.78
O4 SO4 Y . -10.54 20.47 -13.22
S SO4 Z . -12.66 25.93 -27.09
O1 SO4 Z . -13.01 24.78 -26.00
O2 SO4 Z . -11.22 25.90 -27.22
O3 SO4 Z . -13.28 25.69 -28.22
O4 SO4 Z . -13.03 27.14 -26.41
N1 EPE AA . -2.83 37.08 -11.64
C2 EPE AA . -4.13 37.79 -11.24
C3 EPE AA . -3.91 38.44 -9.86
N4 EPE AA . -3.63 37.41 -8.84
C5 EPE AA . -2.38 36.65 -9.20
C6 EPE AA . -2.50 36.01 -10.62
C7 EPE AA . -3.39 37.96 -7.47
C8 EPE AA . -4.55 38.75 -6.91
O8 EPE AA . -4.39 40.15 -7.01
C9 EPE AA . -2.94 36.42 -12.98
C10 EPE AA . -1.96 37.08 -14.00
S EPE AA . -2.12 36.29 -15.62
O1S EPE AA . -1.18 36.94 -16.50
O2S EPE AA . -3.50 36.49 -16.07
O3S EPE AA . -1.79 34.91 -15.40
N1 EPE BA . 7.58 -32.74 20.96
C2 EPE BA . 6.18 -32.16 21.06
C3 EPE BA . 6.08 -31.04 20.02
N4 EPE BA . 7.03 -29.94 20.34
C5 EPE BA . 8.43 -30.47 20.33
C6 EPE BA . 8.59 -31.66 21.31
C7 EPE BA . 7.01 -28.81 19.35
C8 EPE BA . 5.65 -28.10 19.20
O8 EPE BA . 5.51 -26.92 20.01
C9 EPE BA . 7.77 -33.87 21.93
C10 EPE BA . 8.09 -35.16 21.11
S EPE BA . 8.35 -36.57 22.20
O1S EPE BA . 8.65 -37.67 21.33
O2S EPE BA . 7.11 -36.75 22.95
O3S EPE BA . 9.48 -36.23 23.03
S SO4 CA . -23.74 -7.45 9.75
O1 SO4 CA . -22.72 -8.41 10.56
O2 SO4 CA . -24.18 -8.24 8.63
O3 SO4 CA . -24.72 -7.09 10.51
O4 SO4 CA . -22.89 -6.39 9.30
N1 EPE DA . -26.55 2.49 25.88
C2 EPE DA . -25.72 1.43 25.22
C3 EPE DA . -24.68 0.94 26.21
N4 EPE DA . -23.76 2.06 26.59
C5 EPE DA . -24.57 3.12 27.27
C6 EPE DA . -25.67 3.66 26.32
C7 EPE DA . -22.70 1.64 27.56
C8 EPE DA . -21.75 0.57 27.00
O8 EPE DA . -22.11 -0.78 27.28
C9 EPE DA . -27.59 3.02 24.94
C10 EPE DA . -28.98 3.04 25.62
S EPE DA . -30.20 3.66 24.46
O1S EPE DA . -31.43 3.66 25.21
O2S EPE DA . -30.25 2.75 23.32
O3S EPE DA . -29.75 4.99 24.09
#